data_5OMZ
#
_entry.id   5OMZ
#
_entity_poly.entity_id   1
_entity_poly.type   'polypeptide(L)'
_entity_poly.pdbx_seq_one_letter_code
;MDKLRLKGVSYSLCTAAFTFTKIPAETLHGTVTVEVQYAGTDGPCKVPAQMAVDMQTLTPVGRLITANPVITESTENSKM
MLELDPPFGDSYIVIGVGEKKITHHWHRSGSTIGK
;
_entity_poly.pdbx_strand_id   A
#
# COMPACT_ATOMS: atom_id res chain seq x y z
N MET A 1 0.56 -10.25 21.62
CA MET A 1 0.26 -10.38 20.20
C MET A 1 -1.10 -9.75 19.87
N ASP A 2 -1.32 -9.48 18.59
CA ASP A 2 -2.57 -8.87 18.15
C ASP A 2 -2.83 -7.56 18.89
N LYS A 3 -1.82 -6.69 18.91
CA LYS A 3 -1.95 -5.41 19.60
C LYS A 3 -2.79 -4.44 18.77
N LEU A 4 -3.26 -3.38 19.41
CA LEU A 4 -4.07 -2.37 18.74
C LEU A 4 -3.41 -0.99 18.83
N ARG A 5 -3.13 -0.40 17.67
CA ARG A 5 -2.51 0.93 17.63
C ARG A 5 -3.47 1.95 17.03
N LEU A 6 -4.38 2.45 17.86
CA LEU A 6 -5.35 3.43 17.42
C LEU A 6 -5.03 4.82 17.98
N LYS A 7 -4.18 5.55 17.27
CA LYS A 7 -3.78 6.90 17.69
C LYS A 7 -4.80 7.93 17.23
N GLY A 8 -5.04 7.98 15.91
CA GLY A 8 -5.98 8.93 15.37
C GLY A 8 -5.84 9.10 13.87
N VAL A 9 -6.85 9.68 13.24
CA VAL A 9 -6.82 9.91 11.79
C VAL A 9 -7.18 11.36 11.46
N SER A 10 -6.29 12.01 10.71
CA SER A 10 -6.49 13.40 10.32
C SER A 10 -5.38 13.88 9.40
N TYR A 11 -5.74 14.14 8.14
CA TYR A 11 -4.77 14.61 7.16
C TYR A 11 -5.42 15.58 6.17
N SER A 12 -4.60 16.19 5.34
CA SER A 12 -5.07 17.16 4.35
C SER A 12 -5.43 16.47 3.05
N LEU A 13 -5.88 17.25 2.07
CA LEU A 13 -6.25 16.71 0.76
C LEU A 13 -5.17 16.99 -0.28
N CYS A 14 -5.16 16.20 -1.34
CA CYS A 14 -4.17 16.36 -2.40
C CYS A 14 -4.85 16.47 -3.76
N THR A 15 -4.06 16.70 -4.79
CA THR A 15 -4.58 16.84 -6.15
C THR A 15 -3.63 16.22 -7.17
N ALA A 16 -3.73 14.90 -7.34
CA ALA A 16 -2.88 14.19 -8.29
C ALA A 16 -3.43 12.80 -8.58
N ALA A 17 -3.21 12.33 -9.80
CA ALA A 17 -3.68 11.01 -10.22
C ALA A 17 -2.65 9.94 -9.90
N PHE A 18 -3.14 8.74 -9.59
CA PHE A 18 -2.26 7.62 -9.26
C PHE A 18 -2.70 6.35 -9.99
N THR A 19 -1.74 5.45 -10.23
CA THR A 19 -2.03 4.20 -10.91
C THR A 19 -0.95 3.17 -10.64
N PHE A 20 -1.36 1.91 -10.49
CA PHE A 20 -0.42 0.82 -10.22
C PHE A 20 0.43 0.53 -11.46
N THR A 21 1.74 0.38 -11.25
CA THR A 21 2.66 0.09 -12.34
C THR A 21 3.34 -1.25 -12.14
N LYS A 22 3.72 -1.55 -10.90
CA LYS A 22 4.39 -2.81 -10.58
C LYS A 22 3.48 -3.71 -9.76
N ILE A 23 2.92 -4.73 -10.40
CA ILE A 23 2.03 -5.67 -9.73
C ILE A 23 2.70 -6.27 -8.50
N PRO A 24 1.96 -6.29 -7.37
CA PRO A 24 2.46 -6.85 -6.11
C PRO A 24 2.60 -8.37 -6.16
N ALA A 25 3.78 -8.86 -5.79
CA ALA A 25 4.04 -10.29 -5.79
C ALA A 25 4.95 -10.68 -4.62
N GLU A 26 4.49 -11.66 -3.84
CA GLU A 26 5.26 -12.13 -2.69
C GLU A 26 6.42 -13.03 -3.14
N THR A 27 7.48 -13.07 -2.33
CA THR A 27 8.64 -13.89 -2.64
C THR A 27 8.95 -14.86 -1.51
N LEU A 28 10.05 -15.58 -1.64
CA LEU A 28 10.46 -16.54 -0.62
C LEU A 28 10.54 -15.88 0.75
N HIS A 29 10.93 -14.60 0.77
CA HIS A 29 11.04 -13.85 2.02
C HIS A 29 9.67 -13.60 2.63
N GLY A 30 8.65 -13.51 1.76
CA GLY A 30 7.30 -13.26 2.24
C GLY A 30 6.97 -11.78 2.29
N THR A 31 7.53 -11.01 1.37
CA THR A 31 7.28 -9.57 1.32
C THR A 31 6.85 -9.14 -0.07
N VAL A 32 5.96 -8.16 -0.12
CA VAL A 32 5.45 -7.64 -1.39
C VAL A 32 5.80 -6.17 -1.56
N THR A 33 6.02 -5.77 -2.81
CA THR A 33 6.36 -4.38 -3.12
C THR A 33 5.26 -3.72 -3.95
N VAL A 34 5.02 -2.43 -3.69
CA VAL A 34 4.01 -1.68 -4.43
C VAL A 34 4.60 -0.43 -5.05
N GLU A 35 4.37 -0.25 -6.35
CA GLU A 35 4.88 0.91 -7.06
C GLU A 35 3.80 1.53 -7.95
N VAL A 36 3.68 2.85 -7.89
CA VAL A 36 2.69 3.56 -8.69
C VAL A 36 3.26 4.82 -9.30
N GLN A 37 2.44 5.55 -10.04
CA GLN A 37 2.88 6.78 -10.69
C GLN A 37 2.47 8.00 -9.87
N TYR A 38 3.45 8.61 -9.19
CA TYR A 38 3.18 9.78 -8.37
C TYR A 38 3.31 11.06 -9.18
N ALA A 39 2.21 11.81 -9.29
CA ALA A 39 2.20 13.05 -10.04
C ALA A 39 1.91 14.24 -9.13
N GLY A 40 2.03 15.45 -9.68
CA GLY A 40 1.76 16.64 -8.90
C GLY A 40 3.00 17.16 -8.19
N THR A 41 2.92 17.29 -6.87
CA THR A 41 4.04 17.79 -6.08
C THR A 41 5.31 16.99 -6.39
N ASP A 42 5.16 15.70 -6.64
CA ASP A 42 6.29 14.84 -6.95
C ASP A 42 7.24 14.75 -5.77
N GLY A 43 6.68 14.77 -4.56
CA GLY A 43 7.49 14.68 -3.36
C GLY A 43 8.61 15.71 -3.35
N PRO A 44 9.55 15.55 -2.40
CA PRO A 44 9.52 14.46 -1.42
C PRO A 44 8.37 14.61 -0.42
N CYS A 45 7.44 13.68 -0.45
CA CYS A 45 6.30 13.71 0.47
C CYS A 45 5.74 12.31 0.69
N LYS A 46 4.88 12.17 1.69
CA LYS A 46 4.27 10.88 2.01
C LYS A 46 3.08 10.61 1.10
N VAL A 47 3.03 9.42 0.53
CA VAL A 47 1.93 9.03 -0.36
C VAL A 47 0.98 8.06 0.34
N PRO A 48 -0.28 8.05 -0.12
CA PRO A 48 -1.32 7.18 0.43
C PRO A 48 -1.07 5.71 0.12
N ALA A 49 -1.18 4.86 1.13
CA ALA A 49 -0.98 3.43 0.96
C ALA A 49 -1.66 2.63 2.07
N GLN A 50 -2.58 1.75 1.67
CA GLN A 50 -3.30 0.93 2.63
C GLN A 50 -3.82 -0.34 1.97
N MET A 51 -4.18 -1.32 2.80
CA MET A 51 -4.69 -2.60 2.30
C MET A 51 -5.53 -3.30 3.35
N ALA A 52 -6.61 -3.94 2.90
CA ALA A 52 -7.50 -4.65 3.82
C ALA A 52 -8.25 -5.76 3.09
N VAL A 53 -8.86 -6.66 3.86
CA VAL A 53 -9.61 -7.77 3.30
C VAL A 53 -10.93 -7.30 2.71
N ASP A 54 -11.54 -6.31 3.36
CA ASP A 54 -12.81 -5.76 2.90
C ASP A 54 -12.65 -4.30 2.49
N MET A 55 -13.66 -3.77 1.80
CA MET A 55 -13.64 -2.39 1.35
C MET A 55 -14.57 -1.52 2.19
N GLN A 56 -15.69 -2.09 2.59
CA GLN A 56 -16.67 -1.37 3.41
C GLN A 56 -16.01 -0.74 4.63
N THR A 57 -15.24 -1.55 5.36
CA THR A 57 -14.55 -1.07 6.55
C THR A 57 -13.11 -0.69 6.23
N LEU A 58 -12.45 -1.49 5.41
CA LEU A 58 -11.06 -1.23 5.02
C LEU A 58 -10.18 -1.06 6.25
N THR A 59 -10.45 -1.86 7.29
CA THR A 59 -9.68 -1.79 8.51
C THR A 59 -8.19 -1.88 8.24
N PRO A 60 -7.39 -1.17 9.05
CA PRO A 60 -5.94 -1.16 8.91
C PRO A 60 -5.29 -2.49 9.28
N VAL A 61 -4.59 -3.10 8.34
CA VAL A 61 -3.93 -4.38 8.57
C VAL A 61 -2.56 -4.42 7.90
N GLY A 62 -1.77 -5.44 8.25
CA GLY A 62 -0.45 -5.58 7.67
C GLY A 62 0.63 -5.02 8.56
N ARG A 63 1.89 -5.26 8.20
CA ARG A 63 3.02 -4.77 8.98
C ARG A 63 3.66 -3.56 8.31
N LEU A 64 4.48 -2.84 9.06
CA LEU A 64 5.17 -1.66 8.54
C LEU A 64 6.65 -1.95 8.30
N ILE A 65 7.03 -2.04 7.03
CA ILE A 65 8.42 -2.31 6.67
C ILE A 65 9.14 -1.01 6.30
N THR A 66 8.50 -0.18 5.50
CA THR A 66 9.08 1.08 5.08
C THR A 66 9.08 2.10 6.21
N ALA A 67 10.05 3.01 6.18
CA ALA A 67 10.16 4.04 7.22
C ALA A 67 9.42 5.31 6.80
N ASN A 68 9.80 5.85 5.64
CA ASN A 68 9.18 7.07 5.12
C ASN A 68 9.62 7.34 3.69
N PRO A 69 9.09 6.54 2.75
CA PRO A 69 9.41 6.67 1.32
C PRO A 69 8.83 7.95 0.72
N VAL A 70 9.69 8.74 0.07
CA VAL A 70 9.25 9.97 -0.56
C VAL A 70 9.91 10.15 -1.92
N ILE A 71 9.29 10.98 -2.76
CA ILE A 71 9.82 11.24 -4.10
C ILE A 71 10.86 12.35 -4.06
N THR A 72 12.13 11.98 -4.19
CA THR A 72 13.22 12.95 -4.19
C THR A 72 13.44 13.53 -5.58
N GLU A 73 13.26 12.71 -6.60
CA GLU A 73 13.45 13.15 -7.98
C GLU A 73 12.64 14.42 -8.25
N SER A 74 13.12 15.23 -9.19
CA SER A 74 12.46 16.47 -9.54
C SER A 74 11.62 16.30 -10.81
N THR A 75 12.13 15.49 -11.74
CA THR A 75 11.42 15.24 -12.99
C THR A 75 10.00 14.76 -12.74
N GLU A 76 9.21 14.66 -13.81
CA GLU A 76 7.83 14.21 -13.71
C GLU A 76 7.73 12.69 -13.87
N ASN A 77 6.53 12.16 -13.70
CA ASN A 77 6.30 10.73 -13.84
C ASN A 77 7.28 9.93 -12.98
N SER A 78 7.60 10.46 -11.82
CA SER A 78 8.53 9.81 -10.90
C SER A 78 7.80 8.82 -10.01
N LYS A 79 8.34 7.61 -9.90
CA LYS A 79 7.74 6.57 -9.08
C LYS A 79 8.74 6.04 -8.06
N MET A 80 8.25 5.33 -7.04
CA MET A 80 9.09 4.77 -6.01
C MET A 80 8.56 3.42 -5.55
N MET A 81 9.46 2.57 -5.06
CA MET A 81 9.07 1.25 -4.58
C MET A 81 8.89 1.25 -3.07
N LEU A 82 8.05 0.35 -2.56
CA LEU A 82 7.79 0.25 -1.14
C LEU A 82 7.87 -1.20 -0.67
N GLU A 83 7.89 -1.38 0.65
CA GLU A 83 7.97 -2.72 1.23
C GLU A 83 6.73 -3.01 2.08
N LEU A 84 6.05 -4.11 1.77
CA LEU A 84 4.85 -4.51 2.51
C LEU A 84 4.93 -5.97 2.92
N ASP A 85 4.38 -6.28 4.09
CA ASP A 85 4.38 -7.65 4.60
C ASP A 85 3.06 -7.96 5.30
N PRO A 86 1.99 -8.12 4.50
CA PRO A 86 0.66 -8.43 5.02
C PRO A 86 0.56 -9.84 5.59
N PRO A 87 -0.53 -10.12 6.31
CA PRO A 87 -0.76 -11.43 6.91
C PRO A 87 -1.05 -12.51 5.87
N PHE A 88 -1.30 -13.74 6.34
CA PHE A 88 -1.59 -14.85 5.45
C PHE A 88 -3.06 -14.88 5.07
N GLY A 89 -3.39 -14.29 3.92
CA GLY A 89 -4.76 -14.25 3.46
C GLY A 89 -4.92 -13.50 2.16
N ASP A 90 -5.94 -12.65 2.09
CA ASP A 90 -6.20 -11.86 0.89
C ASP A 90 -6.51 -10.41 1.26
N SER A 91 -5.83 -9.49 0.59
CA SER A 91 -6.02 -8.06 0.84
C SER A 91 -6.25 -7.30 -0.46
N TYR A 92 -6.40 -5.99 -0.35
CA TYR A 92 -6.63 -5.15 -1.53
C TYR A 92 -5.83 -3.85 -1.42
N ILE A 93 -4.62 -3.87 -1.97
CA ILE A 93 -3.76 -2.70 -1.94
C ILE A 93 -4.39 -1.52 -2.68
N VAL A 94 -4.53 -0.40 -1.99
CA VAL A 94 -5.12 0.80 -2.58
C VAL A 94 -4.18 2.00 -2.47
N ILE A 95 -4.22 2.86 -3.47
CA ILE A 95 -3.38 4.05 -3.48
C ILE A 95 -4.18 5.29 -3.85
N GLY A 96 -4.08 6.32 -3.03
CA GLY A 96 -4.79 7.57 -3.28
C GLY A 96 -6.30 7.38 -3.22
N VAL A 97 -7.01 8.46 -2.91
CA VAL A 97 -8.47 8.41 -2.82
C VAL A 97 -9.11 9.36 -3.83
N GLY A 98 -10.30 8.99 -4.30
CA GLY A 98 -10.99 9.81 -5.27
C GLY A 98 -11.89 9.00 -6.18
N GLU A 99 -12.18 9.55 -7.35
CA GLU A 99 -13.04 8.86 -8.32
C GLU A 99 -12.23 7.87 -9.16
N LYS A 100 -10.98 8.23 -9.44
CA LYS A 100 -10.09 7.38 -10.24
C LYS A 100 -9.24 6.51 -9.34
N LYS A 101 -9.81 6.09 -8.20
CA LYS A 101 -9.09 5.24 -7.26
C LYS A 101 -8.54 4.00 -7.96
N ILE A 102 -7.57 3.34 -7.31
CA ILE A 102 -6.96 2.14 -7.87
C ILE A 102 -6.81 1.06 -6.80
N THR A 103 -7.08 -0.19 -7.18
CA THR A 103 -6.97 -1.30 -6.26
C THR A 103 -6.47 -2.56 -6.97
N HIS A 104 -6.05 -3.55 -6.19
CA HIS A 104 -5.54 -4.80 -6.76
C HIS A 104 -6.22 -6.00 -6.10
N HIS A 105 -5.95 -7.19 -6.62
CA HIS A 105 -6.53 -8.41 -6.08
C HIS A 105 -5.44 -9.33 -5.52
N TRP A 106 -5.10 -9.12 -4.25
CA TRP A 106 -4.07 -9.93 -3.60
C TRP A 106 -4.71 -11.05 -2.78
N HIS A 107 -4.59 -12.28 -3.28
CA HIS A 107 -5.15 -13.43 -2.58
C HIS A 107 -4.08 -14.49 -2.36
N ARG A 108 -4.17 -15.19 -1.22
CA ARG A 108 -3.21 -16.23 -0.89
C ARG A 108 -3.91 -17.55 -0.58
N SER A 109 -3.46 -18.62 -1.20
CA SER A 109 -4.05 -19.94 -1.01
C SER A 109 -2.97 -20.97 -0.66
N GLY A 110 -3.07 -21.53 0.53
CA GLY A 110 -2.10 -22.53 0.97
C GLY A 110 -1.99 -22.61 2.48
N SER A 111 -3.05 -23.08 3.12
CA SER A 111 -3.06 -23.19 4.58
C SER A 111 -3.80 -24.46 5.01
N THR A 112 -3.84 -24.70 6.32
CA THR A 112 -4.50 -25.87 6.86
C THR A 112 -5.55 -25.48 7.90
N ILE A 113 -5.19 -24.55 8.78
CA ILE A 113 -6.10 -24.09 9.82
C ILE A 113 -7.12 -23.11 9.25
N GLY A 114 -8.39 -23.51 9.26
CA GLY A 114 -9.44 -22.66 8.74
C GLY A 114 -9.83 -21.57 9.72
N LYS A 115 -8.88 -20.67 10.00
CA LYS A 115 -9.13 -19.57 10.93
C LYS A 115 -9.56 -20.10 12.30
N MET A 1 20.72 26.67 25.97
CA MET A 1 20.95 28.10 25.72
C MET A 1 20.30 28.53 24.41
N ASP A 2 19.78 29.76 24.40
CA ASP A 2 19.12 30.29 23.21
C ASP A 2 17.94 29.42 22.81
N LYS A 3 17.13 29.02 23.79
CA LYS A 3 15.97 28.18 23.52
C LYS A 3 15.05 28.83 22.49
N LEU A 4 14.36 28.00 21.72
CA LEU A 4 13.44 28.48 20.69
C LEU A 4 12.34 27.47 20.41
N ARG A 5 11.14 27.96 20.15
CA ARG A 5 10.00 27.09 19.87
C ARG A 5 9.28 27.54 18.61
N LEU A 6 8.65 26.59 17.92
CA LEU A 6 7.92 26.88 16.69
C LEU A 6 6.43 26.59 16.86
N LYS A 7 5.61 27.61 16.70
CA LYS A 7 4.17 27.45 16.82
C LYS A 7 3.44 28.11 15.64
N GLY A 8 2.23 27.63 15.36
CA GLY A 8 1.45 28.17 14.26
C GLY A 8 1.49 27.29 13.03
N VAL A 9 0.50 26.42 12.91
CA VAL A 9 0.42 25.51 11.76
C VAL A 9 -0.92 25.63 11.06
N SER A 10 -0.94 25.29 9.77
CA SER A 10 -2.16 25.36 8.99
C SER A 10 -2.38 24.06 8.21
N TYR A 11 -3.27 23.22 8.73
CA TYR A 11 -3.57 21.95 8.08
C TYR A 11 -4.81 22.06 7.20
N SER A 12 -4.97 21.11 6.29
CA SER A 12 -6.10 21.10 5.38
C SER A 12 -6.23 19.75 4.67
N LEU A 13 -7.30 19.59 3.90
CA LEU A 13 -7.54 18.35 3.17
C LEU A 13 -6.58 18.22 1.99
N CYS A 14 -6.27 16.98 1.63
CA CYS A 14 -5.36 16.72 0.51
C CYS A 14 -5.95 15.67 -0.43
N THR A 15 -5.36 15.55 -1.62
CA THR A 15 -5.83 14.59 -2.60
C THR A 15 -4.66 13.97 -3.37
N ALA A 16 -4.03 12.98 -2.76
CA ALA A 16 -2.89 12.30 -3.38
C ALA A 16 -3.36 11.18 -4.30
N ALA A 17 -2.74 11.08 -5.47
CA ALA A 17 -3.11 10.05 -6.44
C ALA A 17 -2.17 8.85 -6.33
N PHE A 18 -2.74 7.65 -6.39
CA PHE A 18 -1.96 6.42 -6.30
C PHE A 18 -2.17 5.54 -7.52
N THR A 19 -1.11 4.88 -7.96
CA THR A 19 -1.19 4.01 -9.12
C THR A 19 -0.24 2.82 -8.99
N PHE A 20 -0.52 1.76 -9.72
CA PHE A 20 0.31 0.55 -9.68
C PHE A 20 1.52 0.69 -10.59
N THR A 21 2.70 0.41 -10.04
CA THR A 21 3.94 0.51 -10.79
C THR A 21 4.65 -0.83 -10.88
N LYS A 22 4.56 -1.61 -9.79
CA LYS A 22 5.18 -2.92 -9.74
C LYS A 22 4.13 -4.03 -9.68
N ILE A 23 3.92 -4.70 -10.81
CA ILE A 23 2.94 -5.78 -10.88
C ILE A 23 3.24 -6.86 -9.86
N PRO A 24 2.19 -7.29 -9.14
CA PRO A 24 2.32 -8.33 -8.10
C PRO A 24 2.60 -9.70 -8.71
N ALA A 25 3.40 -10.49 -8.00
CA ALA A 25 3.74 -11.83 -8.47
C ALA A 25 4.33 -12.67 -7.33
N GLU A 26 3.80 -13.88 -7.16
CA GLU A 26 4.27 -14.77 -6.11
C GLU A 26 5.61 -15.40 -6.48
N THR A 27 6.44 -15.65 -5.48
CA THR A 27 7.76 -16.24 -5.71
C THR A 27 7.88 -17.59 -5.00
N LEU A 28 9.07 -18.16 -5.03
CA LEU A 28 9.33 -19.44 -4.40
C LEU A 28 8.91 -19.41 -2.93
N HIS A 29 9.06 -18.26 -2.30
CA HIS A 29 8.69 -18.10 -0.89
C HIS A 29 7.18 -18.16 -0.72
N GLY A 30 6.45 -17.75 -1.75
CA GLY A 30 5.00 -17.77 -1.69
C GLY A 30 4.43 -16.46 -1.17
N THR A 31 5.09 -15.35 -1.50
CA THR A 31 4.65 -14.04 -1.06
C THR A 31 4.61 -13.05 -2.24
N VAL A 32 3.64 -12.15 -2.21
CA VAL A 32 3.49 -11.15 -3.27
C VAL A 32 3.71 -9.74 -2.73
N THR A 33 4.44 -8.93 -3.50
CA THR A 33 4.72 -7.57 -3.10
C THR A 33 3.91 -6.57 -3.94
N VAL A 34 3.51 -5.47 -3.30
CA VAL A 34 2.73 -4.44 -3.99
C VAL A 34 3.33 -3.06 -3.75
N GLU A 35 3.66 -2.37 -4.84
CA GLU A 35 4.24 -1.03 -4.74
C GLU A 35 3.50 -0.06 -5.66
N VAL A 36 3.17 1.12 -5.12
CA VAL A 36 2.46 2.13 -5.88
C VAL A 36 3.16 3.48 -5.77
N GLN A 37 2.59 4.50 -6.43
CA GLN A 37 3.15 5.84 -6.40
C GLN A 37 2.44 6.71 -5.37
N TYR A 38 3.22 7.44 -4.58
CA TYR A 38 2.66 8.31 -3.56
C TYR A 38 3.01 9.77 -3.83
N ALA A 39 2.05 10.50 -4.40
CA ALA A 39 2.26 11.91 -4.71
C ALA A 39 1.73 12.81 -3.60
N GLY A 40 1.98 12.42 -2.36
CA GLY A 40 1.52 13.20 -1.22
C GLY A 40 2.54 13.28 -0.12
N THR A 41 2.48 14.35 0.67
CA THR A 41 3.42 14.54 1.77
C THR A 41 2.70 14.57 3.12
N ASP A 42 1.78 13.64 3.29
CA ASP A 42 1.01 13.56 4.54
C ASP A 42 1.64 12.54 5.49
N GLY A 43 2.97 12.47 5.48
CA GLY A 43 3.66 11.54 6.36
C GLY A 43 4.46 12.24 7.43
N PRO A 44 5.29 11.47 8.16
CA PRO A 44 5.43 10.03 7.94
C PRO A 44 4.18 9.26 8.36
N CYS A 45 3.57 8.56 7.41
CA CYS A 45 2.37 7.79 7.69
C CYS A 45 2.23 6.64 6.70
N LYS A 46 1.63 5.53 7.16
CA LYS A 46 1.44 4.36 6.31
C LYS A 46 0.30 4.59 5.32
N VAL A 47 0.48 4.09 4.10
CA VAL A 47 -0.55 4.24 3.06
C VAL A 47 -1.56 3.10 3.12
N PRO A 48 -2.78 3.37 2.65
CA PRO A 48 -3.85 2.38 2.63
C PRO A 48 -3.61 1.27 1.62
N ALA A 49 -3.73 0.02 2.06
CA ALA A 49 -3.52 -1.13 1.21
C ALA A 49 -4.24 -2.37 1.74
N GLN A 50 -5.01 -3.02 0.89
CA GLN A 50 -5.74 -4.22 1.28
C GLN A 50 -6.45 -4.84 0.08
N MET A 51 -6.81 -6.12 0.22
CA MET A 51 -7.49 -6.83 -0.85
C MET A 51 -9.00 -6.91 -0.58
N ALA A 52 -9.76 -7.22 -1.63
CA ALA A 52 -11.21 -7.33 -1.50
C ALA A 52 -11.85 -7.77 -2.81
N VAL A 53 -12.56 -8.89 -2.78
CA VAL A 53 -13.21 -9.42 -3.96
C VAL A 53 -14.30 -8.48 -4.45
N ASP A 54 -15.00 -7.85 -3.51
CA ASP A 54 -16.08 -6.92 -3.84
C ASP A 54 -15.86 -5.57 -3.18
N MET A 55 -16.55 -4.55 -3.67
CA MET A 55 -16.43 -3.21 -3.13
C MET A 55 -17.63 -2.86 -2.24
N GLN A 56 -18.35 -3.90 -1.81
CA GLN A 56 -19.52 -3.70 -0.96
C GLN A 56 -19.12 -3.66 0.51
N THR A 57 -18.39 -4.68 0.95
CA THR A 57 -17.95 -4.77 2.34
C THR A 57 -16.45 -4.53 2.45
N LEU A 58 -15.70 -4.98 1.45
CA LEU A 58 -14.25 -4.81 1.43
C LEU A 58 -13.62 -5.37 2.70
N THR A 59 -13.68 -6.69 2.86
CA THR A 59 -13.11 -7.35 4.03
C THR A 59 -11.60 -7.49 3.90
N PRO A 60 -10.91 -7.53 5.05
CA PRO A 60 -9.45 -7.67 5.09
C PRO A 60 -8.99 -9.06 4.66
N VAL A 61 -8.80 -9.24 3.35
CA VAL A 61 -8.35 -10.52 2.81
C VAL A 61 -6.93 -10.85 3.26
N GLY A 62 -6.68 -12.12 3.54
CA GLY A 62 -5.36 -12.54 3.97
C GLY A 62 -4.95 -11.90 5.28
N ARG A 63 -3.65 -11.75 5.48
CA ARG A 63 -3.12 -11.15 6.70
C ARG A 63 -1.89 -10.29 6.40
N LEU A 64 -1.73 -9.21 7.16
CA LEU A 64 -0.60 -8.31 6.97
C LEU A 64 0.72 -9.03 7.25
N ILE A 65 1.75 -8.66 6.49
CA ILE A 65 3.07 -9.27 6.66
C ILE A 65 4.09 -8.26 7.17
N THR A 66 3.98 -7.03 6.66
CA THR A 66 4.89 -5.96 7.06
C THR A 66 4.61 -5.51 8.49
N ALA A 67 5.38 -4.51 8.94
CA ALA A 67 5.21 -3.99 10.29
C ALA A 67 4.45 -2.66 10.27
N ASN A 68 4.99 -1.68 9.54
CA ASN A 68 4.36 -0.37 9.44
C ASN A 68 5.13 0.52 8.47
N PRO A 69 5.01 0.22 7.17
CA PRO A 69 5.68 0.98 6.12
C PRO A 69 5.09 2.38 5.94
N VAL A 70 5.97 3.37 5.80
CA VAL A 70 5.53 4.75 5.63
C VAL A 70 6.45 5.50 4.69
N ILE A 71 5.99 6.65 4.18
CA ILE A 71 6.77 7.45 3.27
C ILE A 71 7.48 8.58 4.02
N THR A 72 8.81 8.47 4.14
CA THR A 72 9.60 9.49 4.82
C THR A 72 10.36 10.36 3.82
N GLU A 73 10.80 9.74 2.74
CA GLU A 73 11.54 10.47 1.70
C GLU A 73 10.78 11.71 1.26
N SER A 74 11.49 12.83 1.14
CA SER A 74 10.88 14.08 0.72
C SER A 74 10.68 14.12 -0.80
N THR A 75 11.64 13.54 -1.52
CA THR A 75 11.57 13.50 -2.97
C THR A 75 10.24 12.94 -3.45
N GLU A 76 9.59 13.67 -4.35
CA GLU A 76 8.30 13.24 -4.89
C GLU A 76 8.42 11.89 -5.59
N ASN A 77 7.31 11.39 -6.11
CA ASN A 77 7.29 10.11 -6.80
C ASN A 77 7.92 9.02 -5.94
N SER A 78 7.67 9.08 -4.64
CA SER A 78 8.22 8.10 -3.71
C SER A 78 7.56 6.74 -3.90
N LYS A 79 8.31 5.68 -3.61
CA LYS A 79 7.78 4.32 -3.74
C LYS A 79 8.11 3.50 -2.50
N MET A 80 7.31 2.47 -2.25
CA MET A 80 7.52 1.60 -1.10
C MET A 80 7.13 0.16 -1.43
N MET A 81 7.96 -0.78 -1.00
CA MET A 81 7.70 -2.19 -1.25
C MET A 81 7.10 -2.87 -0.02
N LEU A 82 5.92 -3.45 -0.20
CA LEU A 82 5.23 -4.13 0.89
C LEU A 82 5.17 -5.64 0.66
N GLU A 83 4.79 -6.37 1.69
CA GLU A 83 4.69 -7.83 1.60
C GLU A 83 3.28 -8.30 1.92
N LEU A 84 2.72 -9.12 1.03
CA LEU A 84 1.37 -9.65 1.22
C LEU A 84 1.35 -11.17 1.06
N ASP A 85 0.51 -11.82 1.85
CA ASP A 85 0.40 -13.27 1.80
C ASP A 85 -1.06 -13.71 1.90
N PRO A 86 -1.84 -13.44 0.85
CA PRO A 86 -3.25 -13.79 0.79
C PRO A 86 -3.48 -15.30 0.69
N PRO A 87 -4.74 -15.73 0.90
CA PRO A 87 -5.11 -17.14 0.84
C PRO A 87 -5.04 -17.70 -0.58
N PHE A 88 -5.52 -18.93 -0.74
CA PHE A 88 -5.51 -19.58 -2.05
C PHE A 88 -6.70 -19.14 -2.89
N GLY A 89 -6.44 -18.77 -4.14
CA GLY A 89 -7.51 -18.33 -5.02
C GLY A 89 -7.15 -17.06 -5.77
N ASP A 90 -8.11 -16.15 -5.87
CA ASP A 90 -7.89 -14.89 -6.58
C ASP A 90 -8.48 -13.72 -5.79
N SER A 91 -8.06 -12.51 -6.15
CA SER A 91 -8.54 -11.31 -5.47
C SER A 91 -8.25 -10.06 -6.30
N TYR A 92 -8.65 -8.91 -5.78
CA TYR A 92 -8.43 -7.64 -6.47
C TYR A 92 -7.71 -6.64 -5.57
N ILE A 93 -6.42 -6.43 -5.85
CA ILE A 93 -5.62 -5.50 -5.08
C ILE A 93 -6.09 -4.06 -5.28
N VAL A 94 -6.30 -3.35 -4.17
CA VAL A 94 -6.75 -1.96 -4.22
C VAL A 94 -5.90 -1.08 -3.32
N ILE A 95 -5.65 0.14 -3.78
CA ILE A 95 -4.85 1.08 -3.00
C ILE A 95 -5.65 2.34 -2.68
N GLY A 96 -5.86 2.58 -1.39
CA GLY A 96 -6.61 3.76 -0.96
C GLY A 96 -8.01 3.78 -1.53
N VAL A 97 -8.80 4.77 -1.11
CA VAL A 97 -10.17 4.90 -1.58
C VAL A 97 -10.42 6.28 -2.19
N GLY A 98 -11.18 6.32 -3.27
CA GLY A 98 -11.49 7.58 -3.92
C GLY A 98 -12.18 7.39 -5.25
N GLU A 99 -12.17 8.44 -6.06
CA GLU A 99 -12.80 8.38 -7.38
C GLU A 99 -11.87 7.76 -8.41
N LYS A 100 -10.58 8.06 -8.28
CA LYS A 100 -9.58 7.52 -9.20
C LYS A 100 -8.94 6.26 -8.63
N LYS A 101 -9.72 5.48 -7.92
CA LYS A 101 -9.23 4.23 -7.32
C LYS A 101 -8.58 3.34 -8.37
N ILE A 102 -7.66 2.50 -7.94
CA ILE A 102 -6.96 1.59 -8.84
C ILE A 102 -7.20 0.14 -8.45
N THR A 103 -7.40 -0.71 -9.45
CA THR A 103 -7.63 -2.13 -9.21
C THR A 103 -6.52 -2.98 -9.83
N HIS A 104 -6.47 -4.25 -9.43
CA HIS A 104 -5.45 -5.17 -9.95
C HIS A 104 -5.84 -6.61 -9.66
N HIS A 105 -6.10 -7.38 -10.71
CA HIS A 105 -6.48 -8.78 -10.58
C HIS A 105 -5.27 -9.62 -10.17
N TRP A 106 -5.53 -10.70 -9.44
CA TRP A 106 -4.47 -11.60 -8.99
C TRP A 106 -4.91 -13.06 -9.10
N HIS A 107 -4.32 -13.77 -10.04
CA HIS A 107 -4.65 -15.18 -10.26
C HIS A 107 -3.51 -16.07 -9.77
N ARG A 108 -3.85 -17.06 -8.96
CA ARG A 108 -2.86 -17.99 -8.42
C ARG A 108 -3.22 -19.44 -8.76
N SER A 109 -2.56 -19.98 -9.77
CA SER A 109 -2.82 -21.35 -10.20
C SER A 109 -1.58 -22.22 -10.02
N GLY A 110 -1.80 -23.51 -9.79
CA GLY A 110 -0.69 -24.43 -9.60
C GLY A 110 0.15 -24.08 -8.38
N SER A 111 -0.25 -24.58 -7.22
CA SER A 111 0.47 -24.32 -5.98
C SER A 111 1.82 -25.02 -5.97
N THR A 112 2.57 -24.85 -4.89
CA THR A 112 3.89 -25.46 -4.76
C THR A 112 3.89 -26.51 -3.65
N ILE A 113 3.18 -26.23 -2.56
CA ILE A 113 3.11 -27.15 -1.45
C ILE A 113 1.83 -27.99 -1.50
N GLY A 114 1.98 -29.28 -1.26
CA GLY A 114 0.83 -30.18 -1.29
C GLY A 114 -0.29 -29.70 -0.38
N LYS A 115 -0.04 -29.69 0.92
CA LYS A 115 -1.03 -29.26 1.89
C LYS A 115 -1.02 -27.74 2.04
N MET A 1 -26.65 -5.75 8.94
CA MET A 1 -26.49 -4.39 8.47
C MET A 1 -26.12 -3.46 9.63
N ASP A 2 -25.08 -2.66 9.43
CA ASP A 2 -24.62 -1.72 10.45
C ASP A 2 -23.82 -0.59 9.83
N LYS A 3 -23.48 0.41 10.65
CA LYS A 3 -22.72 1.55 10.18
C LYS A 3 -21.99 2.23 11.33
N LEU A 4 -20.80 2.74 11.06
CA LEU A 4 -20.00 3.42 12.08
C LEU A 4 -19.90 4.91 11.79
N ARG A 5 -19.22 5.63 12.67
CA ARG A 5 -19.05 7.08 12.51
C ARG A 5 -17.80 7.56 13.24
N LEU A 6 -16.99 8.37 12.54
CA LEU A 6 -15.77 8.91 13.13
C LEU A 6 -15.24 10.06 12.29
N LYS A 7 -14.29 10.81 12.86
CA LYS A 7 -13.69 11.95 12.17
C LYS A 7 -12.17 11.84 12.16
N GLY A 8 -11.57 12.06 10.99
CA GLY A 8 -10.14 11.98 10.87
C GLY A 8 -9.44 13.19 11.47
N VAL A 9 -8.21 13.44 11.02
CA VAL A 9 -7.43 14.57 11.52
C VAL A 9 -7.35 15.68 10.47
N SER A 10 -6.68 16.77 10.84
CA SER A 10 -6.54 17.91 9.93
C SER A 10 -5.59 17.57 8.79
N TYR A 11 -6.13 16.96 7.74
CA TYR A 11 -5.34 16.58 6.58
C TYR A 11 -4.56 17.77 6.04
N SER A 12 -3.38 17.51 5.49
CA SER A 12 -2.52 18.55 4.94
C SER A 12 -2.92 18.88 3.51
N LEU A 13 -2.34 19.94 2.96
CA LEU A 13 -2.64 20.36 1.60
C LEU A 13 -1.76 19.62 0.60
N CYS A 14 -2.36 19.18 -0.49
CA CYS A 14 -1.62 18.46 -1.54
C CYS A 14 -2.53 18.15 -2.72
N THR A 15 -1.93 17.89 -3.88
CA THR A 15 -2.67 17.58 -5.09
C THR A 15 -1.99 16.47 -5.88
N ALA A 16 -2.23 15.23 -5.47
CA ALA A 16 -1.64 14.08 -6.15
C ALA A 16 -2.45 12.81 -5.88
N ALA A 17 -2.78 12.08 -6.94
CA ALA A 17 -3.54 10.85 -6.82
C ALA A 17 -2.63 9.62 -6.87
N PHE A 18 -3.09 8.51 -6.31
CA PHE A 18 -2.32 7.28 -6.29
C PHE A 18 -3.12 6.13 -6.92
N THR A 19 -2.40 5.20 -7.53
CA THR A 19 -3.04 4.06 -8.18
C THR A 19 -2.05 2.90 -8.33
N PHE A 20 -2.56 1.68 -8.23
CA PHE A 20 -1.73 0.49 -8.36
C PHE A 20 -1.46 0.17 -9.83
N THR A 21 -0.23 -0.22 -10.13
CA THR A 21 0.16 -0.56 -11.49
C THR A 21 0.63 -2.00 -11.59
N LYS A 22 1.44 -2.43 -10.64
CA LYS A 22 1.96 -3.80 -10.62
C LYS A 22 1.35 -4.58 -9.47
N ILE A 23 0.44 -5.50 -9.79
CA ILE A 23 -0.20 -6.33 -8.78
C ILE A 23 0.83 -7.07 -7.93
N PRO A 24 0.64 -7.02 -6.60
CA PRO A 24 1.53 -7.68 -5.65
C PRO A 24 1.44 -9.19 -5.71
N ALA A 25 2.58 -9.86 -5.83
CA ALA A 25 2.62 -11.31 -5.90
C ALA A 25 3.90 -11.85 -5.26
N GLU A 26 3.72 -12.81 -4.35
CA GLU A 26 4.86 -13.41 -3.65
C GLU A 26 5.58 -14.40 -4.56
N THR A 27 6.87 -14.59 -4.31
CA THR A 27 7.69 -15.51 -5.10
C THR A 27 8.24 -16.64 -4.23
N LEU A 28 9.03 -17.51 -4.84
CA LEU A 28 9.63 -18.63 -4.13
C LEU A 28 10.39 -18.16 -2.90
N HIS A 29 10.96 -16.97 -2.98
CA HIS A 29 11.71 -16.39 -1.87
C HIS A 29 10.78 -16.01 -0.72
N GLY A 30 9.54 -15.67 -1.07
CA GLY A 30 8.57 -15.29 -0.06
C GLY A 30 8.55 -13.80 0.20
N THR A 31 8.41 -13.01 -0.87
CA THR A 31 8.39 -11.57 -0.76
C THR A 31 7.52 -10.94 -1.84
N VAL A 32 6.85 -9.85 -1.50
CA VAL A 32 5.98 -9.15 -2.45
C VAL A 32 6.45 -7.72 -2.66
N THR A 33 6.14 -7.17 -3.83
CA THR A 33 6.52 -5.80 -4.16
C THR A 33 5.31 -4.98 -4.57
N VAL A 34 5.30 -3.71 -4.18
CA VAL A 34 4.20 -2.81 -4.51
C VAL A 34 4.69 -1.58 -5.27
N GLU A 35 4.09 -1.33 -6.43
CA GLU A 35 4.47 -0.18 -7.25
C GLU A 35 3.25 0.63 -7.66
N VAL A 36 3.13 1.84 -7.13
CA VAL A 36 2.01 2.71 -7.44
C VAL A 36 2.45 3.91 -8.28
N GLN A 37 1.49 4.71 -8.70
CA GLN A 37 1.78 5.89 -9.52
C GLN A 37 1.67 7.17 -8.69
N TYR A 38 2.57 8.11 -8.94
CA TYR A 38 2.57 9.38 -8.21
C TYR A 38 2.45 10.56 -9.17
N ALA A 39 1.34 11.27 -9.08
CA ALA A 39 1.09 12.42 -9.93
C ALA A 39 1.46 13.72 -9.22
N GLY A 40 2.54 13.68 -8.45
CA GLY A 40 2.97 14.86 -7.73
C GLY A 40 3.35 16.01 -8.64
N THR A 41 2.98 17.22 -8.26
CA THR A 41 3.30 18.40 -9.07
C THR A 41 4.80 18.55 -9.26
N ASP A 42 5.57 18.22 -8.22
CA ASP A 42 7.02 18.32 -8.28
C ASP A 42 7.65 17.74 -7.02
N GLY A 43 8.28 16.57 -7.16
CA GLY A 43 8.91 15.93 -6.03
C GLY A 43 10.03 16.77 -5.44
N PRO A 44 10.80 16.18 -4.51
CA PRO A 44 10.58 14.80 -4.06
C PRO A 44 9.30 14.64 -3.26
N CYS A 45 8.82 13.40 -3.14
CA CYS A 45 7.61 13.11 -2.40
C CYS A 45 7.77 11.85 -1.56
N LYS A 46 6.95 11.71 -0.53
CA LYS A 46 6.99 10.54 0.35
C LYS A 46 6.15 9.41 -0.22
N VAL A 47 6.59 8.18 0.00
CA VAL A 47 5.87 7.00 -0.48
C VAL A 47 5.22 6.25 0.68
N PRO A 48 3.95 6.58 0.96
CA PRO A 48 3.19 5.95 2.05
C PRO A 48 2.83 4.50 1.72
N ALA A 49 3.07 3.62 2.68
CA ALA A 49 2.76 2.20 2.51
C ALA A 49 2.58 1.51 3.86
N GLN A 50 1.52 0.71 3.97
CA GLN A 50 1.25 -0.02 5.20
C GLN A 50 0.05 -0.95 5.02
N MET A 51 0.03 -2.03 5.78
CA MET A 51 -1.05 -3.01 5.71
C MET A 51 -2.02 -2.83 6.86
N ALA A 52 -3.20 -3.43 6.75
CA ALA A 52 -4.22 -3.34 7.78
C ALA A 52 -5.39 -4.28 7.49
N VAL A 53 -5.47 -5.36 8.26
CA VAL A 53 -6.54 -6.34 8.10
C VAL A 53 -7.91 -5.69 8.26
N ASP A 54 -7.99 -4.73 9.17
CA ASP A 54 -9.25 -4.04 9.43
C ASP A 54 -9.19 -2.61 8.91
N MET A 55 -10.36 -2.01 8.66
CA MET A 55 -10.44 -0.65 8.17
C MET A 55 -10.91 0.30 9.27
N GLN A 56 -11.79 -0.19 10.13
CA GLN A 56 -12.31 0.62 11.23
C GLN A 56 -11.21 0.97 12.22
N THR A 57 -10.27 0.05 12.42
CA THR A 57 -9.17 0.27 13.34
C THR A 57 -7.86 0.48 12.60
N LEU A 58 -7.67 -0.29 11.52
CA LEU A 58 -6.46 -0.20 10.72
C LEU A 58 -5.21 -0.39 11.59
N THR A 59 -5.26 -1.38 12.48
CA THR A 59 -4.14 -1.67 13.36
C THR A 59 -2.85 -1.85 12.57
N PRO A 60 -1.72 -1.55 13.22
CA PRO A 60 -0.39 -1.69 12.59
C PRO A 60 0.01 -3.13 12.36
N VAL A 61 0.37 -3.47 11.13
CA VAL A 61 0.77 -4.82 10.78
C VAL A 61 1.64 -4.83 9.53
N GLY A 62 2.54 -5.80 9.45
CA GLY A 62 3.42 -5.90 8.30
C GLY A 62 4.80 -5.33 8.57
N ARG A 63 5.82 -5.91 7.94
CA ARG A 63 7.19 -5.46 8.12
C ARG A 63 7.74 -4.86 6.83
N LEU A 64 7.88 -3.53 6.79
CA LEU A 64 8.39 -2.85 5.62
C LEU A 64 9.88 -3.16 5.41
N ILE A 65 10.30 -3.17 4.16
CA ILE A 65 11.69 -3.44 3.81
C ILE A 65 12.45 -2.16 3.56
N THR A 66 11.88 -1.28 2.74
CA THR A 66 12.50 0.00 2.41
C THR A 66 12.86 0.78 3.67
N ALA A 67 13.84 1.67 3.56
CA ALA A 67 14.26 2.48 4.68
C ALA A 67 13.70 3.90 4.58
N ASN A 68 14.01 4.57 3.47
CA ASN A 68 13.52 5.94 3.25
C ASN A 68 13.21 6.16 1.78
N PRO A 69 12.10 5.59 1.31
CA PRO A 69 11.66 5.72 -0.08
C PRO A 69 11.19 7.13 -0.41
N VAL A 70 11.77 7.72 -1.44
CA VAL A 70 11.41 9.07 -1.86
C VAL A 70 11.43 9.20 -3.37
N ILE A 71 10.54 10.02 -3.92
CA ILE A 71 10.46 10.23 -5.35
C ILE A 71 11.57 11.17 -5.83
N THR A 72 12.17 10.85 -6.96
CA THR A 72 13.24 11.66 -7.52
C THR A 72 12.86 12.22 -8.89
N GLU A 73 12.14 11.41 -9.67
CA GLU A 73 11.71 11.84 -10.99
C GLU A 73 10.89 13.13 -10.92
N SER A 74 10.78 13.81 -12.05
CA SER A 74 10.03 15.06 -12.12
C SER A 74 8.82 14.93 -13.04
N THR A 75 9.01 14.19 -14.13
CA THR A 75 7.93 13.98 -15.09
C THR A 75 6.76 13.24 -14.47
N GLU A 76 5.54 13.62 -14.87
CA GLU A 76 4.34 12.99 -14.34
C GLU A 76 4.39 11.47 -14.53
N ASN A 77 3.42 10.79 -13.94
CA ASN A 77 3.35 9.33 -14.05
C ASN A 77 4.60 8.68 -13.45
N SER A 78 5.00 9.16 -12.28
CA SER A 78 6.19 8.63 -11.61
C SER A 78 5.85 7.36 -10.84
N LYS A 79 6.47 6.25 -11.24
CA LYS A 79 6.23 4.97 -10.59
C LYS A 79 7.50 4.48 -9.89
N MET A 80 7.33 3.92 -8.68
CA MET A 80 8.46 3.42 -7.92
C MET A 80 8.13 2.07 -7.29
N MET A 81 9.06 1.13 -7.38
CA MET A 81 8.86 -0.20 -6.83
C MET A 81 9.26 -0.23 -5.36
N LEU A 82 8.70 -1.18 -4.61
CA LEU A 82 8.99 -1.32 -3.19
C LEU A 82 8.95 -2.78 -2.77
N GLU A 83 9.46 -3.07 -1.57
CA GLU A 83 9.48 -4.43 -1.05
C GLU A 83 8.70 -4.53 0.25
N LEU A 84 7.88 -5.57 0.37
CA LEU A 84 7.07 -5.78 1.56
C LEU A 84 7.16 -7.22 2.04
N ASP A 85 7.25 -7.41 3.35
CA ASP A 85 7.34 -8.74 3.93
C ASP A 85 6.29 -8.94 5.01
N PRO A 86 5.02 -9.05 4.59
CA PRO A 86 3.89 -9.23 5.51
C PRO A 86 3.89 -10.61 6.15
N PRO A 87 3.05 -10.79 7.18
CA PRO A 87 2.94 -12.06 7.90
C PRO A 87 2.28 -13.14 7.06
N PHE A 88 2.01 -14.29 7.69
CA PHE A 88 1.38 -15.40 7.00
C PHE A 88 -0.13 -15.31 7.08
N GLY A 89 -0.74 -14.73 6.05
CA GLY A 89 -2.18 -14.59 6.02
C GLY A 89 -2.66 -13.60 4.97
N ASP A 90 -3.82 -13.01 5.19
CA ASP A 90 -4.38 -12.05 4.25
C ASP A 90 -4.35 -10.64 4.84
N SER A 91 -4.34 -9.63 3.97
CA SER A 91 -4.32 -8.25 4.40
C SER A 91 -4.71 -7.31 3.25
N TYR A 92 -5.05 -6.08 3.60
CA TYR A 92 -5.45 -5.08 2.61
C TYR A 92 -4.35 -4.05 2.41
N ILE A 93 -3.73 -4.07 1.23
CA ILE A 93 -2.67 -3.12 0.90
C ILE A 93 -3.23 -1.73 0.64
N VAL A 94 -2.95 -0.80 1.54
CA VAL A 94 -3.42 0.57 1.40
C VAL A 94 -2.26 1.53 1.12
N ILE A 95 -2.38 2.29 0.04
CA ILE A 95 -1.35 3.24 -0.34
C ILE A 95 -1.89 4.66 -0.36
N GLY A 96 -1.19 5.57 0.31
CA GLY A 96 -1.63 6.96 0.35
C GLY A 96 -2.94 7.14 1.07
N VAL A 97 -3.15 8.31 1.66
CA VAL A 97 -4.37 8.61 2.39
C VAL A 97 -5.12 9.76 1.75
N GLY A 98 -6.46 9.66 1.73
CA GLY A 98 -7.26 10.71 1.15
C GLY A 98 -8.64 10.22 0.74
N GLU A 99 -9.28 10.94 -0.17
CA GLU A 99 -10.61 10.58 -0.65
C GLU A 99 -10.51 9.53 -1.76
N LYS A 100 -9.48 9.64 -2.59
CA LYS A 100 -9.27 8.72 -3.68
C LYS A 100 -8.33 7.59 -3.29
N LYS A 101 -8.41 7.19 -2.02
CA LYS A 101 -7.57 6.11 -1.51
C LYS A 101 -7.66 4.88 -2.41
N ILE A 102 -6.72 3.95 -2.22
CA ILE A 102 -6.69 2.72 -3.00
C ILE A 102 -6.42 1.51 -2.12
N THR A 103 -7.09 0.40 -2.42
CA THR A 103 -6.92 -0.83 -1.65
C THR A 103 -6.92 -2.05 -2.57
N HIS A 104 -6.26 -3.12 -2.12
CA HIS A 104 -6.20 -4.35 -2.90
C HIS A 104 -6.14 -5.56 -1.98
N HIS A 105 -7.03 -6.52 -2.21
CA HIS A 105 -7.08 -7.73 -1.41
C HIS A 105 -5.83 -8.57 -1.60
N TRP A 106 -5.36 -9.21 -0.53
CA TRP A 106 -4.17 -10.03 -0.59
C TRP A 106 -4.29 -11.23 0.35
N HIS A 107 -3.86 -12.40 -0.13
CA HIS A 107 -3.92 -13.62 0.68
C HIS A 107 -2.66 -14.46 0.47
N ARG A 108 -2.20 -15.09 1.54
CA ARG A 108 -1.01 -15.94 1.48
C ARG A 108 -1.38 -17.40 1.29
N SER A 109 -0.95 -17.98 0.18
CA SER A 109 -1.24 -19.38 -0.12
C SER A 109 -0.46 -19.85 -1.35
N GLY A 110 -0.67 -21.10 -1.72
CA GLY A 110 0.04 -21.65 -2.88
C GLY A 110 1.28 -22.43 -2.49
N SER A 111 1.12 -23.74 -2.33
CA SER A 111 2.24 -24.60 -1.95
C SER A 111 2.14 -25.96 -2.63
N THR A 112 3.25 -26.69 -2.65
CA THR A 112 3.28 -28.01 -3.27
C THR A 112 2.69 -29.07 -2.34
N ILE A 113 3.24 -29.15 -1.13
CA ILE A 113 2.77 -30.13 -0.15
C ILE A 113 1.35 -29.81 0.30
N GLY A 114 0.85 -30.59 1.25
CA GLY A 114 -0.50 -30.37 1.75
C GLY A 114 -1.23 -31.67 2.01
N LYS A 115 -0.55 -32.62 2.65
CA LYS A 115 -1.15 -33.92 2.96
C LYS A 115 -2.09 -33.81 4.15
N MET A 1 -32.12 33.79 28.73
CA MET A 1 -32.62 34.28 27.45
C MET A 1 -31.47 34.75 26.56
N ASP A 2 -30.45 33.91 26.43
CA ASP A 2 -29.29 34.23 25.61
C ASP A 2 -28.83 33.02 24.82
N LYS A 3 -28.18 33.27 23.69
CA LYS A 3 -27.69 32.20 22.83
C LYS A 3 -26.22 32.42 22.48
N LEU A 4 -25.52 31.33 22.16
CA LEU A 4 -24.10 31.41 21.79
C LEU A 4 -23.88 30.89 20.38
N ARG A 5 -22.88 31.44 19.71
CA ARG A 5 -22.55 31.04 18.35
C ARG A 5 -21.04 30.83 18.18
N LEU A 6 -20.66 29.65 17.73
CA LEU A 6 -19.24 29.35 17.53
C LEU A 6 -18.74 29.93 16.22
N LYS A 7 -17.44 30.22 16.17
CA LYS A 7 -16.83 30.79 14.97
C LYS A 7 -16.02 29.74 14.23
N GLY A 8 -15.79 29.98 12.93
CA GLY A 8 -15.02 29.04 12.14
C GLY A 8 -13.52 29.17 12.37
N VAL A 9 -12.74 28.49 11.54
CA VAL A 9 -11.28 28.54 11.66
C VAL A 9 -10.63 28.63 10.29
N SER A 10 -9.55 29.41 10.20
CA SER A 10 -8.83 29.60 8.95
C SER A 10 -7.66 28.62 8.85
N TYR A 11 -7.90 27.38 9.26
CA TYR A 11 -6.86 26.35 9.22
C TYR A 11 -7.46 24.99 8.84
N SER A 12 -6.85 24.34 7.87
CA SER A 12 -7.32 23.04 7.40
C SER A 12 -6.19 22.01 7.44
N LEU A 13 -6.55 20.74 7.29
CA LEU A 13 -5.57 19.65 7.31
C LEU A 13 -5.55 18.92 5.97
N CYS A 14 -4.42 18.30 5.65
CA CYS A 14 -4.27 17.56 4.41
C CYS A 14 -4.54 16.08 4.63
N THR A 15 -4.87 15.37 3.55
CA THR A 15 -5.16 13.95 3.62
C THR A 15 -4.83 13.25 2.30
N ALA A 16 -3.56 12.92 2.11
CA ALA A 16 -3.12 12.25 0.89
C ALA A 16 -3.77 10.88 0.75
N ALA A 17 -3.40 10.15 -0.30
CA ALA A 17 -3.95 8.83 -0.54
C ALA A 17 -3.10 8.06 -1.55
N PHE A 18 -3.10 6.74 -1.43
CA PHE A 18 -2.32 5.89 -2.33
C PHE A 18 -3.24 5.15 -3.31
N THR A 19 -2.65 4.64 -4.38
CA THR A 19 -3.42 3.91 -5.39
C THR A 19 -2.51 2.97 -6.18
N PHE A 20 -3.05 1.79 -6.50
CA PHE A 20 -2.29 0.79 -7.25
C PHE A 20 -2.19 1.17 -8.73
N THR A 21 -1.03 0.93 -9.32
CA THR A 21 -0.81 1.25 -10.73
C THR A 21 -0.49 0.00 -11.53
N LYS A 22 0.35 -0.86 -10.98
CA LYS A 22 0.74 -2.10 -11.65
C LYS A 22 0.19 -3.32 -10.89
N ILE A 23 -0.82 -3.95 -11.46
CA ILE A 23 -1.42 -5.13 -10.84
C ILE A 23 -0.38 -6.20 -10.58
N PRO A 24 -0.41 -6.77 -9.36
CA PRO A 24 0.53 -7.82 -8.95
C PRO A 24 0.28 -9.13 -9.68
N ALA A 25 1.34 -9.86 -9.98
CA ALA A 25 1.24 -11.14 -10.67
C ALA A 25 2.52 -11.95 -10.53
N GLU A 26 2.39 -13.20 -10.09
CA GLU A 26 3.53 -14.07 -9.91
C GLU A 26 4.07 -14.56 -11.26
N THR A 27 5.36 -14.85 -11.31
CA THR A 27 5.98 -15.32 -12.54
C THR A 27 6.66 -16.67 -12.33
N LEU A 28 7.29 -17.19 -13.38
CA LEU A 28 7.98 -18.47 -13.31
C LEU A 28 9.06 -18.45 -12.22
N HIS A 29 9.62 -17.27 -11.96
CA HIS A 29 10.65 -17.12 -10.95
C HIS A 29 10.06 -17.29 -9.55
N GLY A 30 8.78 -16.94 -9.40
CA GLY A 30 8.13 -17.07 -8.11
C GLY A 30 8.23 -15.80 -7.29
N THR A 31 7.89 -14.67 -7.90
CA THR A 31 7.94 -13.38 -7.22
C THR A 31 6.91 -12.42 -7.78
N VAL A 32 6.36 -11.59 -6.91
CA VAL A 32 5.34 -10.61 -7.32
C VAL A 32 5.83 -9.19 -7.08
N THR A 33 5.50 -8.29 -8.00
CA THR A 33 5.90 -6.90 -7.89
C THR A 33 4.71 -6.01 -7.55
N VAL A 34 4.96 -4.95 -6.78
CA VAL A 34 3.91 -4.02 -6.38
C VAL A 34 4.31 -2.58 -6.66
N GLU A 35 3.43 -1.83 -7.31
CA GLU A 35 3.70 -0.44 -7.64
C GLU A 35 2.47 0.43 -7.38
N VAL A 36 2.67 1.54 -6.68
CA VAL A 36 1.58 2.46 -6.36
C VAL A 36 1.95 3.89 -6.72
N GLN A 37 0.97 4.79 -6.64
CA GLN A 37 1.19 6.19 -6.95
C GLN A 37 1.36 7.01 -5.68
N TYR A 38 2.32 7.94 -5.71
CA TYR A 38 2.58 8.79 -4.55
C TYR A 38 2.36 10.26 -4.90
N ALA A 39 1.19 10.76 -4.52
CA ALA A 39 0.84 12.16 -4.79
C ALA A 39 1.11 13.04 -3.57
N GLY A 40 0.33 12.83 -2.51
CA GLY A 40 0.52 13.62 -1.30
C GLY A 40 1.38 12.91 -0.28
N THR A 41 2.36 12.14 -0.76
CA THR A 41 3.27 11.41 0.12
C THR A 41 4.01 12.35 1.06
N ASP A 42 4.36 13.53 0.54
CA ASP A 42 5.07 14.52 1.33
C ASP A 42 6.43 13.99 1.77
N GLY A 43 7.20 13.48 0.81
CA GLY A 43 8.51 12.94 1.11
C GLY A 43 9.56 14.03 1.23
N PRO A 44 10.83 13.62 1.32
CA PRO A 44 11.21 12.20 1.29
C PRO A 44 10.78 11.46 2.55
N CYS A 45 10.12 10.33 2.38
CA CYS A 45 9.66 9.52 3.51
C CYS A 45 9.76 8.04 3.20
N LYS A 46 9.53 7.21 4.21
CA LYS A 46 9.58 5.76 4.05
C LYS A 46 8.32 5.24 3.36
N VAL A 47 8.48 4.22 2.52
CA VAL A 47 7.35 3.64 1.81
C VAL A 47 7.05 2.22 2.33
N PRO A 48 6.14 2.14 3.30
CA PRO A 48 5.74 0.85 3.90
C PRO A 48 4.93 -0.01 2.93
N ALA A 49 5.17 -1.31 2.98
CA ALA A 49 4.46 -2.25 2.11
C ALA A 49 4.47 -3.65 2.69
N GLN A 50 3.28 -4.21 2.89
CA GLN A 50 3.16 -5.55 3.45
C GLN A 50 1.75 -6.11 3.20
N MET A 51 1.57 -7.39 3.51
CA MET A 51 0.28 -8.04 3.33
C MET A 51 -0.07 -8.91 4.53
N ALA A 52 -1.37 -9.07 4.79
CA ALA A 52 -1.82 -9.88 5.90
C ALA A 52 -3.25 -10.35 5.69
N VAL A 53 -3.56 -11.56 6.16
CA VAL A 53 -4.89 -12.13 6.02
C VAL A 53 -5.83 -11.63 7.12
N ASP A 54 -5.28 -11.48 8.32
CA ASP A 54 -6.06 -11.00 9.46
C ASP A 54 -5.97 -9.49 9.59
N MET A 55 -7.04 -8.88 10.10
CA MET A 55 -7.08 -7.43 10.28
C MET A 55 -6.74 -7.05 11.72
N GLN A 56 -7.20 -7.87 12.66
CA GLN A 56 -6.95 -7.61 14.08
C GLN A 56 -5.47 -7.77 14.40
N THR A 57 -4.84 -8.75 13.76
CA THR A 57 -3.43 -9.02 13.99
C THR A 57 -2.56 -8.37 12.92
N LEU A 58 -2.95 -8.57 11.65
CA LEU A 58 -2.21 -8.00 10.54
C LEU A 58 -0.73 -8.37 10.61
N THR A 59 -0.46 -9.61 11.01
CA THR A 59 0.92 -10.09 11.12
C THR A 59 1.67 -9.94 9.81
N PRO A 60 3.00 -9.78 9.91
CA PRO A 60 3.86 -9.61 8.73
C PRO A 60 3.97 -10.90 7.90
N VAL A 61 3.43 -10.85 6.68
CA VAL A 61 3.47 -12.00 5.79
C VAL A 61 4.50 -11.80 4.68
N GLY A 62 5.22 -12.87 4.36
CA GLY A 62 6.23 -12.80 3.32
C GLY A 62 7.52 -12.17 3.81
N ARG A 63 8.60 -12.37 3.05
CA ARG A 63 9.89 -11.82 3.41
C ARG A 63 10.17 -10.53 2.64
N LEU A 64 11.36 -9.97 2.84
CA LEU A 64 11.75 -8.75 2.16
C LEU A 64 12.90 -9.00 1.18
N ILE A 65 12.65 -8.73 -0.10
CA ILE A 65 13.66 -8.93 -1.13
C ILE A 65 14.41 -7.63 -1.41
N THR A 66 13.68 -6.53 -1.47
CA THR A 66 14.27 -5.23 -1.74
C THR A 66 15.13 -4.76 -0.56
N ALA A 67 15.81 -3.64 -0.74
CA ALA A 67 16.66 -3.09 0.31
C ALA A 67 15.95 -1.98 1.08
N ASN A 68 15.51 -0.96 0.36
CA ASN A 68 14.80 0.16 0.98
C ASN A 68 14.38 1.18 -0.07
N PRO A 69 13.38 0.82 -0.88
CA PRO A 69 12.85 1.69 -1.93
C PRO A 69 12.10 2.89 -1.37
N VAL A 70 12.44 4.08 -1.87
CA VAL A 70 11.79 5.31 -1.42
C VAL A 70 11.61 6.29 -2.57
N ILE A 71 10.64 7.19 -2.43
CA ILE A 71 10.36 8.19 -3.46
C ILE A 71 11.19 9.44 -3.25
N THR A 72 12.02 9.78 -4.24
CA THR A 72 12.87 10.95 -4.15
C THR A 72 12.45 12.01 -5.18
N GLU A 73 12.01 11.55 -6.34
CA GLU A 73 11.58 12.45 -7.41
C GLU A 73 10.45 13.36 -6.92
N SER A 74 10.51 14.63 -7.32
CA SER A 74 9.50 15.60 -6.92
C SER A 74 8.38 15.66 -7.95
N THR A 75 8.73 15.52 -9.22
CA THR A 75 7.75 15.56 -10.30
C THR A 75 6.61 14.59 -10.04
N GLU A 76 5.39 15.03 -10.31
CA GLU A 76 4.21 14.20 -10.11
C GLU A 76 4.30 12.92 -10.94
N ASN A 77 3.29 12.06 -10.80
CA ASN A 77 3.25 10.80 -11.54
C ASN A 77 4.50 9.98 -11.25
N SER A 78 4.96 10.01 -10.00
CA SER A 78 6.14 9.26 -9.60
C SER A 78 5.75 7.99 -8.85
N LYS A 79 6.42 6.89 -9.19
CA LYS A 79 6.14 5.60 -8.55
C LYS A 79 7.41 4.75 -8.47
N MET A 80 7.36 3.69 -7.67
CA MET A 80 8.50 2.81 -7.51
C MET A 80 8.04 1.35 -7.42
N MET A 81 8.83 0.45 -8.01
CA MET A 81 8.51 -0.97 -7.99
C MET A 81 9.20 -1.67 -6.82
N LEU A 82 8.62 -2.77 -6.38
CA LEU A 82 9.17 -3.54 -5.27
C LEU A 82 9.09 -5.04 -5.54
N GLU A 83 9.80 -5.82 -4.74
CA GLU A 83 9.80 -7.28 -4.89
C GLU A 83 9.25 -7.96 -3.64
N LEU A 84 8.36 -8.92 -3.84
CA LEU A 84 7.76 -9.65 -2.74
C LEU A 84 7.66 -11.14 -3.06
N ASP A 85 7.85 -11.97 -2.04
CA ASP A 85 7.78 -13.42 -2.20
C ASP A 85 7.12 -14.07 -1.00
N PRO A 86 5.80 -13.83 -0.84
CA PRO A 86 5.03 -14.39 0.26
C PRO A 86 4.84 -15.90 0.14
N PRO A 87 4.36 -16.54 1.23
CA PRO A 87 4.13 -17.98 1.26
C PRO A 87 2.96 -18.40 0.39
N PHE A 88 2.60 -19.67 0.45
CA PHE A 88 1.49 -20.21 -0.34
C PHE A 88 0.15 -19.79 0.28
N GLY A 89 -0.86 -19.67 -0.57
CA GLY A 89 -2.19 -19.29 -0.11
C GLY A 89 -2.56 -17.88 -0.50
N ASP A 90 -3.85 -17.60 -0.55
CA ASP A 90 -4.34 -16.28 -0.91
C ASP A 90 -4.13 -15.28 0.22
N SER A 91 -3.81 -14.04 -0.14
CA SER A 91 -3.57 -13.00 0.86
C SER A 91 -4.13 -11.66 0.38
N TYR A 92 -3.93 -10.62 1.18
CA TYR A 92 -4.42 -9.29 0.85
C TYR A 92 -3.29 -8.26 0.94
N ILE A 93 -2.83 -7.80 -0.22
CA ILE A 93 -1.76 -6.81 -0.27
C ILE A 93 -2.24 -5.44 0.21
N VAL A 94 -1.39 -4.75 0.97
CA VAL A 94 -1.73 -3.44 1.49
C VAL A 94 -0.51 -2.53 1.53
N ILE A 95 -0.71 -1.24 1.30
CA ILE A 95 0.37 -0.27 1.31
C ILE A 95 0.11 0.83 2.33
N GLY A 96 1.00 0.96 3.31
CA GLY A 96 0.84 1.97 4.33
C GLY A 96 -0.46 1.84 5.09
N VAL A 97 -0.83 2.89 5.81
CA VAL A 97 -2.07 2.89 6.59
C VAL A 97 -2.79 4.22 6.46
N GLY A 98 -4.13 4.17 6.52
CA GLY A 98 -4.93 5.37 6.41
C GLY A 98 -6.38 5.08 6.14
N GLU A 99 -7.13 6.12 5.77
CA GLU A 99 -8.56 5.97 5.48
C GLU A 99 -8.77 5.48 4.05
N LYS A 100 -7.92 5.95 3.14
CA LYS A 100 -8.02 5.56 1.73
C LYS A 100 -7.08 4.41 1.42
N LYS A 101 -6.89 3.52 2.39
CA LYS A 101 -6.02 2.37 2.22
C LYS A 101 -6.37 1.60 0.95
N ILE A 102 -5.35 1.03 0.30
CA ILE A 102 -5.57 0.27 -0.93
C ILE A 102 -5.39 -1.22 -0.68
N THR A 103 -6.19 -2.03 -1.36
CA THR A 103 -6.12 -3.48 -1.22
C THR A 103 -6.34 -4.17 -2.56
N HIS A 104 -5.87 -5.41 -2.66
CA HIS A 104 -6.02 -6.19 -3.88
C HIS A 104 -6.14 -7.68 -3.57
N HIS A 105 -7.05 -8.36 -4.27
CA HIS A 105 -7.26 -9.79 -4.06
C HIS A 105 -6.15 -10.60 -4.72
N TRP A 106 -5.21 -11.09 -3.91
CA TRP A 106 -4.10 -11.88 -4.42
C TRP A 106 -4.26 -13.34 -4.05
N HIS A 107 -4.57 -14.17 -5.05
CA HIS A 107 -4.76 -15.60 -4.82
C HIS A 107 -3.55 -16.39 -5.34
N ARG A 108 -2.95 -17.18 -4.46
CA ARG A 108 -1.79 -17.99 -4.84
C ARG A 108 -2.22 -19.36 -5.34
N SER A 109 -1.57 -19.82 -6.39
CA SER A 109 -1.88 -21.13 -6.98
C SER A 109 -0.61 -21.89 -7.31
N GLY A 110 -0.68 -23.22 -7.19
CA GLY A 110 0.47 -24.05 -7.48
C GLY A 110 0.63 -24.32 -8.96
N SER A 111 -0.35 -25.01 -9.55
CA SER A 111 -0.30 -25.34 -10.97
C SER A 111 0.95 -26.13 -11.30
N THR A 112 1.21 -27.18 -10.53
CA THR A 112 2.39 -28.02 -10.74
C THR A 112 1.99 -29.48 -10.86
N ILE A 113 1.33 -30.00 -9.83
CA ILE A 113 0.90 -31.40 -9.83
C ILE A 113 -0.57 -31.52 -10.23
N GLY A 114 -0.86 -32.48 -11.10
CA GLY A 114 -2.22 -32.69 -11.54
C GLY A 114 -2.92 -33.80 -10.80
N LYS A 115 -2.29 -34.98 -10.76
CA LYS A 115 -2.86 -36.13 -10.07
C LYS A 115 -2.65 -36.01 -8.57
N MET A 1 -13.33 -12.89 20.41
CA MET A 1 -12.25 -12.32 21.20
C MET A 1 -12.41 -10.82 21.36
N ASP A 2 -11.53 -10.20 22.13
CA ASP A 2 -11.57 -8.77 22.37
C ASP A 2 -10.34 -8.08 21.79
N LYS A 3 -10.42 -7.70 20.52
CA LYS A 3 -9.31 -7.03 19.85
C LYS A 3 -9.29 -5.54 20.17
N LEU A 4 -8.33 -4.82 19.59
CA LEU A 4 -8.21 -3.39 19.82
C LEU A 4 -8.03 -2.65 18.49
N ARG A 5 -8.16 -1.32 18.55
CA ARG A 5 -8.02 -0.50 17.35
C ARG A 5 -7.17 0.74 17.65
N LEU A 6 -6.59 1.32 16.60
CA LEU A 6 -5.75 2.51 16.75
C LEU A 6 -6.55 3.77 16.45
N LYS A 7 -6.05 4.91 16.92
CA LYS A 7 -6.70 6.19 16.70
C LYS A 7 -6.78 6.51 15.21
N GLY A 8 -5.64 6.82 14.61
CA GLY A 8 -5.60 7.14 13.20
C GLY A 8 -5.30 8.61 12.95
N VAL A 9 -4.72 8.89 11.78
CA VAL A 9 -4.36 10.27 11.42
C VAL A 9 -5.12 10.72 10.17
N SER A 10 -4.88 11.96 9.76
CA SER A 10 -5.54 12.50 8.58
C SER A 10 -4.63 13.50 7.87
N TYR A 11 -4.23 13.16 6.65
CA TYR A 11 -3.36 14.01 5.85
C TYR A 11 -4.14 15.16 5.22
N SER A 12 -3.52 16.33 5.15
CA SER A 12 -4.15 17.51 4.58
C SER A 12 -4.64 17.22 3.16
N LEU A 13 -5.48 18.11 2.63
CA LEU A 13 -6.01 17.96 1.29
C LEU A 13 -4.90 17.87 0.26
N CYS A 14 -5.09 17.03 -0.75
CA CYS A 14 -4.09 16.86 -1.80
C CYS A 14 -4.76 16.70 -3.16
N THR A 15 -3.96 16.80 -4.22
CA THR A 15 -4.48 16.67 -5.58
C THR A 15 -3.44 16.04 -6.50
N ALA A 16 -3.41 14.70 -6.51
CA ALA A 16 -2.47 13.97 -7.35
C ALA A 16 -3.07 12.65 -7.81
N ALA A 17 -2.76 12.26 -9.04
CA ALA A 17 -3.27 11.01 -9.60
C ALA A 17 -2.34 9.84 -9.24
N PHE A 18 -2.91 8.64 -9.17
CA PHE A 18 -2.14 7.45 -8.85
C PHE A 18 -2.65 6.25 -9.64
N THR A 19 -1.73 5.32 -9.94
CA THR A 19 -2.08 4.13 -10.70
C THR A 19 -1.06 3.02 -10.47
N PHE A 20 -1.54 1.77 -10.48
CA PHE A 20 -0.68 0.62 -10.27
C PHE A 20 0.09 0.27 -11.54
N THR A 21 1.39 0.02 -11.40
CA THR A 21 2.24 -0.32 -12.54
C THR A 21 2.85 -1.70 -12.37
N LYS A 22 3.19 -2.05 -11.12
CA LYS A 22 3.80 -3.34 -10.82
C LYS A 22 2.89 -4.15 -9.90
N ILE A 23 2.24 -5.17 -10.48
CA ILE A 23 1.34 -6.02 -9.71
C ILE A 23 2.06 -6.63 -8.51
N PRO A 24 1.41 -6.57 -7.34
CA PRO A 24 1.96 -7.12 -6.09
C PRO A 24 2.02 -8.63 -6.10
N ALA A 25 3.16 -9.18 -5.70
CA ALA A 25 3.34 -10.64 -5.66
C ALA A 25 4.23 -11.04 -4.49
N GLU A 26 3.82 -12.08 -3.77
CA GLU A 26 4.58 -12.56 -2.62
C GLU A 26 5.90 -13.20 -3.07
N THR A 27 6.89 -13.17 -2.20
CA THR A 27 8.19 -13.74 -2.51
C THR A 27 8.54 -14.89 -1.56
N LEU A 28 9.76 -15.38 -1.65
CA LEU A 28 10.21 -16.48 -0.81
C LEU A 28 10.04 -16.14 0.67
N HIS A 29 10.23 -14.86 1.00
CA HIS A 29 10.10 -14.40 2.37
C HIS A 29 8.70 -13.85 2.63
N GLY A 30 7.73 -14.31 1.84
CA GLY A 30 6.37 -13.85 1.99
C GLY A 30 6.25 -12.35 1.92
N THR A 31 7.10 -11.73 1.11
CA THR A 31 7.09 -10.28 0.97
C THR A 31 6.51 -9.87 -0.39
N VAL A 32 5.80 -8.74 -0.41
CA VAL A 32 5.19 -8.25 -1.63
C VAL A 32 5.64 -6.82 -1.93
N THR A 33 5.84 -6.53 -3.21
CA THR A 33 6.27 -5.19 -3.63
C THR A 33 5.13 -4.42 -4.28
N VAL A 34 5.07 -3.12 -4.01
CA VAL A 34 4.03 -2.27 -4.56
C VAL A 34 4.63 -1.09 -5.32
N GLU A 35 4.26 -0.95 -6.59
CA GLU A 35 4.77 0.14 -7.42
C GLU A 35 3.62 0.86 -8.12
N VAL A 36 3.61 2.18 -8.00
CA VAL A 36 2.57 3.00 -8.63
C VAL A 36 3.16 4.24 -9.27
N GLN A 37 2.29 5.05 -9.87
CA GLN A 37 2.73 6.28 -10.53
C GLN A 37 2.52 7.49 -9.62
N TYR A 38 3.61 7.97 -9.02
CA TYR A 38 3.54 9.11 -8.12
C TYR A 38 3.71 10.42 -8.90
N ALA A 39 2.64 11.20 -8.96
CA ALA A 39 2.67 12.48 -9.66
C ALA A 39 2.16 13.61 -8.77
N GLY A 40 2.92 13.93 -7.73
CA GLY A 40 2.53 14.98 -6.81
C GLY A 40 2.69 16.36 -7.42
N THR A 41 3.31 17.27 -6.67
CA THR A 41 3.52 18.63 -7.14
C THR A 41 4.96 19.06 -6.93
N ASP A 42 5.54 18.68 -5.79
CA ASP A 42 6.92 19.03 -5.48
C ASP A 42 7.46 18.12 -4.38
N GLY A 43 8.26 17.14 -4.78
CA GLY A 43 8.84 16.22 -3.81
C GLY A 43 10.23 16.62 -3.38
N PRO A 44 10.89 15.75 -2.61
CA PRO A 44 10.33 14.46 -2.20
C PRO A 44 9.19 14.62 -1.20
N CYS A 45 8.24 13.69 -1.24
CA CYS A 45 7.10 13.74 -0.33
C CYS A 45 6.53 12.34 -0.11
N LYS A 46 6.04 12.08 1.11
CA LYS A 46 5.47 10.79 1.45
C LYS A 46 4.08 10.64 0.84
N VAL A 47 3.75 9.42 0.43
CA VAL A 47 2.45 9.13 -0.17
C VAL A 47 1.71 8.05 0.62
N PRO A 48 0.37 8.07 0.53
CA PRO A 48 -0.49 7.10 1.23
C PRO A 48 -0.37 5.70 0.64
N ALA A 49 -0.24 4.71 1.50
CA ALA A 49 -0.11 3.33 1.06
C ALA A 49 -0.52 2.36 2.17
N GLN A 50 -1.53 1.53 1.89
CA GLN A 50 -2.02 0.57 2.86
C GLN A 50 -3.11 -0.32 2.25
N MET A 51 -3.62 -1.25 3.05
CA MET A 51 -4.66 -2.16 2.60
C MET A 51 -5.93 -1.99 3.42
N ALA A 52 -6.93 -2.81 3.14
CA ALA A 52 -8.20 -2.75 3.86
C ALA A 52 -8.98 -4.06 3.73
N VAL A 53 -9.17 -4.73 4.85
CA VAL A 53 -9.88 -6.00 4.87
C VAL A 53 -11.32 -5.83 4.37
N ASP A 54 -11.91 -4.69 4.69
CA ASP A 54 -13.29 -4.40 4.28
C ASP A 54 -13.40 -2.98 3.74
N MET A 55 -14.57 -2.64 3.23
CA MET A 55 -14.81 -1.31 2.67
C MET A 55 -15.46 -0.40 3.71
N GLN A 56 -16.34 -0.97 4.54
CA GLN A 56 -17.02 -0.22 5.57
C GLN A 56 -16.04 0.28 6.63
N THR A 57 -15.05 -0.54 6.94
CA THR A 57 -14.04 -0.20 7.94
C THR A 57 -12.83 0.48 7.29
N LEU A 58 -12.26 -0.19 6.30
CA LEU A 58 -11.10 0.35 5.59
C LEU A 58 -10.00 0.75 6.57
N THR A 59 -9.68 -0.15 7.49
CA THR A 59 -8.65 0.11 8.49
C THR A 59 -7.26 -0.26 7.96
N PRO A 60 -6.22 0.42 8.48
CA PRO A 60 -4.84 0.18 8.08
C PRO A 60 -4.32 -1.18 8.57
N VAL A 61 -3.77 -1.96 7.65
CA VAL A 61 -3.24 -3.28 7.98
C VAL A 61 -1.92 -3.53 7.28
N GLY A 62 -0.97 -4.13 8.01
CA GLY A 62 0.33 -4.41 7.44
C GLY A 62 1.35 -3.34 7.76
N ARG A 63 2.63 -3.69 7.66
CA ARG A 63 3.71 -2.75 7.95
C ARG A 63 4.49 -2.41 6.68
N LEU A 64 5.29 -1.36 6.75
CA LEU A 64 6.09 -0.92 5.61
C LEU A 64 7.58 -1.12 5.87
N ILE A 65 8.20 -1.97 5.08
CA ILE A 65 9.63 -2.25 5.24
C ILE A 65 10.46 -0.97 5.07
N THR A 66 10.12 -0.19 4.06
CA THR A 66 10.82 1.06 3.80
C THR A 66 10.79 1.99 5.01
N ALA A 67 11.75 2.90 5.07
CA ALA A 67 11.83 3.85 6.18
C ALA A 67 11.26 5.21 5.79
N ASN A 68 11.77 5.76 4.69
CA ASN A 68 11.31 7.06 4.21
C ASN A 68 11.04 7.03 2.71
N PRO A 69 9.93 6.38 2.32
CA PRO A 69 9.53 6.26 0.92
C PRO A 69 9.10 7.60 0.33
N VAL A 70 9.87 8.10 -0.64
CA VAL A 70 9.57 9.37 -1.28
C VAL A 70 10.03 9.37 -2.74
N ILE A 71 9.52 10.31 -3.52
CA ILE A 71 9.89 10.43 -4.92
C ILE A 71 10.98 11.47 -5.12
N THR A 72 12.19 11.00 -5.42
CA THR A 72 13.32 11.90 -5.64
C THR A 72 13.66 12.01 -7.12
N GLU A 73 12.75 11.55 -7.97
CA GLU A 73 12.94 11.60 -9.41
C GLU A 73 12.70 13.01 -9.95
N SER A 74 13.53 13.42 -10.91
CA SER A 74 13.40 14.75 -11.50
C SER A 74 12.22 14.80 -12.47
N THR A 75 12.05 13.73 -13.24
CA THR A 75 10.95 13.66 -14.20
C THR A 75 9.62 13.41 -13.51
N GLU A 76 8.53 13.64 -14.23
CA GLU A 76 7.19 13.42 -13.68
C GLU A 76 6.70 12.01 -13.98
N ASN A 77 5.64 11.60 -13.28
CA ASN A 77 5.07 10.27 -13.47
C ASN A 77 6.13 9.19 -13.25
N SER A 78 6.82 9.28 -12.12
CA SER A 78 7.86 8.31 -11.79
C SER A 78 7.30 7.16 -10.97
N LYS A 79 8.09 6.10 -10.82
CA LYS A 79 7.66 4.93 -10.06
C LYS A 79 8.69 4.57 -9.00
N MET A 80 8.28 3.75 -8.03
CA MET A 80 9.16 3.34 -6.95
C MET A 80 8.69 2.02 -6.34
N MET A 81 9.63 1.10 -6.13
CA MET A 81 9.31 -0.19 -5.54
C MET A 81 9.33 -0.13 -4.02
N LEU A 82 8.21 -0.48 -3.41
CA LEU A 82 8.10 -0.46 -1.95
C LEU A 82 7.85 -1.86 -1.40
N GLU A 83 8.63 -2.23 -0.39
CA GLU A 83 8.50 -3.54 0.24
C GLU A 83 7.38 -3.55 1.27
N LEU A 84 6.47 -4.52 1.15
CA LEU A 84 5.35 -4.65 2.07
C LEU A 84 5.29 -6.05 2.66
N ASP A 85 4.88 -6.13 3.92
CA ASP A 85 4.76 -7.41 4.61
C ASP A 85 3.56 -7.42 5.55
N PRO A 86 2.36 -7.48 4.96
CA PRO A 86 1.11 -7.50 5.73
C PRO A 86 0.91 -8.81 6.49
N PRO A 87 -0.07 -8.81 7.42
CA PRO A 87 -0.37 -9.99 8.23
C PRO A 87 -1.01 -11.10 7.41
N PHE A 88 -1.49 -12.13 8.10
CA PHE A 88 -2.13 -13.27 7.44
C PHE A 88 -3.23 -12.80 6.49
N GLY A 89 -3.29 -13.41 5.31
CA GLY A 89 -4.30 -13.04 4.33
C GLY A 89 -4.28 -11.56 4.02
N ASP A 90 -3.50 -11.18 3.01
CA ASP A 90 -3.39 -9.79 2.60
C ASP A 90 -4.77 -9.19 2.36
N SER A 91 -4.82 -7.86 2.24
CA SER A 91 -6.08 -7.16 2.02
C SER A 91 -6.02 -6.35 0.72
N TYR A 92 -7.11 -5.64 0.43
CA TYR A 92 -7.19 -4.83 -0.78
C TYR A 92 -6.25 -3.63 -0.69
N ILE A 93 -5.24 -3.62 -1.56
CA ILE A 93 -4.27 -2.54 -1.59
C ILE A 93 -4.86 -1.29 -2.24
N VAL A 94 -4.64 -0.14 -1.60
CA VAL A 94 -5.15 1.12 -2.12
C VAL A 94 -4.13 2.24 -1.96
N ILE A 95 -4.16 3.20 -2.87
CA ILE A 95 -3.23 4.32 -2.83
C ILE A 95 -3.98 5.66 -2.90
N GLY A 96 -3.85 6.46 -1.83
CA GLY A 96 -4.51 7.75 -1.80
C GLY A 96 -6.01 7.63 -1.99
N VAL A 97 -6.70 8.77 -1.91
CA VAL A 97 -8.16 8.78 -2.08
C VAL A 97 -8.55 9.71 -3.23
N GLY A 98 -9.76 9.50 -3.75
CA GLY A 98 -10.25 10.32 -4.84
C GLY A 98 -11.25 9.60 -5.71
N GLU A 99 -11.57 10.17 -6.86
CA GLU A 99 -12.53 9.57 -7.79
C GLU A 99 -11.85 8.50 -8.64
N LYS A 100 -10.59 8.74 -9.00
CA LYS A 100 -9.84 7.80 -9.82
C LYS A 100 -8.99 6.87 -8.94
N LYS A 101 -9.51 6.54 -7.76
CA LYS A 101 -8.80 5.66 -6.84
C LYS A 101 -8.35 4.38 -7.54
N ILE A 102 -7.51 3.62 -6.86
CA ILE A 102 -7.00 2.37 -7.42
C ILE A 102 -7.08 1.24 -6.40
N THR A 103 -7.48 0.06 -6.85
CA THR A 103 -7.60 -1.10 -5.98
C THR A 103 -7.12 -2.37 -6.68
N HIS A 104 -6.67 -3.34 -5.89
CA HIS A 104 -6.19 -4.60 -6.44
C HIS A 104 -6.39 -5.73 -5.44
N HIS A 105 -7.24 -6.69 -5.79
CA HIS A 105 -7.53 -7.83 -4.93
C HIS A 105 -6.23 -8.53 -4.52
N TRP A 106 -5.79 -8.27 -3.29
CA TRP A 106 -4.57 -8.88 -2.78
C TRP A 106 -4.83 -9.61 -1.46
N HIS A 107 -4.83 -10.94 -1.52
CA HIS A 107 -5.06 -11.75 -0.32
C HIS A 107 -4.34 -13.09 -0.44
N ARG A 108 -3.86 -13.59 0.70
CA ARG A 108 -3.14 -14.86 0.74
C ARG A 108 -4.13 -16.02 0.84
N SER A 109 -3.90 -17.05 0.02
CA SER A 109 -4.76 -18.23 0.01
C SER A 109 -4.06 -19.41 -0.67
N GLY A 110 -4.61 -20.60 -0.47
CA GLY A 110 -4.03 -21.79 -1.07
C GLY A 110 -2.56 -21.95 -0.73
N SER A 111 -2.22 -21.74 0.53
CA SER A 111 -0.84 -21.85 0.97
C SER A 111 -0.34 -23.29 0.85
N THR A 112 0.87 -23.45 0.35
CA THR A 112 1.46 -24.78 0.17
C THR A 112 1.69 -25.45 1.51
N ILE A 113 2.45 -24.80 2.39
CA ILE A 113 2.75 -25.34 3.70
C ILE A 113 2.00 -24.57 4.80
N GLY A 114 1.49 -25.31 5.79
CA GLY A 114 0.78 -24.67 6.88
C GLY A 114 1.70 -24.15 7.96
N LYS A 115 2.11 -25.03 8.86
CA LYS A 115 3.00 -24.66 9.95
C LYS A 115 4.46 -24.86 9.56
N MET A 1 -12.36 -1.52 26.85
CA MET A 1 -12.67 -0.12 27.05
C MET A 1 -11.44 0.74 26.81
N ASP A 2 -11.51 1.61 25.80
CA ASP A 2 -10.39 2.49 25.47
C ASP A 2 -10.89 3.73 24.74
N LYS A 3 -10.24 4.86 24.99
CA LYS A 3 -10.61 6.12 24.35
C LYS A 3 -10.03 6.20 22.94
N LEU A 4 -10.87 6.56 21.98
CA LEU A 4 -10.45 6.68 20.59
C LEU A 4 -9.74 8.01 20.35
N ARG A 5 -8.43 8.02 20.61
CA ARG A 5 -7.64 9.23 20.43
C ARG A 5 -7.54 9.60 18.95
N LEU A 6 -7.40 10.89 18.67
CA LEU A 6 -7.29 11.37 17.29
C LEU A 6 -5.92 11.98 17.05
N LYS A 7 -5.23 11.48 16.02
CA LYS A 7 -3.91 11.98 15.67
C LYS A 7 -4.01 13.29 14.88
N GLY A 8 -3.20 14.27 15.26
CA GLY A 8 -3.21 15.54 14.57
C GLY A 8 -2.44 15.51 13.27
N VAL A 9 -2.94 16.24 12.27
CA VAL A 9 -2.29 16.28 10.96
C VAL A 9 -1.57 17.61 10.76
N SER A 10 -0.47 17.58 10.01
CA SER A 10 0.31 18.78 9.75
C SER A 10 0.29 19.12 8.25
N TYR A 11 -0.90 19.06 7.66
CA TYR A 11 -1.06 19.36 6.24
C TYR A 11 -2.48 19.79 5.93
N SER A 12 -2.62 20.75 5.02
CA SER A 12 -3.94 21.26 4.63
C SER A 12 -4.56 20.38 3.55
N LEU A 13 -5.74 20.77 3.09
CA LEU A 13 -6.44 20.02 2.05
C LEU A 13 -5.56 19.84 0.81
N CYS A 14 -5.81 18.77 0.07
CA CYS A 14 -5.04 18.49 -1.13
C CYS A 14 -5.83 17.59 -2.08
N THR A 15 -5.28 17.36 -3.28
CA THR A 15 -5.93 16.53 -4.28
C THR A 15 -4.90 15.77 -5.10
N ALA A 16 -4.44 14.64 -4.57
CA ALA A 16 -3.46 13.81 -5.25
C ALA A 16 -4.09 12.50 -5.74
N ALA A 17 -3.79 12.14 -6.98
CA ALA A 17 -4.32 10.92 -7.56
C ALA A 17 -3.27 9.82 -7.60
N PHE A 18 -3.70 8.58 -7.39
CA PHE A 18 -2.79 7.44 -7.40
C PHE A 18 -3.37 6.27 -8.20
N THR A 19 -2.50 5.41 -8.71
CA THR A 19 -2.93 4.26 -9.49
C THR A 19 -1.82 3.22 -9.59
N PHE A 20 -2.22 1.95 -9.63
CA PHE A 20 -1.26 0.86 -9.72
C PHE A 20 -0.63 0.80 -11.12
N THR A 21 0.70 0.63 -11.15
CA THR A 21 1.42 0.56 -12.41
C THR A 21 2.14 -0.77 -12.55
N LYS A 22 2.61 -1.31 -11.43
CA LYS A 22 3.31 -2.58 -11.43
C LYS A 22 2.57 -3.62 -10.60
N ILE A 23 1.90 -4.56 -11.26
CA ILE A 23 1.16 -5.60 -10.57
C ILE A 23 2.04 -6.36 -9.59
N PRO A 24 1.54 -6.56 -8.37
CA PRO A 24 2.28 -7.27 -7.32
C PRO A 24 2.41 -8.76 -7.61
N ALA A 25 3.37 -9.40 -6.96
CA ALA A 25 3.59 -10.83 -7.15
C ALA A 25 4.73 -11.33 -6.25
N GLU A 26 4.44 -12.39 -5.50
CA GLU A 26 5.44 -12.96 -4.59
C GLU A 26 6.53 -13.68 -5.37
N THR A 27 7.72 -13.75 -4.79
CA THR A 27 8.85 -14.41 -5.42
C THR A 27 9.39 -15.55 -4.56
N LEU A 28 10.51 -16.13 -4.98
CA LEU A 28 11.12 -17.22 -4.24
C LEU A 28 11.36 -16.83 -2.79
N HIS A 29 11.65 -15.56 -2.56
CA HIS A 29 11.90 -15.06 -1.21
C HIS A 29 10.62 -15.05 -0.38
N GLY A 30 9.48 -14.90 -1.07
CA GLY A 30 8.21 -14.88 -0.37
C GLY A 30 7.78 -13.49 0.01
N THR A 31 8.14 -12.51 -0.80
CA THR A 31 7.79 -11.12 -0.53
C THR A 31 7.11 -10.48 -1.73
N VAL A 32 6.15 -9.60 -1.47
CA VAL A 32 5.41 -8.92 -2.52
C VAL A 32 5.74 -7.43 -2.55
N THR A 33 5.91 -6.88 -3.74
CA THR A 33 6.22 -5.46 -3.90
C THR A 33 5.09 -4.73 -4.60
N VAL A 34 4.79 -3.52 -4.14
CA VAL A 34 3.73 -2.71 -4.72
C VAL A 34 4.28 -1.40 -5.28
N GLU A 35 4.04 -1.17 -6.57
CA GLU A 35 4.51 0.05 -7.23
C GLU A 35 3.34 0.83 -7.81
N VAL A 36 3.32 2.13 -7.54
CA VAL A 36 2.27 3.01 -8.04
C VAL A 36 2.81 4.37 -8.46
N GLN A 37 2.01 5.12 -9.19
CA GLN A 37 2.42 6.44 -9.65
C GLN A 37 1.82 7.54 -8.77
N TYR A 38 2.68 8.25 -8.05
CA TYR A 38 2.25 9.32 -7.18
C TYR A 38 2.17 10.65 -7.92
N ALA A 39 1.24 11.51 -7.49
CA ALA A 39 1.06 12.81 -8.13
C ALA A 39 0.79 13.89 -7.09
N GLY A 40 1.71 14.85 -6.99
CA GLY A 40 1.56 15.92 -6.03
C GLY A 40 2.54 17.05 -6.26
N THR A 41 3.34 17.36 -5.25
CA THR A 41 4.32 18.43 -5.36
C THR A 41 5.68 17.89 -5.74
N ASP A 42 5.69 16.85 -6.57
CA ASP A 42 6.93 16.24 -7.03
C ASP A 42 7.84 15.92 -5.85
N GLY A 43 7.24 15.59 -4.71
CA GLY A 43 8.02 15.27 -3.53
C GLY A 43 9.06 16.33 -3.21
N PRO A 44 9.95 16.02 -2.25
CA PRO A 44 9.93 14.74 -1.54
C PRO A 44 8.73 14.62 -0.60
N CYS A 45 7.88 13.63 -0.86
CA CYS A 45 6.70 13.41 -0.04
C CYS A 45 6.37 11.92 0.05
N LYS A 46 5.88 11.50 1.22
CA LYS A 46 5.53 10.10 1.44
C LYS A 46 4.12 9.80 0.91
N VAL A 47 3.98 8.68 0.22
CA VAL A 47 2.70 8.27 -0.34
C VAL A 47 2.06 7.18 0.51
N PRO A 48 0.71 7.13 0.48
CA PRO A 48 -0.05 6.13 1.24
C PRO A 48 0.11 4.72 0.68
N ALA A 49 0.27 3.75 1.56
CA ALA A 49 0.44 2.36 1.16
C ALA A 49 0.06 1.41 2.28
N GLN A 50 -0.88 0.50 2.00
CA GLN A 50 -1.33 -0.46 2.99
C GLN A 50 -2.12 -1.59 2.32
N MET A 51 -2.29 -2.69 3.04
CA MET A 51 -3.03 -3.84 2.52
C MET A 51 -4.01 -4.36 3.56
N ALA A 52 -5.24 -4.62 3.12
CA ALA A 52 -6.28 -5.12 4.01
C ALA A 52 -7.29 -5.97 3.25
N VAL A 53 -7.89 -6.94 3.94
CA VAL A 53 -8.89 -7.81 3.33
C VAL A 53 -10.27 -7.18 3.34
N ASP A 54 -10.58 -6.47 4.43
CA ASP A 54 -11.87 -5.80 4.56
C ASP A 54 -11.83 -4.40 3.96
N MET A 55 -13.00 -3.88 3.61
CA MET A 55 -13.10 -2.56 3.02
C MET A 55 -13.64 -1.56 4.03
N GLN A 56 -14.57 -2.00 4.86
CA GLN A 56 -15.18 -1.15 5.87
C GLN A 56 -14.16 -0.74 6.93
N THR A 57 -13.31 -1.70 7.33
CA THR A 57 -12.29 -1.45 8.33
C THR A 57 -10.94 -1.17 7.68
N LEU A 58 -10.57 -2.00 6.71
CA LEU A 58 -9.31 -1.84 6.01
C LEU A 58 -8.14 -1.84 6.98
N THR A 59 -8.20 -2.74 7.96
CA THR A 59 -7.14 -2.85 8.97
C THR A 59 -5.86 -3.42 8.37
N PRO A 60 -4.72 -3.05 8.95
CA PRO A 60 -3.41 -3.52 8.49
C PRO A 60 -3.19 -5.00 8.76
N VAL A 61 -2.83 -5.75 7.72
CA VAL A 61 -2.59 -7.18 7.85
C VAL A 61 -1.12 -7.52 7.65
N GLY A 62 -0.64 -8.54 8.34
CA GLY A 62 0.75 -8.94 8.22
C GLY A 62 1.70 -7.95 8.88
N ARG A 63 2.93 -7.89 8.38
CA ARG A 63 3.93 -6.99 8.94
C ARG A 63 4.59 -6.18 7.82
N LEU A 64 4.63 -4.86 8.01
CA LEU A 64 5.23 -3.97 7.01
C LEU A 64 6.73 -4.18 6.93
N ILE A 65 7.19 -4.68 5.79
CA ILE A 65 8.61 -4.94 5.58
C ILE A 65 9.40 -3.64 5.50
N THR A 66 8.96 -2.74 4.62
CA THR A 66 9.63 -1.45 4.45
C THR A 66 9.70 -0.69 5.77
N ALA A 67 10.66 0.21 5.87
CA ALA A 67 10.83 1.01 7.08
C ALA A 67 10.28 2.42 6.89
N ASN A 68 10.79 3.13 5.89
CA ASN A 68 10.34 4.49 5.60
C ASN A 68 10.37 4.76 4.11
N PRO A 69 9.40 4.18 3.38
CA PRO A 69 9.29 4.36 1.93
C PRO A 69 8.86 5.76 1.54
N VAL A 70 9.62 6.38 0.64
CA VAL A 70 9.31 7.73 0.19
C VAL A 70 9.74 7.93 -1.27
N ILE A 71 9.22 8.98 -1.89
CA ILE A 71 9.55 9.29 -3.28
C ILE A 71 10.77 10.19 -3.37
N THR A 72 11.81 9.70 -4.04
CA THR A 72 13.05 10.46 -4.20
C THR A 72 13.10 11.14 -5.56
N GLU A 73 12.53 10.48 -6.57
CA GLU A 73 12.53 11.02 -7.92
C GLU A 73 11.97 12.43 -7.94
N SER A 74 12.11 13.11 -9.08
CA SER A 74 11.62 14.47 -9.22
C SER A 74 10.60 14.57 -10.36
N THR A 75 10.79 13.77 -11.39
CA THR A 75 9.90 13.77 -12.54
C THR A 75 8.45 13.62 -12.10
N GLU A 76 7.52 13.84 -13.03
CA GLU A 76 6.10 13.74 -12.74
C GLU A 76 5.61 12.30 -12.90
N ASN A 77 4.81 11.83 -11.94
CA ASN A 77 4.28 10.48 -11.97
C ASN A 77 5.42 9.46 -11.96
N SER A 78 6.07 9.32 -10.81
CA SER A 78 7.17 8.38 -10.66
C SER A 78 6.72 7.12 -9.93
N LYS A 79 7.55 6.09 -9.97
CA LYS A 79 7.23 4.82 -9.31
C LYS A 79 8.11 4.61 -8.08
N MET A 80 7.79 3.59 -7.30
CA MET A 80 8.55 3.28 -6.09
C MET A 80 8.32 1.84 -5.66
N MET A 81 9.40 1.09 -5.53
CA MET A 81 9.32 -0.31 -5.12
C MET A 81 9.11 -0.42 -3.61
N LEU A 82 8.04 -1.10 -3.22
CA LEU A 82 7.73 -1.28 -1.81
C LEU A 82 7.96 -2.73 -1.38
N GLU A 83 7.94 -2.96 -0.06
CA GLU A 83 8.14 -4.30 0.47
C GLU A 83 6.99 -4.69 1.40
N LEU A 84 6.33 -5.80 1.08
CA LEU A 84 5.22 -6.29 1.88
C LEU A 84 5.31 -7.80 2.10
N ASP A 85 4.88 -8.25 3.26
CA ASP A 85 4.92 -9.67 3.60
C ASP A 85 3.68 -10.08 4.39
N PRO A 86 2.52 -10.06 3.72
CA PRO A 86 1.24 -10.41 4.34
C PRO A 86 1.15 -11.90 4.65
N PRO A 87 0.13 -12.28 5.45
CA PRO A 87 -0.09 -13.67 5.84
C PRO A 87 -0.56 -14.54 4.68
N PHE A 88 -0.96 -15.77 4.98
CA PHE A 88 -1.42 -16.70 3.96
C PHE A 88 -2.89 -16.47 3.65
N GLY A 89 -3.24 -16.43 2.36
CA GLY A 89 -4.61 -16.21 1.96
C GLY A 89 -4.75 -15.16 0.88
N ASP A 90 -5.82 -14.38 0.94
CA ASP A 90 -6.06 -13.34 -0.04
C ASP A 90 -6.27 -11.99 0.64
N SER A 91 -5.88 -10.92 -0.05
CA SER A 91 -6.02 -9.57 0.49
C SER A 91 -6.32 -8.57 -0.62
N TYR A 92 -6.38 -7.29 -0.26
CA TYR A 92 -6.67 -6.24 -1.22
C TYR A 92 -5.79 -5.01 -0.97
N ILE A 93 -4.91 -4.72 -1.91
CA ILE A 93 -4.01 -3.57 -1.79
C ILE A 93 -4.71 -2.29 -2.24
N VAL A 94 -4.60 -1.25 -1.43
CA VAL A 94 -5.20 0.04 -1.74
C VAL A 94 -4.20 1.18 -1.57
N ILE A 95 -4.30 2.16 -2.44
CA ILE A 95 -3.40 3.32 -2.41
C ILE A 95 -4.18 4.63 -2.43
N GLY A 96 -3.87 5.51 -1.48
CA GLY A 96 -4.55 6.79 -1.40
C GLY A 96 -6.04 6.64 -1.15
N VAL A 97 -6.69 7.74 -0.79
CA VAL A 97 -8.12 7.72 -0.51
C VAL A 97 -8.83 8.86 -1.25
N GLY A 98 -10.02 8.56 -1.78
CA GLY A 98 -10.77 9.57 -2.49
C GLY A 98 -11.87 8.97 -3.35
N GLU A 99 -12.28 9.69 -4.39
CA GLU A 99 -13.33 9.22 -5.28
C GLU A 99 -12.76 8.30 -6.36
N LYS A 100 -11.52 8.57 -6.76
CA LYS A 100 -10.86 7.76 -7.78
C LYS A 100 -10.00 6.67 -7.14
N LYS A 101 -10.47 6.14 -6.02
CA LYS A 101 -9.75 5.09 -5.31
C LYS A 101 -9.35 3.97 -6.27
N ILE A 102 -8.46 3.09 -5.80
CA ILE A 102 -7.99 1.97 -6.62
C ILE A 102 -7.90 0.70 -5.79
N THR A 103 -8.19 -0.43 -6.42
CA THR A 103 -8.13 -1.73 -5.75
C THR A 103 -7.63 -2.81 -6.68
N HIS A 104 -7.13 -3.90 -6.10
CA HIS A 104 -6.61 -5.02 -6.88
C HIS A 104 -6.67 -6.32 -6.08
N HIS A 105 -7.35 -7.32 -6.64
CA HIS A 105 -7.49 -8.61 -5.98
C HIS A 105 -6.13 -9.28 -5.82
N TRP A 106 -5.79 -9.65 -4.59
CA TRP A 106 -4.52 -10.31 -4.31
C TRP A 106 -4.74 -11.66 -3.64
N HIS A 107 -4.08 -12.69 -4.16
CA HIS A 107 -4.20 -14.03 -3.60
C HIS A 107 -2.88 -14.77 -3.69
N ARG A 108 -2.62 -15.62 -2.70
CA ARG A 108 -1.38 -16.40 -2.67
C ARG A 108 -1.50 -17.65 -3.53
N SER A 109 -0.36 -18.11 -4.07
CA SER A 109 -0.35 -19.30 -4.91
C SER A 109 1.06 -19.89 -4.98
N GLY A 110 1.13 -21.22 -5.02
CA GLY A 110 2.42 -21.89 -5.08
C GLY A 110 2.74 -22.66 -3.80
N SER A 111 1.80 -23.49 -3.37
CA SER A 111 1.98 -24.28 -2.15
C SER A 111 2.99 -25.41 -2.39
N THR A 112 3.45 -26.01 -1.29
CA THR A 112 4.41 -27.10 -1.38
C THR A 112 3.77 -28.43 -1.01
N ILE A 113 3.50 -28.62 0.28
CA ILE A 113 2.89 -29.86 0.76
C ILE A 113 1.58 -30.14 0.02
N GLY A 114 0.86 -29.08 -0.32
CA GLY A 114 -0.40 -29.23 -1.03
C GLY A 114 -1.47 -28.28 -0.54
N LYS A 115 -1.75 -28.34 0.75
CA LYS A 115 -2.77 -27.47 1.35
C LYS A 115 -2.42 -26.00 1.13
N MET A 1 -10.56 12.90 18.19
CA MET A 1 -11.52 11.81 18.27
C MET A 1 -12.95 12.33 18.31
N ASP A 2 -13.19 13.32 19.18
CA ASP A 2 -14.52 13.91 19.32
C ASP A 2 -14.41 15.41 19.57
N LYS A 3 -15.47 16.14 19.21
CA LYS A 3 -15.50 17.58 19.39
C LYS A 3 -14.34 18.25 18.68
N LEU A 4 -14.14 17.88 17.41
CA LEU A 4 -13.06 18.45 16.62
C LEU A 4 -13.50 19.74 15.94
N ARG A 5 -12.67 20.77 16.04
CA ARG A 5 -12.97 22.07 15.44
C ARG A 5 -12.04 22.35 14.27
N LEU A 6 -12.57 23.01 13.25
CA LEU A 6 -11.79 23.35 12.06
C LEU A 6 -11.20 24.75 12.19
N LYS A 7 -9.89 24.86 12.00
CA LYS A 7 -9.21 26.15 12.08
C LYS A 7 -8.05 26.21 11.09
N GLY A 8 -8.20 27.04 10.06
CA GLY A 8 -7.16 27.18 9.06
C GLY A 8 -7.65 27.87 7.80
N VAL A 9 -7.34 27.28 6.65
CA VAL A 9 -7.76 27.85 5.38
C VAL A 9 -8.48 26.81 4.52
N SER A 10 -9.41 27.28 3.69
CA SER A 10 -10.18 26.38 2.83
C SER A 10 -9.34 25.94 1.63
N TYR A 11 -8.63 24.83 1.79
CA TYR A 11 -7.79 24.30 0.72
C TYR A 11 -8.62 23.92 -0.50
N SER A 12 -7.95 23.54 -1.57
CA SER A 12 -8.63 23.16 -2.80
C SER A 12 -8.44 21.68 -3.09
N LEU A 13 -9.02 21.21 -4.19
CA LEU A 13 -8.92 19.81 -4.58
C LEU A 13 -7.46 19.36 -4.60
N CYS A 14 -7.23 18.10 -4.25
CA CYS A 14 -5.88 17.55 -4.24
C CYS A 14 -5.91 16.04 -4.42
N THR A 15 -4.73 15.43 -4.52
CA THR A 15 -4.62 13.98 -4.69
C THR A 15 -3.46 13.42 -3.89
N ALA A 16 -3.68 13.20 -2.59
CA ALA A 16 -2.65 12.66 -1.71
C ALA A 16 -2.68 11.14 -1.72
N ALA A 17 -3.88 10.57 -1.80
CA ALA A 17 -4.04 9.12 -1.81
C ALA A 17 -3.15 8.47 -2.86
N PHE A 18 -2.74 7.23 -2.60
CA PHE A 18 -1.87 6.50 -3.52
C PHE A 18 -2.70 5.68 -4.50
N THR A 19 -2.08 5.28 -5.60
CA THR A 19 -2.76 4.48 -6.62
C THR A 19 -1.89 3.32 -7.07
N PHE A 20 -2.52 2.18 -7.34
CA PHE A 20 -1.81 0.99 -7.78
C PHE A 20 -1.28 1.17 -9.20
N THR A 21 0.01 0.88 -9.38
CA THR A 21 0.65 1.02 -10.68
C THR A 21 1.12 -0.33 -11.21
N LYS A 22 1.61 -1.18 -10.31
CA LYS A 22 2.08 -2.51 -10.68
C LYS A 22 1.33 -3.59 -9.91
N ILE A 23 0.41 -4.27 -10.61
CA ILE A 23 -0.37 -5.32 -10.00
C ILE A 23 0.52 -6.39 -9.37
N PRO A 24 0.21 -6.78 -8.14
CA PRO A 24 0.97 -7.80 -7.41
C PRO A 24 0.80 -9.19 -8.00
N ALA A 25 1.84 -10.01 -7.90
CA ALA A 25 1.80 -11.36 -8.42
C ALA A 25 2.99 -12.18 -7.92
N GLU A 26 2.69 -13.29 -7.23
CA GLU A 26 3.73 -14.16 -6.69
C GLU A 26 4.48 -14.86 -7.81
N THR A 27 5.77 -15.11 -7.58
CA THR A 27 6.60 -15.79 -8.57
C THR A 27 7.16 -17.10 -8.02
N LEU A 28 8.03 -17.73 -8.79
CA LEU A 28 8.63 -19.00 -8.39
C LEU A 28 9.29 -18.88 -7.02
N HIS A 29 9.84 -17.70 -6.74
CA HIS A 29 10.49 -17.45 -5.46
C HIS A 29 9.47 -17.40 -4.33
N GLY A 30 8.25 -16.99 -4.65
CA GLY A 30 7.20 -16.91 -3.65
C GLY A 30 7.14 -15.54 -2.99
N THR A 31 7.45 -14.51 -3.77
CA THR A 31 7.43 -13.13 -3.25
C THR A 31 6.56 -12.24 -4.12
N VAL A 32 5.88 -11.28 -3.49
CA VAL A 32 5.02 -10.36 -4.21
C VAL A 32 5.50 -8.92 -4.06
N THR A 33 5.42 -8.15 -5.14
CA THR A 33 5.84 -6.77 -5.12
C THR A 33 4.67 -5.82 -5.33
N VAL A 34 4.76 -4.63 -4.74
CA VAL A 34 3.71 -3.64 -4.85
C VAL A 34 4.28 -2.26 -5.16
N GLU A 35 3.77 -1.63 -6.22
CA GLU A 35 4.23 -0.30 -6.63
C GLU A 35 3.05 0.64 -6.83
N VAL A 36 3.11 1.80 -6.17
CA VAL A 36 2.05 2.79 -6.27
C VAL A 36 2.62 4.19 -6.46
N GLN A 37 1.75 5.16 -6.71
CA GLN A 37 2.17 6.54 -6.92
C GLN A 37 1.72 7.42 -5.76
N TYR A 38 2.38 8.56 -5.60
CA TYR A 38 2.05 9.50 -4.53
C TYR A 38 2.15 10.95 -5.01
N ALA A 39 1.13 11.73 -4.73
CA ALA A 39 1.11 13.13 -5.13
C ALA A 39 0.70 14.03 -3.97
N GLY A 40 1.56 14.09 -2.94
CA GLY A 40 1.27 14.92 -1.79
C GLY A 40 2.01 16.24 -1.82
N THR A 41 3.06 16.36 -1.02
CA THR A 41 3.86 17.58 -0.97
C THR A 41 5.23 17.37 -1.59
N ASP A 42 5.29 16.57 -2.64
CA ASP A 42 6.55 16.29 -3.32
C ASP A 42 7.61 15.83 -2.34
N GLY A 43 7.19 15.08 -1.33
CA GLY A 43 8.12 14.58 -0.32
C GLY A 43 8.97 15.68 0.28
N PRO A 44 9.96 15.30 1.09
CA PRO A 44 10.22 13.89 1.41
C PRO A 44 9.12 13.27 2.27
N CYS A 45 8.55 12.17 1.79
CA CYS A 45 7.48 11.49 2.52
C CYS A 45 7.67 9.97 2.45
N LYS A 46 6.91 9.25 3.27
CA LYS A 46 6.98 7.80 3.29
C LYS A 46 5.76 7.18 2.61
N VAL A 47 5.97 6.03 1.98
CA VAL A 47 4.88 5.33 1.30
C VAL A 47 4.51 4.04 2.02
N PRO A 48 3.52 4.15 2.93
CA PRO A 48 3.05 2.99 3.71
C PRO A 48 2.29 1.98 2.86
N ALA A 49 2.47 0.70 3.18
CA ALA A 49 1.80 -0.36 2.43
C ALA A 49 1.69 -1.63 3.28
N GLN A 50 0.46 -2.13 3.42
CA GLN A 50 0.22 -3.34 4.21
C GLN A 50 -1.13 -3.95 3.86
N MET A 51 -1.29 -5.24 4.17
CA MET A 51 -2.53 -5.94 3.89
C MET A 51 -3.14 -6.52 5.16
N ALA A 52 -4.24 -7.24 5.01
CA ALA A 52 -4.92 -7.85 6.16
C ALA A 52 -6.06 -8.75 5.71
N VAL A 53 -6.75 -9.34 6.67
CA VAL A 53 -7.87 -10.23 6.37
C VAL A 53 -9.20 -9.59 6.75
N ASP A 54 -9.19 -8.83 7.85
CA ASP A 54 -10.41 -8.17 8.32
C ASP A 54 -10.21 -6.66 8.36
N MET A 55 -10.79 -5.96 7.38
CA MET A 55 -10.68 -4.51 7.31
C MET A 55 -11.06 -3.87 8.64
N GLN A 56 -11.96 -4.51 9.37
CA GLN A 56 -12.40 -3.99 10.66
C GLN A 56 -11.23 -3.89 11.64
N THR A 57 -10.32 -4.86 11.56
CA THR A 57 -9.15 -4.88 12.43
C THR A 57 -7.96 -4.22 11.77
N LEU A 58 -7.61 -4.68 10.57
CA LEU A 58 -6.48 -4.12 9.83
C LEU A 58 -5.19 -4.23 10.64
N THR A 59 -4.85 -5.46 11.04
CA THR A 59 -3.64 -5.70 11.81
C THR A 59 -2.43 -5.90 10.91
N PRO A 60 -1.24 -5.56 11.42
CA PRO A 60 0.01 -5.69 10.67
C PRO A 60 0.41 -7.16 10.47
N VAL A 61 -0.02 -7.72 9.34
CA VAL A 61 0.29 -9.10 9.02
C VAL A 61 1.50 -9.20 8.10
N GLY A 62 2.01 -10.41 7.93
CA GLY A 62 3.16 -10.62 7.07
C GLY A 62 4.42 -9.95 7.61
N ARG A 63 5.44 -9.85 6.77
CA ARG A 63 6.70 -9.23 7.18
C ARG A 63 7.34 -8.47 6.02
N LEU A 64 7.79 -7.26 6.29
CA LEU A 64 8.42 -6.43 5.26
C LEU A 64 9.81 -6.97 4.90
N ILE A 65 10.26 -6.65 3.70
CA ILE A 65 11.57 -7.09 3.24
C ILE A 65 12.51 -5.91 2.99
N THR A 66 11.94 -4.82 2.48
CA THR A 66 12.71 -3.62 2.21
C THR A 66 13.33 -3.05 3.48
N ALA A 67 14.27 -2.12 3.31
CA ALA A 67 14.93 -1.51 4.45
C ALA A 67 14.15 -0.30 4.96
N ASN A 68 13.94 0.67 4.07
CA ASN A 68 13.20 1.89 4.43
C ASN A 68 12.98 2.76 3.20
N PRO A 69 12.06 2.33 2.32
CA PRO A 69 11.72 3.06 1.10
C PRO A 69 10.99 4.36 1.39
N VAL A 70 11.47 5.45 0.79
CA VAL A 70 10.85 6.76 0.98
C VAL A 70 11.02 7.63 -0.26
N ILE A 71 10.05 8.50 -0.50
CA ILE A 71 10.09 9.39 -1.66
C ILE A 71 11.25 10.38 -1.54
N THR A 72 12.13 10.36 -2.52
CA THR A 72 13.28 11.26 -2.53
C THR A 72 13.33 12.09 -3.81
N GLU A 73 12.92 11.48 -4.92
CA GLU A 73 12.91 12.17 -6.20
C GLU A 73 12.16 13.50 -6.11
N SER A 74 12.49 14.43 -7.00
CA SER A 74 11.86 15.73 -7.01
C SER A 74 10.70 15.76 -8.00
N THR A 75 10.87 15.07 -9.13
CA THR A 75 9.85 15.01 -10.16
C THR A 75 8.50 14.58 -9.57
N GLU A 76 7.46 14.65 -10.39
CA GLU A 76 6.13 14.26 -9.96
C GLU A 76 5.88 12.78 -10.22
N ASN A 77 4.75 12.27 -9.73
CA ASN A 77 4.39 10.87 -9.91
C ASN A 77 5.53 9.96 -9.44
N SER A 78 6.04 10.25 -8.24
CA SER A 78 7.13 9.46 -7.68
C SER A 78 6.61 8.13 -7.13
N LYS A 79 7.27 7.04 -7.51
CA LYS A 79 6.89 5.71 -7.06
C LYS A 79 8.10 4.93 -6.57
N MET A 80 7.85 3.76 -5.98
CA MET A 80 8.92 2.91 -5.48
C MET A 80 8.45 1.46 -5.35
N MET A 81 9.32 0.53 -5.73
CA MET A 81 8.99 -0.89 -5.65
C MET A 81 9.34 -1.45 -4.28
N LEU A 82 8.40 -2.17 -3.68
CA LEU A 82 8.60 -2.77 -2.37
C LEU A 82 8.28 -4.26 -2.39
N GLU A 83 9.09 -5.04 -1.67
CA GLU A 83 8.91 -6.48 -1.62
C GLU A 83 8.10 -6.87 -0.38
N LEU A 84 7.19 -7.83 -0.55
CA LEU A 84 6.35 -8.28 0.56
C LEU A 84 6.36 -9.81 0.63
N ASP A 85 6.31 -10.34 1.85
CA ASP A 85 6.30 -11.78 2.06
C ASP A 85 5.22 -12.18 3.07
N PRO A 86 3.95 -12.02 2.66
CA PRO A 86 2.80 -12.35 3.50
C PRO A 86 2.65 -13.85 3.71
N PRO A 87 1.79 -14.24 4.66
CA PRO A 87 1.53 -15.64 4.99
C PRO A 87 0.78 -16.36 3.88
N PHE A 88 0.57 -17.67 4.06
CA PHE A 88 -0.14 -18.47 3.07
C PHE A 88 -1.64 -18.22 3.15
N GLY A 89 -2.25 -17.97 1.99
CA GLY A 89 -3.67 -17.71 1.94
C GLY A 89 -4.03 -16.50 1.11
N ASP A 90 -5.04 -15.76 1.53
CA ASP A 90 -5.48 -14.57 0.82
C ASP A 90 -5.55 -13.37 1.76
N SER A 91 -5.58 -12.17 1.18
CA SER A 91 -5.64 -10.94 1.97
C SER A 91 -6.03 -9.75 1.09
N TYR A 92 -6.08 -8.57 1.69
CA TYR A 92 -6.44 -7.36 0.97
C TYR A 92 -5.31 -6.33 1.04
N ILE A 93 -4.56 -6.21 -0.04
CA ILE A 93 -3.45 -5.27 -0.10
C ILE A 93 -3.95 -3.83 -0.09
N VAL A 94 -3.57 -3.09 0.95
CA VAL A 94 -3.98 -1.70 1.08
C VAL A 94 -2.76 -0.77 1.16
N ILE A 95 -2.90 0.42 0.58
CA ILE A 95 -1.82 1.39 0.58
C ILE A 95 -2.22 2.65 1.33
N GLY A 96 -1.51 2.92 2.43
CA GLY A 96 -1.80 4.10 3.22
C GLY A 96 -3.24 4.16 3.67
N VAL A 97 -3.67 5.33 4.14
CA VAL A 97 -5.04 5.51 4.59
C VAL A 97 -5.65 6.78 4.01
N GLY A 98 -6.97 6.81 3.90
CA GLY A 98 -7.65 7.97 3.36
C GLY A 98 -9.04 7.64 2.85
N GLU A 99 -9.64 8.58 2.13
CA GLU A 99 -10.98 8.39 1.58
C GLU A 99 -10.92 7.61 0.26
N LYS A 100 -9.89 7.87 -0.53
CA LYS A 100 -9.72 7.21 -1.81
C LYS A 100 -8.78 6.01 -1.69
N LYS A 101 -8.84 5.35 -0.54
CA LYS A 101 -8.00 4.18 -0.28
C LYS A 101 -8.14 3.16 -1.41
N ILE A 102 -7.05 2.46 -1.70
CA ILE A 102 -7.05 1.44 -2.75
C ILE A 102 -6.95 0.04 -2.16
N THR A 103 -7.64 -0.90 -2.80
CA THR A 103 -7.62 -2.29 -2.34
C THR A 103 -7.44 -3.26 -3.50
N HIS A 104 -6.92 -4.44 -3.20
CA HIS A 104 -6.68 -5.45 -4.22
C HIS A 104 -6.91 -6.86 -3.66
N HIS A 105 -7.39 -7.75 -4.51
CA HIS A 105 -7.66 -9.13 -4.10
C HIS A 105 -6.42 -10.01 -4.31
N TRP A 106 -5.91 -10.57 -3.22
CA TRP A 106 -4.74 -11.43 -3.28
C TRP A 106 -5.06 -12.84 -2.77
N HIS A 107 -4.80 -13.84 -3.61
CA HIS A 107 -5.06 -15.22 -3.23
C HIS A 107 -3.92 -16.13 -3.67
N ARG A 108 -3.64 -17.16 -2.88
CA ARG A 108 -2.57 -18.10 -3.18
C ARG A 108 -3.06 -19.19 -4.15
N SER A 109 -2.22 -19.52 -5.13
CA SER A 109 -2.56 -20.53 -6.10
C SER A 109 -1.31 -21.08 -6.78
N GLY A 110 -1.08 -22.39 -6.63
CA GLY A 110 0.09 -23.01 -7.22
C GLY A 110 0.73 -24.03 -6.32
N SER A 111 0.35 -25.30 -6.49
CA SER A 111 0.90 -26.37 -5.66
C SER A 111 1.68 -27.37 -6.53
N THR A 112 2.70 -27.97 -5.93
CA THR A 112 3.54 -28.93 -6.64
C THR A 112 2.73 -30.16 -7.04
N ILE A 113 1.79 -30.55 -6.18
CA ILE A 113 0.95 -31.71 -6.45
C ILE A 113 0.23 -31.57 -7.78
N GLY A 114 0.42 -32.54 -8.67
CA GLY A 114 -0.23 -32.51 -9.97
C GLY A 114 -0.65 -33.88 -10.44
N LYS A 115 -1.56 -34.50 -9.69
CA LYS A 115 -2.06 -35.82 -10.03
C LYS A 115 -3.58 -35.83 -10.11
N MET A 1 5.80 -2.12 24.96
CA MET A 1 6.36 -1.11 24.08
C MET A 1 5.27 -0.23 23.48
N ASP A 2 5.20 1.01 23.94
CA ASP A 2 4.20 1.95 23.45
C ASP A 2 4.72 2.72 22.25
N LYS A 3 3.84 3.49 21.61
CA LYS A 3 4.22 4.28 20.45
C LYS A 3 3.11 5.27 20.08
N LEU A 4 3.41 6.56 20.22
CA LEU A 4 2.44 7.61 19.90
C LEU A 4 2.09 7.59 18.42
N ARG A 5 0.80 7.45 18.13
CA ARG A 5 0.33 7.42 16.75
C ARG A 5 -0.11 8.81 16.30
N LEU A 6 0.44 9.26 15.17
CA LEU A 6 0.10 10.57 14.63
C LEU A 6 -1.18 10.50 13.80
N LYS A 7 -2.24 11.13 14.31
CA LYS A 7 -3.52 11.14 13.61
C LYS A 7 -4.08 12.56 13.54
N GLY A 8 -5.11 12.75 12.72
CA GLY A 8 -5.72 14.06 12.57
C GLY A 8 -4.79 15.07 11.93
N VAL A 9 -4.78 15.12 10.61
CA VAL A 9 -3.92 16.04 9.88
C VAL A 9 -4.74 17.17 9.25
N SER A 10 -4.05 18.19 8.76
CA SER A 10 -4.71 19.33 8.13
C SER A 10 -3.97 19.76 6.88
N TYR A 11 -4.61 19.58 5.73
CA TYR A 11 -4.01 19.94 4.44
C TYR A 11 -5.02 20.67 3.56
N SER A 12 -4.52 21.36 2.55
CA SER A 12 -5.37 22.10 1.62
C SER A 12 -5.88 21.19 0.51
N LEU A 13 -6.72 21.75 -0.37
CA LEU A 13 -7.27 21.00 -1.48
C LEU A 13 -6.15 20.39 -2.33
N CYS A 14 -6.43 19.23 -2.92
CA CYS A 14 -5.45 18.55 -3.77
C CYS A 14 -6.13 17.93 -4.98
N THR A 15 -5.35 17.72 -6.04
CA THR A 15 -5.88 17.13 -7.26
C THR A 15 -4.82 16.28 -7.97
N ALA A 16 -4.65 15.05 -7.51
CA ALA A 16 -3.67 14.15 -8.09
C ALA A 16 -4.23 12.72 -8.19
N ALA A 17 -3.52 11.86 -8.90
CA ALA A 17 -3.94 10.48 -9.08
C ALA A 17 -2.74 9.53 -9.03
N PHE A 18 -2.93 8.39 -8.39
CA PHE A 18 -1.87 7.40 -8.28
C PHE A 18 -2.11 6.22 -9.24
N THR A 19 -1.05 5.48 -9.53
CA THR A 19 -1.14 4.34 -10.43
C THR A 19 -0.11 3.28 -10.08
N PHE A 20 -0.52 2.01 -10.13
CA PHE A 20 0.37 0.90 -9.82
C PHE A 20 1.44 0.74 -10.89
N THR A 21 2.65 0.42 -10.46
CA THR A 21 3.76 0.24 -11.39
C THR A 21 4.33 -1.18 -11.30
N LYS A 22 4.52 -1.66 -10.07
CA LYS A 22 5.05 -2.99 -9.86
C LYS A 22 3.97 -3.92 -9.29
N ILE A 23 3.49 -4.83 -10.13
CA ILE A 23 2.46 -5.78 -9.71
C ILE A 23 2.89 -6.57 -8.49
N PRO A 24 1.99 -6.66 -7.50
CA PRO A 24 2.26 -7.39 -6.25
C PRO A 24 2.34 -8.90 -6.47
N ALA A 25 3.29 -9.54 -5.81
CA ALA A 25 3.48 -10.98 -5.92
C ALA A 25 4.31 -11.52 -4.77
N GLU A 26 3.72 -12.45 -4.01
CA GLU A 26 4.41 -13.06 -2.87
C GLU A 26 5.56 -13.94 -3.34
N THR A 27 6.61 -14.01 -2.52
CA THR A 27 7.77 -14.82 -2.85
C THR A 27 7.99 -15.92 -1.81
N LEU A 28 9.12 -16.62 -1.91
CA LEU A 28 9.45 -17.68 -0.98
C LEU A 28 9.39 -17.19 0.47
N HIS A 29 9.75 -15.93 0.66
CA HIS A 29 9.73 -15.33 1.99
C HIS A 29 8.30 -15.14 2.49
N GLY A 30 7.38 -14.95 1.55
CA GLY A 30 5.99 -14.75 1.90
C GLY A 30 5.64 -13.29 2.10
N THR A 31 6.28 -12.42 1.33
CA THR A 31 6.03 -10.99 1.42
C THR A 31 5.71 -10.40 0.05
N VAL A 32 4.83 -9.41 0.03
CA VAL A 32 4.44 -8.75 -1.21
C VAL A 32 4.78 -7.27 -1.18
N THR A 33 5.33 -6.76 -2.28
CA THR A 33 5.70 -5.35 -2.38
C THR A 33 4.71 -4.59 -3.27
N VAL A 34 4.48 -3.33 -2.93
CA VAL A 34 3.57 -2.49 -3.69
C VAL A 34 4.22 -1.16 -4.07
N GLU A 35 4.19 -0.83 -5.35
CA GLU A 35 4.79 0.41 -5.85
C GLU A 35 3.78 1.20 -6.68
N VAL A 36 3.77 2.51 -6.49
CA VAL A 36 2.86 3.38 -7.22
C VAL A 36 3.58 4.64 -7.72
N GLN A 37 2.94 5.34 -8.64
CA GLN A 37 3.52 6.56 -9.20
C GLN A 37 2.92 7.80 -8.53
N TYR A 38 3.78 8.59 -7.89
CA TYR A 38 3.34 9.80 -7.21
C TYR A 38 3.40 11.00 -8.14
N ALA A 39 2.30 11.75 -8.21
CA ALA A 39 2.22 12.93 -9.07
C ALA A 39 1.53 14.07 -8.35
N GLY A 40 1.57 15.26 -8.96
CA GLY A 40 0.92 16.41 -8.36
C GLY A 40 1.86 17.18 -7.45
N THR A 41 1.63 17.05 -6.14
CA THR A 41 2.46 17.74 -5.15
C THR A 41 3.91 17.34 -5.28
N ASP A 42 4.14 16.07 -5.61
CA ASP A 42 5.51 15.56 -5.76
C ASP A 42 6.26 15.63 -4.44
N GLY A 43 5.57 15.37 -3.34
CA GLY A 43 6.19 15.42 -2.03
C GLY A 43 6.81 16.77 -1.74
N PRO A 44 7.58 16.84 -0.63
CA PRO A 44 7.80 15.69 0.25
C PRO A 44 6.54 15.30 1.02
N CYS A 45 6.08 14.08 0.80
CA CYS A 45 4.89 13.58 1.48
C CYS A 45 4.92 12.06 1.57
N LYS A 46 3.98 11.50 2.33
CA LYS A 46 3.89 10.05 2.51
C LYS A 46 2.68 9.48 1.78
N VAL A 47 2.94 8.64 0.79
CA VAL A 47 1.88 8.02 0.01
C VAL A 47 1.10 7.00 0.84
N PRO A 48 -0.23 7.07 0.78
CA PRO A 48 -1.11 6.16 1.52
C PRO A 48 -1.07 4.75 0.97
N ALA A 49 -1.18 3.77 1.86
CA ALA A 49 -1.15 2.36 1.48
C ALA A 49 -1.83 1.49 2.52
N GLN A 50 -2.81 0.70 2.09
CA GLN A 50 -3.53 -0.19 2.99
C GLN A 50 -4.45 -1.12 2.21
N MET A 51 -4.63 -2.33 2.74
CA MET A 51 -5.48 -3.32 2.10
C MET A 51 -6.56 -3.83 3.07
N ALA A 52 -7.61 -4.41 2.51
CA ALA A 52 -8.70 -4.94 3.32
C ALA A 52 -9.53 -5.96 2.54
N VAL A 53 -10.47 -6.60 3.22
CA VAL A 53 -11.32 -7.60 2.59
C VAL A 53 -12.76 -7.10 2.49
N ASP A 54 -13.20 -6.35 3.49
CA ASP A 54 -14.55 -5.81 3.51
C ASP A 54 -14.53 -4.32 3.18
N MET A 55 -15.69 -3.80 2.74
CA MET A 55 -15.80 -2.39 2.40
C MET A 55 -16.55 -1.62 3.48
N GLN A 56 -17.55 -2.27 4.08
CA GLN A 56 -18.34 -1.66 5.13
C GLN A 56 -17.45 -1.08 6.22
N THR A 57 -16.35 -1.77 6.51
CA THR A 57 -15.41 -1.34 7.53
C THR A 57 -14.09 -0.89 6.91
N LEU A 58 -13.65 -1.61 5.89
CA LEU A 58 -12.39 -1.29 5.21
C LEU A 58 -11.26 -1.16 6.21
N THR A 59 -11.22 -2.06 7.19
CA THR A 59 -10.18 -2.04 8.21
C THR A 59 -8.87 -2.64 7.67
N PRO A 60 -7.75 -2.19 8.23
CA PRO A 60 -6.42 -2.66 7.83
C PRO A 60 -6.17 -4.11 8.24
N VAL A 61 -5.12 -4.70 7.69
CA VAL A 61 -4.77 -6.09 8.01
C VAL A 61 -3.26 -6.31 7.89
N GLY A 62 -2.80 -7.41 8.47
CA GLY A 62 -1.37 -7.72 8.43
C GLY A 62 -0.55 -6.81 9.30
N ARG A 63 0.77 -6.91 9.18
CA ARG A 63 1.68 -6.08 9.97
C ARG A 63 2.60 -5.27 9.07
N LEU A 64 2.87 -4.04 9.47
CA LEU A 64 3.74 -3.15 8.70
C LEU A 64 5.17 -3.71 8.65
N ILE A 65 5.75 -3.73 7.45
CA ILE A 65 7.11 -4.23 7.28
C ILE A 65 8.10 -3.08 7.12
N THR A 66 7.75 -2.11 6.29
CA THR A 66 8.61 -0.95 6.06
C THR A 66 8.68 -0.06 7.29
N ALA A 67 9.52 0.96 7.23
CA ALA A 67 9.66 1.89 8.35
C ALA A 67 8.84 3.16 8.13
N ASN A 68 9.12 3.85 7.02
CA ASN A 68 8.41 5.08 6.69
C ASN A 68 8.79 5.58 5.30
N PRO A 69 8.28 4.88 4.26
CA PRO A 69 8.56 5.24 2.87
C PRO A 69 7.87 6.54 2.45
N VAL A 70 8.68 7.49 1.99
CA VAL A 70 8.16 8.78 1.56
C VAL A 70 8.87 9.27 0.30
N ILE A 71 8.11 9.87 -0.61
CA ILE A 71 8.68 10.38 -1.85
C ILE A 71 9.56 11.60 -1.60
N THR A 72 10.86 11.43 -1.82
CA THR A 72 11.82 12.51 -1.61
C THR A 72 12.36 13.03 -2.94
N GLU A 73 12.55 12.11 -3.89
CA GLU A 73 13.06 12.48 -5.20
C GLU A 73 12.26 13.61 -5.81
N SER A 74 12.94 14.55 -6.45
CA SER A 74 12.28 15.69 -7.08
C SER A 74 11.76 15.33 -8.46
N THR A 75 12.52 14.51 -9.18
CA THR A 75 12.13 14.08 -10.52
C THR A 75 10.72 13.49 -10.52
N GLU A 76 9.87 14.02 -11.38
CA GLU A 76 8.49 13.55 -11.48
C GLU A 76 8.45 12.05 -11.73
N ASN A 77 7.28 11.45 -11.52
CA ASN A 77 7.11 10.01 -11.71
C ASN A 77 7.99 9.23 -10.75
N SER A 78 8.11 9.73 -9.52
CA SER A 78 8.93 9.07 -8.50
C SER A 78 8.12 8.00 -7.77
N LYS A 79 8.73 6.83 -7.62
CA LYS A 79 8.08 5.72 -6.94
C LYS A 79 9.01 5.07 -5.92
N MET A 80 8.44 4.34 -4.97
CA MET A 80 9.23 3.67 -3.94
C MET A 80 8.66 2.29 -3.63
N MET A 81 9.53 1.30 -3.49
CA MET A 81 9.11 -0.06 -3.19
C MET A 81 8.76 -0.20 -1.71
N LEU A 82 7.64 -0.86 -1.42
CA LEU A 82 7.21 -1.06 -0.04
C LEU A 82 7.16 -2.55 0.28
N GLU A 83 7.00 -2.86 1.57
CA GLU A 83 6.93 -4.24 2.02
C GLU A 83 5.65 -4.50 2.81
N LEU A 84 4.89 -5.49 2.38
CA LEU A 84 3.63 -5.84 3.03
C LEU A 84 3.57 -7.34 3.32
N ASP A 85 2.85 -7.69 4.39
CA ASP A 85 2.71 -9.10 4.78
C ASP A 85 1.33 -9.35 5.36
N PRO A 86 0.30 -9.33 4.49
CA PRO A 86 -1.08 -9.57 4.89
C PRO A 86 -1.33 -11.01 5.30
N PRO A 87 -2.49 -11.27 5.92
CA PRO A 87 -2.88 -12.61 6.37
C PRO A 87 -3.19 -13.54 5.21
N PHE A 88 -3.39 -14.81 5.52
CA PHE A 88 -3.69 -15.81 4.49
C PHE A 88 -5.08 -15.57 3.89
N GLY A 89 -5.14 -15.56 2.57
CA GLY A 89 -6.41 -15.35 1.90
C GLY A 89 -6.32 -14.27 0.82
N ASP A 90 -7.46 -13.95 0.21
CA ASP A 90 -7.50 -12.93 -0.82
C ASP A 90 -7.92 -11.59 -0.25
N SER A 91 -7.19 -10.53 -0.61
CA SER A 91 -7.49 -9.19 -0.14
C SER A 91 -7.59 -8.20 -1.30
N TYR A 92 -7.95 -6.97 -0.99
CA TYR A 92 -8.08 -5.93 -2.00
C TYR A 92 -7.12 -4.78 -1.73
N ILE A 93 -6.06 -4.70 -2.53
CA ILE A 93 -5.06 -3.64 -2.38
C ILE A 93 -5.59 -2.31 -2.88
N VAL A 94 -5.50 -1.28 -2.05
CA VAL A 94 -5.98 0.05 -2.42
C VAL A 94 -4.97 1.11 -2.01
N ILE A 95 -4.77 2.10 -2.88
CA ILE A 95 -3.84 3.19 -2.61
C ILE A 95 -4.56 4.54 -2.58
N GLY A 96 -4.47 5.22 -1.45
CA GLY A 96 -5.11 6.51 -1.31
C GLY A 96 -6.61 6.45 -1.55
N VAL A 97 -7.25 7.61 -1.57
CA VAL A 97 -8.69 7.69 -1.78
C VAL A 97 -9.03 8.71 -2.86
N GLY A 98 -10.19 8.54 -3.48
CA GLY A 98 -10.61 9.45 -4.53
C GLY A 98 -11.56 8.80 -5.52
N GLU A 99 -11.83 9.50 -6.62
CA GLU A 99 -12.72 8.98 -7.64
C GLU A 99 -11.98 8.04 -8.59
N LYS A 100 -10.73 8.35 -8.88
CA LYS A 100 -9.91 7.54 -9.76
C LYS A 100 -9.04 6.57 -8.96
N LYS A 101 -9.58 6.09 -7.85
CA LYS A 101 -8.86 5.15 -6.99
C LYS A 101 -8.35 3.96 -7.80
N ILE A 102 -7.40 3.24 -7.23
CA ILE A 102 -6.81 2.08 -7.90
C ILE A 102 -6.97 0.82 -7.05
N THR A 103 -7.16 -0.32 -7.71
CA THR A 103 -7.32 -1.59 -7.02
C THR A 103 -6.63 -2.71 -7.77
N HIS A 104 -6.39 -3.83 -7.08
CA HIS A 104 -5.73 -4.97 -7.68
C HIS A 104 -6.06 -6.25 -6.92
N HIS A 105 -6.66 -7.21 -7.62
CA HIS A 105 -7.04 -8.48 -7.00
C HIS A 105 -5.81 -9.19 -6.43
N TRP A 106 -5.96 -9.75 -5.24
CA TRP A 106 -4.87 -10.45 -4.58
C TRP A 106 -5.35 -11.77 -3.99
N HIS A 107 -4.64 -12.85 -4.30
CA HIS A 107 -5.00 -14.17 -3.79
C HIS A 107 -3.74 -15.01 -3.52
N ARG A 108 -3.79 -15.80 -2.46
CA ARG A 108 -2.66 -16.64 -2.09
C ARG A 108 -2.73 -17.99 -2.80
N SER A 109 -1.57 -18.61 -3.00
CA SER A 109 -1.50 -19.90 -3.67
C SER A 109 -0.11 -20.50 -3.54
N GLY A 110 0.08 -21.66 -4.16
CA GLY A 110 1.37 -22.33 -4.10
C GLY A 110 1.27 -23.78 -3.68
N SER A 111 0.57 -24.03 -2.58
CA SER A 111 0.39 -25.38 -2.07
C SER A 111 -0.78 -26.07 -2.76
N THR A 112 -0.90 -27.38 -2.53
CA THR A 112 -1.98 -28.16 -3.13
C THR A 112 -2.86 -28.78 -2.06
N ILE A 113 -2.30 -29.70 -1.28
CA ILE A 113 -3.05 -30.36 -0.22
C ILE A 113 -3.30 -29.42 0.95
N GLY A 114 -3.94 -29.94 1.99
CA GLY A 114 -4.23 -29.12 3.16
C GLY A 114 -5.32 -29.73 4.03
N LYS A 115 -5.07 -30.95 4.52
CA LYS A 115 -6.04 -31.63 5.37
C LYS A 115 -7.32 -31.92 4.60
N MET A 1 -10.56 -8.65 21.69
CA MET A 1 -10.63 -8.57 20.24
C MET A 1 -10.90 -7.14 19.77
N ASP A 2 -9.89 -6.51 19.21
CA ASP A 2 -10.01 -5.15 18.72
C ASP A 2 -10.44 -4.20 19.84
N LYS A 3 -9.79 -4.34 20.99
CA LYS A 3 -10.09 -3.50 22.15
C LYS A 3 -8.85 -2.79 22.67
N LEU A 4 -9.04 -1.66 23.33
CA LEU A 4 -7.93 -0.89 23.88
C LEU A 4 -6.89 -0.61 22.81
N ARG A 5 -7.35 -0.37 21.58
CA ARG A 5 -6.46 -0.09 20.46
C ARG A 5 -6.14 1.40 20.39
N LEU A 6 -5.01 1.73 19.77
CA LEU A 6 -4.59 3.12 19.64
C LEU A 6 -5.04 3.70 18.30
N LYS A 7 -5.62 4.89 18.35
CA LYS A 7 -6.09 5.56 17.13
C LYS A 7 -5.09 6.62 16.68
N GLY A 8 -5.40 7.26 15.55
CA GLY A 8 -4.51 8.29 15.02
C GLY A 8 -4.56 8.37 13.51
N VAL A 9 -5.60 8.98 12.97
CA VAL A 9 -5.76 9.12 11.53
C VAL A 9 -5.56 10.56 11.10
N SER A 10 -4.71 10.75 10.09
CA SER A 10 -4.42 12.09 9.57
C SER A 10 -3.60 12.02 8.29
N TYR A 11 -4.13 12.58 7.21
CA TYR A 11 -3.44 12.57 5.93
C TYR A 11 -3.56 13.94 5.25
N SER A 12 -2.56 14.26 4.43
CA SER A 12 -2.54 15.54 3.72
C SER A 12 -3.26 15.42 2.38
N LEU A 13 -3.25 16.52 1.62
CA LEU A 13 -3.91 16.54 0.31
C LEU A 13 -2.88 16.58 -0.81
N CYS A 14 -3.22 15.98 -1.94
CA CYS A 14 -2.32 15.94 -3.10
C CYS A 14 -3.10 16.17 -4.39
N THR A 15 -2.37 16.26 -5.50
CA THR A 15 -2.99 16.47 -6.80
C THR A 15 -2.28 15.67 -7.89
N ALA A 16 -2.61 14.40 -8.00
CA ALA A 16 -2.00 13.52 -9.00
C ALA A 16 -2.72 12.18 -9.07
N ALA A 17 -2.99 11.72 -10.28
CA ALA A 17 -3.67 10.45 -10.49
C ALA A 17 -2.74 9.28 -10.21
N PHE A 18 -3.21 8.34 -9.38
CA PHE A 18 -2.41 7.17 -9.03
C PHE A 18 -2.85 5.95 -9.85
N THR A 19 -1.89 5.08 -10.15
CA THR A 19 -2.17 3.88 -10.93
C THR A 19 -1.11 2.81 -10.70
N PHE A 20 -1.56 1.58 -10.50
CA PHE A 20 -0.64 0.47 -10.26
C PHE A 20 0.18 0.16 -11.51
N THR A 21 1.46 -0.14 -11.31
CA THR A 21 2.36 -0.45 -12.42
C THR A 21 2.93 -1.85 -12.28
N LYS A 22 3.25 -2.25 -11.06
CA LYS A 22 3.80 -3.57 -10.79
C LYS A 22 2.85 -4.40 -9.92
N ILE A 23 2.19 -5.37 -10.53
CA ILE A 23 1.26 -6.23 -9.81
C ILE A 23 1.93 -6.88 -8.61
N PRO A 24 1.26 -6.83 -7.45
CA PRO A 24 1.77 -7.41 -6.21
C PRO A 24 1.79 -8.94 -6.25
N ALA A 25 2.86 -9.53 -5.73
CA ALA A 25 3.01 -10.98 -5.71
C ALA A 25 4.02 -11.42 -4.66
N GLU A 26 3.60 -12.31 -3.77
CA GLU A 26 4.47 -12.81 -2.72
C GLU A 26 5.58 -13.67 -3.29
N THR A 27 6.75 -13.64 -2.65
CA THR A 27 7.90 -14.41 -3.10
C THR A 27 8.34 -15.41 -2.03
N LEU A 28 9.45 -16.09 -2.29
CA LEU A 28 9.98 -17.08 -1.34
C LEU A 28 10.16 -16.46 0.04
N HIS A 29 10.50 -15.18 0.07
CA HIS A 29 10.70 -14.48 1.34
C HIS A 29 9.37 -14.29 2.06
N GLY A 30 8.29 -14.19 1.30
CA GLY A 30 6.98 -14.00 1.89
C GLY A 30 6.60 -12.54 2.03
N THR A 31 7.06 -11.73 1.09
CA THR A 31 6.78 -10.29 1.12
C THR A 31 6.25 -9.81 -0.23
N VAL A 32 5.34 -8.85 -0.19
CA VAL A 32 4.75 -8.31 -1.40
C VAL A 32 5.13 -6.84 -1.59
N THR A 33 5.41 -6.46 -2.84
CA THR A 33 5.79 -5.08 -3.15
C THR A 33 4.71 -4.39 -3.97
N VAL A 34 4.52 -3.10 -3.72
CA VAL A 34 3.52 -2.32 -4.44
C VAL A 34 4.14 -1.08 -5.07
N GLU A 35 3.93 -0.91 -6.37
CA GLU A 35 4.47 0.24 -7.08
C GLU A 35 3.38 0.92 -7.92
N VAL A 36 3.48 2.24 -8.06
CA VAL A 36 2.51 3.00 -8.84
C VAL A 36 3.20 4.08 -9.66
N GLN A 37 2.44 4.71 -10.55
CA GLN A 37 2.98 5.76 -11.40
C GLN A 37 2.58 7.14 -10.88
N TYR A 38 3.58 7.91 -10.45
CA TYR A 38 3.34 9.25 -9.92
C TYR A 38 3.36 10.29 -11.03
N ALA A 39 2.17 10.71 -11.46
CA ALA A 39 2.06 11.70 -12.52
C ALA A 39 1.75 13.08 -11.95
N GLY A 40 2.74 13.69 -11.29
CA GLY A 40 2.56 14.99 -10.70
C GLY A 40 3.86 15.63 -10.26
N THR A 41 3.88 16.94 -10.16
CA THR A 41 5.07 17.66 -9.75
C THR A 41 4.83 18.43 -8.45
N ASP A 42 4.17 17.77 -7.50
CA ASP A 42 3.88 18.38 -6.21
C ASP A 42 4.74 17.78 -5.11
N GLY A 43 5.99 17.47 -5.44
CA GLY A 43 6.90 16.88 -4.47
C GLY A 43 7.99 17.84 -4.04
N PRO A 44 8.96 17.33 -3.28
CA PRO A 44 8.99 15.92 -2.87
C PRO A 44 7.91 15.58 -1.87
N CYS A 45 7.09 14.59 -2.20
CA CYS A 45 5.99 14.17 -1.33
C CYS A 45 6.15 12.70 -0.94
N LYS A 46 5.42 12.29 0.09
CA LYS A 46 5.47 10.91 0.57
C LYS A 46 4.52 10.03 -0.24
N VAL A 47 4.93 8.77 -0.43
CA VAL A 47 4.10 7.82 -1.18
C VAL A 47 3.51 6.77 -0.25
N PRO A 48 2.28 7.03 0.24
CA PRO A 48 1.58 6.12 1.14
C PRO A 48 1.13 4.85 0.43
N ALA A 49 1.17 3.74 1.15
CA ALA A 49 0.76 2.45 0.60
C ALA A 49 0.38 1.47 1.70
N GLN A 50 -0.86 0.97 1.64
CA GLN A 50 -1.35 0.03 2.64
C GLN A 50 -2.69 -0.55 2.21
N MET A 51 -3.19 -1.52 2.98
CA MET A 51 -4.46 -2.16 2.69
C MET A 51 -5.35 -2.21 3.93
N ALA A 52 -6.62 -2.54 3.73
CA ALA A 52 -7.57 -2.62 4.83
C ALA A 52 -8.65 -3.65 4.54
N VAL A 53 -9.02 -4.41 5.57
CA VAL A 53 -10.05 -5.44 5.44
C VAL A 53 -11.44 -4.82 5.33
N ASP A 54 -11.66 -3.76 6.10
CA ASP A 54 -12.95 -3.07 6.10
C ASP A 54 -12.94 -1.91 5.11
N MET A 55 -14.12 -1.52 4.65
CA MET A 55 -14.25 -0.42 3.70
C MET A 55 -14.80 0.83 4.38
N GLN A 56 -15.71 0.63 5.34
CA GLN A 56 -16.31 1.74 6.07
C GLN A 56 -15.26 2.48 6.90
N THR A 57 -14.58 1.74 7.77
CA THR A 57 -13.56 2.33 8.62
C THR A 57 -12.19 2.27 7.96
N LEU A 58 -11.95 1.21 7.21
CA LEU A 58 -10.67 1.04 6.50
C LEU A 58 -9.50 1.20 7.46
N THR A 59 -9.54 0.47 8.58
CA THR A 59 -8.48 0.54 9.57
C THR A 59 -7.17 -0.02 9.02
N PRO A 60 -6.05 0.47 9.56
CA PRO A 60 -4.72 0.03 9.13
C PRO A 60 -4.41 -1.40 9.57
N VAL A 61 -4.02 -2.24 8.61
CA VAL A 61 -3.69 -3.62 8.90
C VAL A 61 -2.30 -3.98 8.40
N GLY A 62 -1.70 -5.00 8.99
CA GLY A 62 -0.37 -5.43 8.60
C GLY A 62 0.71 -4.54 9.17
N ARG A 63 1.96 -4.88 8.89
CA ARG A 63 3.10 -4.11 9.39
C ARG A 63 3.91 -3.53 8.24
N LEU A 64 4.51 -2.37 8.47
CA LEU A 64 5.32 -1.71 7.45
C LEU A 64 6.72 -2.31 7.37
N ILE A 65 7.31 -2.29 6.18
CA ILE A 65 8.64 -2.84 5.98
C ILE A 65 9.63 -1.74 5.65
N THR A 66 9.21 -0.77 4.85
CA THR A 66 10.06 0.33 4.45
C THR A 66 10.22 1.34 5.59
N ALA A 67 11.07 2.34 5.37
CA ALA A 67 11.31 3.36 6.38
C ALA A 67 10.51 4.62 6.09
N ASN A 68 10.71 5.20 4.91
CA ASN A 68 10.00 6.41 4.52
C ASN A 68 10.37 6.81 3.09
N PRO A 69 9.86 6.04 2.12
CA PRO A 69 10.12 6.29 0.69
C PRO A 69 9.42 7.56 0.20
N VAL A 70 10.19 8.46 -0.39
CA VAL A 70 9.64 9.71 -0.91
C VAL A 70 10.13 9.97 -2.34
N ILE A 71 9.28 10.62 -3.14
CA ILE A 71 9.62 10.93 -4.51
C ILE A 71 10.67 12.06 -4.58
N THR A 72 11.79 11.77 -5.22
CA THR A 72 12.86 12.75 -5.37
C THR A 72 12.99 13.23 -6.80
N GLU A 73 12.79 12.32 -7.75
CA GLU A 73 12.88 12.65 -9.16
C GLU A 73 11.87 13.73 -9.54
N SER A 74 12.31 14.70 -10.32
CA SER A 74 11.44 15.79 -10.75
C SER A 74 10.56 15.37 -11.92
N THR A 75 11.15 14.58 -12.81
CA THR A 75 10.42 14.10 -13.99
C THR A 75 9.12 13.42 -13.59
N GLU A 76 8.07 13.65 -14.39
CA GLU A 76 6.77 13.05 -14.11
C GLU A 76 6.79 11.55 -14.37
N ASN A 77 5.72 10.87 -13.97
CA ASN A 77 5.61 9.42 -14.15
C ASN A 77 6.72 8.70 -13.39
N SER A 78 6.95 9.12 -12.16
CA SER A 78 7.97 8.51 -11.32
C SER A 78 7.41 7.32 -10.55
N LYS A 79 8.25 6.31 -10.34
CA LYS A 79 7.85 5.12 -9.60
C LYS A 79 8.75 4.88 -8.40
N MET A 80 8.32 4.00 -7.50
CA MET A 80 9.09 3.68 -6.30
C MET A 80 8.64 2.35 -5.71
N MET A 81 9.56 1.39 -5.66
CA MET A 81 9.26 0.07 -5.12
C MET A 81 9.15 0.13 -3.59
N LEU A 82 8.25 -0.67 -3.04
CA LEU A 82 8.04 -0.72 -1.60
C LEU A 82 7.91 -2.16 -1.11
N GLU A 83 7.97 -2.34 0.20
CA GLU A 83 7.86 -3.66 0.80
C GLU A 83 6.67 -3.73 1.77
N LEU A 84 5.86 -4.77 1.63
CA LEU A 84 4.70 -4.95 2.48
C LEU A 84 4.57 -6.40 2.95
N ASP A 85 4.16 -6.59 4.19
CA ASP A 85 4.01 -7.92 4.76
C ASP A 85 2.71 -8.02 5.56
N PRO A 86 1.58 -7.99 4.86
CA PRO A 86 0.25 -8.08 5.49
C PRO A 86 -0.03 -9.47 6.06
N PRO A 87 -1.09 -9.57 6.87
CA PRO A 87 -1.49 -10.83 7.49
C PRO A 87 -2.04 -11.84 6.48
N PHE A 88 -2.58 -12.94 6.98
CA PHE A 88 -3.13 -13.98 6.13
C PHE A 88 -4.46 -13.53 5.52
N GLY A 89 -5.06 -14.38 4.69
CA GLY A 89 -6.32 -14.05 4.06
C GLY A 89 -6.14 -13.12 2.88
N ASP A 90 -7.15 -12.29 2.63
CA ASP A 90 -7.10 -11.35 1.52
C ASP A 90 -7.18 -9.91 2.02
N SER A 91 -6.99 -8.96 1.13
CA SER A 91 -7.03 -7.54 1.48
C SER A 91 -7.07 -6.66 0.23
N TYR A 92 -7.44 -5.41 0.41
CA TYR A 92 -7.53 -4.47 -0.70
C TYR A 92 -6.40 -3.45 -0.64
N ILE A 93 -5.45 -3.56 -1.56
CA ILE A 93 -4.32 -2.65 -1.62
C ILE A 93 -4.75 -1.27 -2.11
N VAL A 94 -4.51 -0.26 -1.29
CA VAL A 94 -4.86 1.12 -1.63
C VAL A 94 -3.66 2.05 -1.50
N ILE A 95 -3.53 2.96 -2.45
CA ILE A 95 -2.42 3.92 -2.45
C ILE A 95 -2.92 5.34 -2.22
N GLY A 96 -2.66 5.88 -1.03
CA GLY A 96 -3.08 7.22 -0.71
C GLY A 96 -4.59 7.39 -0.79
N VAL A 97 -5.04 8.63 -0.81
CA VAL A 97 -6.47 8.93 -0.88
C VAL A 97 -6.77 9.91 -2.01
N GLY A 98 -8.01 9.88 -2.50
CA GLY A 98 -8.39 10.77 -3.57
C GLY A 98 -9.76 10.43 -4.14
N GLU A 99 -10.09 11.03 -5.28
CA GLU A 99 -11.38 10.79 -5.92
C GLU A 99 -11.31 9.58 -6.83
N LYS A 100 -10.14 9.36 -7.44
CA LYS A 100 -9.93 8.22 -8.33
C LYS A 100 -9.00 7.20 -7.70
N LYS A 101 -9.12 7.02 -6.39
CA LYS A 101 -8.28 6.06 -5.67
C LYS A 101 -8.20 4.73 -6.43
N ILE A 102 -7.05 4.08 -6.34
CA ILE A 102 -6.84 2.81 -7.01
C ILE A 102 -7.01 1.64 -6.05
N THR A 103 -7.39 0.48 -6.59
CA THR A 103 -7.59 -0.70 -5.77
C THR A 103 -7.11 -1.96 -6.50
N HIS A 104 -6.70 -2.95 -5.72
CA HIS A 104 -6.21 -4.21 -6.29
C HIS A 104 -6.50 -5.38 -5.36
N HIS A 105 -7.06 -6.45 -5.91
CA HIS A 105 -7.39 -7.64 -5.13
C HIS A 105 -6.12 -8.43 -4.80
N TRP A 106 -6.03 -8.88 -3.54
CA TRP A 106 -4.87 -9.65 -3.10
C TRP A 106 -5.31 -10.86 -2.29
N HIS A 107 -4.77 -12.02 -2.64
CA HIS A 107 -5.09 -13.26 -1.96
C HIS A 107 -3.84 -13.96 -1.46
N ARG A 108 -3.95 -14.63 -0.31
CA ARG A 108 -2.82 -15.34 0.27
C ARG A 108 -3.07 -16.84 0.29
N SER A 109 -2.20 -17.60 -0.38
CA SER A 109 -2.32 -19.05 -0.45
C SER A 109 -1.25 -19.72 0.38
N GLY A 110 0.02 -19.53 -0.01
CA GLY A 110 1.12 -20.14 0.70
C GLY A 110 2.08 -20.86 -0.21
N SER A 111 3.15 -20.17 -0.61
CA SER A 111 4.14 -20.76 -1.51
C SER A 111 4.92 -21.88 -0.80
N THR A 112 5.25 -21.64 0.46
CA THR A 112 5.99 -22.61 1.25
C THR A 112 5.09 -23.31 2.26
N ILE A 113 3.90 -23.70 1.81
CA ILE A 113 2.94 -24.37 2.68
C ILE A 113 3.34 -25.82 2.92
N GLY A 114 3.42 -26.21 4.19
CA GLY A 114 3.80 -27.57 4.52
C GLY A 114 2.60 -28.50 4.55
N LYS A 115 1.46 -27.98 4.98
CA LYS A 115 0.23 -28.78 5.06
C LYS A 115 -0.91 -28.08 4.32
N MET A 1 20.44 23.58 15.27
CA MET A 1 19.21 23.43 16.04
C MET A 1 18.12 22.78 15.18
N ASP A 2 17.68 21.60 15.61
CA ASP A 2 16.64 20.87 14.89
C ASP A 2 15.38 20.75 15.74
N LYS A 3 14.89 21.88 16.23
CA LYS A 3 13.69 21.91 17.05
C LYS A 3 12.44 21.67 16.20
N LEU A 4 11.83 20.50 16.39
CA LEU A 4 10.63 20.14 15.63
C LEU A 4 9.63 19.42 16.52
N ARG A 5 8.57 20.12 16.89
CA ARG A 5 7.53 19.55 17.75
C ARG A 5 6.14 19.96 17.27
N LEU A 6 5.11 19.53 18.00
CA LEU A 6 3.73 19.85 17.66
C LEU A 6 3.56 21.36 17.46
N LYS A 7 2.67 21.73 16.55
CA LYS A 7 2.40 23.14 16.28
C LYS A 7 0.91 23.36 15.98
N GLY A 8 0.56 24.61 15.70
CA GLY A 8 -0.82 24.93 15.39
C GLY A 8 -1.12 24.88 13.90
N VAL A 9 -0.24 25.47 13.10
CA VAL A 9 -0.41 25.48 11.65
C VAL A 9 -0.63 24.07 11.12
N SER A 10 -1.52 23.96 10.14
CA SER A 10 -1.83 22.66 9.53
C SER A 10 -2.52 22.85 8.19
N TYR A 11 -1.96 22.26 7.14
CA TYR A 11 -2.52 22.35 5.81
C TYR A 11 -3.85 21.60 5.72
N SER A 12 -4.58 21.82 4.63
CA SER A 12 -5.86 21.17 4.43
C SER A 12 -5.68 19.76 3.85
N LEU A 13 -6.77 19.01 3.79
CA LEU A 13 -6.73 17.66 3.26
C LEU A 13 -6.09 17.62 1.87
N CYS A 14 -5.59 16.46 1.48
CA CYS A 14 -4.95 16.30 0.18
C CYS A 14 -5.46 15.04 -0.52
N THR A 15 -5.17 14.95 -1.82
CA THR A 15 -5.61 13.80 -2.61
C THR A 15 -4.60 13.48 -3.71
N ALA A 16 -3.55 12.75 -3.34
CA ALA A 16 -2.51 12.37 -4.30
C ALA A 16 -3.02 11.31 -5.26
N ALA A 17 -2.26 11.07 -6.32
CA ALA A 17 -2.62 10.06 -7.31
C ALA A 17 -2.00 8.71 -6.99
N PHE A 18 -2.66 7.64 -7.42
CA PHE A 18 -2.16 6.28 -7.17
C PHE A 18 -2.27 5.43 -8.44
N THR A 19 -1.30 4.55 -8.63
CA THR A 19 -1.28 3.66 -9.79
C THR A 19 -0.30 2.52 -9.59
N PHE A 20 -0.79 1.30 -9.82
CA PHE A 20 0.05 0.11 -9.66
C PHE A 20 1.16 0.09 -10.71
N THR A 21 2.37 -0.25 -10.26
CA THR A 21 3.53 -0.30 -11.15
C THR A 21 4.12 -1.71 -11.19
N LYS A 22 4.20 -2.34 -10.02
CA LYS A 22 4.74 -3.70 -9.93
C LYS A 22 3.66 -4.70 -9.54
N ILE A 23 3.24 -5.51 -10.50
CA ILE A 23 2.21 -6.50 -10.25
C ILE A 23 2.60 -7.43 -9.10
N PRO A 24 1.65 -7.65 -8.18
CA PRO A 24 1.88 -8.51 -7.01
C PRO A 24 1.99 -9.98 -7.38
N ALA A 25 2.72 -10.74 -6.57
CA ALA A 25 2.90 -12.17 -6.82
C ALA A 25 3.60 -12.84 -5.65
N GLU A 26 3.03 -13.95 -5.17
CA GLU A 26 3.61 -14.69 -4.06
C GLU A 26 4.92 -15.35 -4.47
N THR A 27 5.84 -15.47 -3.52
CA THR A 27 7.14 -16.08 -3.76
C THR A 27 7.35 -17.33 -2.91
N LEU A 28 8.54 -17.89 -2.96
CA LEU A 28 8.87 -19.09 -2.19
C LEU A 28 8.55 -18.88 -0.71
N HIS A 29 8.74 -17.65 -0.24
CA HIS A 29 8.47 -17.32 1.16
C HIS A 29 6.97 -17.35 1.44
N GLY A 30 6.18 -17.05 0.43
CA GLY A 30 4.73 -17.05 0.58
C GLY A 30 4.20 -15.68 0.98
N THR A 31 4.85 -14.63 0.48
CA THR A 31 4.44 -13.26 0.79
C THR A 31 4.29 -12.44 -0.48
N VAL A 32 3.33 -11.53 -0.48
CA VAL A 32 3.09 -10.67 -1.64
C VAL A 32 3.39 -9.21 -1.31
N THR A 33 4.01 -8.52 -2.25
CA THR A 33 4.36 -7.12 -2.07
C THR A 33 3.59 -6.22 -3.04
N VAL A 34 3.25 -5.02 -2.57
CA VAL A 34 2.51 -4.07 -3.40
C VAL A 34 3.18 -2.71 -3.40
N GLU A 35 3.50 -2.21 -4.59
CA GLU A 35 4.14 -0.90 -4.72
C GLU A 35 3.44 -0.06 -5.79
N VAL A 36 3.31 1.24 -5.51
CA VAL A 36 2.67 2.16 -6.44
C VAL A 36 3.42 3.48 -6.53
N GLN A 37 2.93 4.39 -7.37
CA GLN A 37 3.56 5.69 -7.54
C GLN A 37 2.84 6.75 -6.72
N TYR A 38 3.44 7.16 -5.62
CA TYR A 38 2.86 8.17 -4.74
C TYR A 38 3.27 9.57 -5.17
N ALA A 39 2.35 10.31 -5.77
CA ALA A 39 2.62 11.66 -6.23
C ALA A 39 2.18 12.69 -5.19
N GLY A 40 2.63 12.51 -3.96
CA GLY A 40 2.28 13.43 -2.89
C GLY A 40 2.74 14.84 -3.16
N THR A 41 1.81 15.79 -3.11
CA THR A 41 2.14 17.20 -3.35
C THR A 41 3.32 17.65 -2.50
N ASP A 42 3.36 17.16 -1.27
CA ASP A 42 4.44 17.52 -0.34
C ASP A 42 4.55 16.49 0.78
N GLY A 43 5.48 15.55 0.64
CA GLY A 43 5.67 14.53 1.65
C GLY A 43 6.36 15.06 2.89
N PRO A 44 6.67 14.16 3.83
CA PRO A 44 6.37 12.74 3.69
C PRO A 44 4.88 12.45 3.77
N CYS A 45 4.49 11.22 3.44
CA CYS A 45 3.09 10.82 3.48
C CYS A 45 2.95 9.32 3.71
N LYS A 46 1.90 8.93 4.43
CA LYS A 46 1.66 7.52 4.72
C LYS A 46 1.10 6.79 3.50
N VAL A 47 1.50 5.54 3.32
CA VAL A 47 1.04 4.75 2.20
C VAL A 47 0.08 3.66 2.65
N PRO A 48 -1.23 3.97 2.64
CA PRO A 48 -2.28 3.04 3.05
C PRO A 48 -2.45 1.89 2.07
N ALA A 49 -2.80 0.71 2.60
CA ALA A 49 -2.99 -0.47 1.76
C ALA A 49 -3.92 -1.47 2.43
N GLN A 50 -5.02 -1.79 1.77
CA GLN A 50 -5.99 -2.74 2.31
C GLN A 50 -6.48 -3.70 1.23
N MET A 51 -7.18 -4.75 1.65
CA MET A 51 -7.69 -5.74 0.72
C MET A 51 -8.94 -6.42 1.29
N ALA A 52 -10.03 -6.36 0.54
CA ALA A 52 -11.29 -6.97 0.97
C ALA A 52 -12.10 -7.45 -0.24
N VAL A 53 -12.85 -8.54 -0.05
CA VAL A 53 -13.67 -9.10 -1.12
C VAL A 53 -14.89 -8.23 -1.37
N ASP A 54 -15.44 -7.65 -0.30
CA ASP A 54 -16.61 -6.80 -0.40
C ASP A 54 -16.22 -5.33 -0.48
N MET A 55 -17.08 -4.53 -1.11
CA MET A 55 -16.82 -3.10 -1.25
C MET A 55 -17.66 -2.29 -0.26
N GLN A 56 -18.89 -2.73 -0.03
CA GLN A 56 -19.78 -2.06 0.88
C GLN A 56 -19.30 -2.21 2.33
N THR A 57 -18.78 -3.38 2.66
CA THR A 57 -18.30 -3.65 4.00
C THR A 57 -16.80 -3.34 4.11
N LEU A 58 -16.03 -3.83 3.14
CA LEU A 58 -14.59 -3.61 3.13
C LEU A 58 -13.95 -4.08 4.44
N THR A 59 -14.24 -5.32 4.82
CA THR A 59 -13.70 -5.88 6.05
C THR A 59 -12.20 -6.14 5.92
N PRO A 60 -11.49 -6.10 7.06
CA PRO A 60 -10.04 -6.33 7.10
C PRO A 60 -9.68 -7.78 6.82
N VAL A 61 -8.86 -7.98 5.79
CA VAL A 61 -8.44 -9.33 5.41
C VAL A 61 -6.95 -9.53 5.67
N GLY A 62 -6.58 -10.74 6.08
CA GLY A 62 -5.19 -11.04 6.36
C GLY A 62 -4.66 -10.27 7.55
N ARG A 63 -3.34 -10.20 7.67
CA ARG A 63 -2.70 -9.50 8.78
C ARG A 63 -1.66 -8.51 8.26
N LEU A 64 -1.13 -7.70 9.16
CA LEU A 64 -0.12 -6.70 8.80
C LEU A 64 1.28 -7.21 9.12
N ILE A 65 2.18 -7.11 8.14
CA ILE A 65 3.56 -7.55 8.32
C ILE A 65 4.49 -6.37 8.53
N THR A 66 4.21 -5.27 7.85
CA THR A 66 5.02 -4.07 7.96
C THR A 66 4.71 -3.32 9.25
N ALA A 67 5.58 -2.38 9.61
CA ALA A 67 5.40 -1.58 10.81
C ALA A 67 4.71 -0.26 10.51
N ASN A 68 5.31 0.53 9.63
CA ASN A 68 4.75 1.82 9.25
C ASN A 68 5.63 2.51 8.21
N PRO A 69 5.66 1.96 6.99
CA PRO A 69 6.46 2.50 5.89
C PRO A 69 5.91 3.82 5.37
N VAL A 70 6.78 4.82 5.27
CA VAL A 70 6.37 6.13 4.79
C VAL A 70 7.35 6.66 3.73
N ILE A 71 6.83 7.45 2.80
CA ILE A 71 7.65 8.01 1.73
C ILE A 71 8.62 9.06 2.28
N THR A 72 9.91 8.73 2.26
CA THR A 72 10.93 9.64 2.76
C THR A 72 11.79 10.18 1.61
N GLU A 73 11.31 10.00 0.39
CA GLU A 73 12.03 10.47 -0.79
C GLU A 73 11.57 11.87 -1.18
N SER A 74 12.54 12.76 -1.40
CA SER A 74 12.24 14.13 -1.77
C SER A 74 11.58 14.19 -3.14
N THR A 75 12.05 13.36 -4.07
CA THR A 75 11.51 13.32 -5.41
C THR A 75 10.12 12.68 -5.42
N GLU A 76 9.19 13.33 -6.12
CA GLU A 76 7.82 12.83 -6.20
C GLU A 76 7.77 11.47 -6.90
N ASN A 77 6.57 10.93 -7.05
CA ASN A 77 6.39 9.64 -7.70
C ASN A 77 7.30 8.58 -7.07
N SER A 78 7.42 8.63 -5.74
CA SER A 78 8.26 7.67 -5.02
C SER A 78 7.61 6.30 -4.99
N LYS A 79 8.45 5.26 -4.95
CA LYS A 79 7.97 3.89 -4.92
C LYS A 79 8.52 3.15 -3.71
N MET A 80 7.67 2.34 -3.07
CA MET A 80 8.07 1.58 -1.91
C MET A 80 7.42 0.20 -1.90
N MET A 81 8.10 -0.77 -1.30
CA MET A 81 7.57 -2.13 -1.22
C MET A 81 6.88 -2.38 0.11
N LEU A 82 6.09 -3.45 0.17
CA LEU A 82 5.37 -3.79 1.39
C LEU A 82 5.26 -5.31 1.54
N GLU A 83 4.89 -5.74 2.75
CA GLU A 83 4.75 -7.17 3.02
C GLU A 83 3.30 -7.51 3.36
N LEU A 84 2.74 -8.46 2.62
CA LEU A 84 1.35 -8.88 2.84
C LEU A 84 1.26 -10.40 2.84
N ASP A 85 0.52 -10.93 3.82
CA ASP A 85 0.33 -12.38 3.93
C ASP A 85 -1.13 -12.73 4.18
N PRO A 86 -1.95 -12.58 3.12
CA PRO A 86 -3.39 -12.87 3.20
C PRO A 86 -3.68 -14.36 3.33
N PRO A 87 -4.93 -14.69 3.67
CA PRO A 87 -5.37 -16.08 3.84
C PRO A 87 -5.40 -16.85 2.51
N PHE A 88 -5.94 -18.05 2.56
CA PHE A 88 -6.04 -18.89 1.36
C PHE A 88 -7.26 -18.49 0.52
N GLY A 89 -7.02 -18.13 -0.73
CA GLY A 89 -8.10 -17.74 -1.62
C GLY A 89 -7.73 -16.56 -2.50
N ASP A 90 -8.73 -15.80 -2.92
CA ASP A 90 -8.51 -14.63 -3.77
C ASP A 90 -9.06 -13.37 -3.11
N SER A 91 -8.43 -12.24 -3.41
CA SER A 91 -8.86 -10.97 -2.84
C SER A 91 -8.58 -9.82 -3.81
N TYR A 92 -9.00 -8.61 -3.43
CA TYR A 92 -8.80 -7.44 -4.28
C TYR A 92 -7.87 -6.45 -3.60
N ILE A 93 -6.66 -6.32 -4.14
CA ILE A 93 -5.67 -5.41 -3.60
C ILE A 93 -6.03 -3.96 -3.91
N VAL A 94 -6.33 -3.19 -2.86
CA VAL A 94 -6.69 -1.78 -3.03
C VAL A 94 -5.71 -0.88 -2.29
N ILE A 95 -5.28 0.18 -2.97
CA ILE A 95 -4.34 1.13 -2.37
C ILE A 95 -5.00 2.48 -2.12
N GLY A 96 -5.00 2.92 -0.87
CA GLY A 96 -5.60 4.19 -0.52
C GLY A 96 -7.04 4.31 -1.00
N VAL A 97 -7.61 5.50 -0.89
CA VAL A 97 -8.98 5.74 -1.32
C VAL A 97 -9.12 7.09 -2.02
N GLY A 98 -10.13 7.22 -2.86
CA GLY A 98 -10.35 8.46 -3.57
C GLY A 98 -11.06 8.26 -4.89
N GLU A 99 -10.91 9.21 -5.80
CA GLU A 99 -11.55 9.14 -7.11
C GLU A 99 -10.70 8.31 -8.08
N LYS A 100 -9.39 8.43 -7.95
CA LYS A 100 -8.46 7.69 -8.80
C LYS A 100 -8.02 6.39 -8.14
N LYS A 101 -8.93 5.78 -7.37
CA LYS A 101 -8.63 4.53 -6.68
C LYS A 101 -8.06 3.50 -7.66
N ILE A 102 -7.42 2.47 -7.11
CA ILE A 102 -6.83 1.41 -7.92
C ILE A 102 -7.10 0.04 -7.32
N THR A 103 -7.36 -0.94 -8.18
CA THR A 103 -7.64 -2.30 -7.73
C THR A 103 -6.94 -3.32 -8.63
N HIS A 104 -6.66 -4.50 -8.07
CA HIS A 104 -6.00 -5.56 -8.81
C HIS A 104 -6.53 -6.93 -8.41
N HIS A 105 -6.61 -7.84 -9.36
CA HIS A 105 -7.11 -9.18 -9.11
C HIS A 105 -6.00 -10.07 -8.53
N TRP A 106 -6.25 -10.62 -7.35
CA TRP A 106 -5.28 -11.49 -6.69
C TRP A 106 -5.84 -12.89 -6.50
N HIS A 107 -5.39 -13.83 -7.31
CA HIS A 107 -5.85 -15.22 -7.22
C HIS A 107 -4.71 -16.14 -6.80
N ARG A 108 -5.02 -17.06 -5.90
CA ARG A 108 -4.03 -18.01 -5.40
C ARG A 108 -3.98 -19.26 -6.27
N SER A 109 -2.78 -19.77 -6.52
CA SER A 109 -2.61 -20.96 -7.34
C SER A 109 -1.57 -21.90 -6.72
N GLY A 110 -0.35 -21.40 -6.56
CA GLY A 110 0.71 -22.21 -5.97
C GLY A 110 2.01 -22.10 -6.74
N SER A 111 3.11 -21.98 -6.01
CA SER A 111 4.43 -21.86 -6.64
C SER A 111 5.33 -23.02 -6.22
N THR A 112 5.30 -23.36 -4.93
CA THR A 112 6.11 -24.45 -4.41
C THR A 112 5.25 -25.65 -4.04
N ILE A 113 4.26 -25.95 -4.88
CA ILE A 113 3.37 -27.07 -4.64
C ILE A 113 4.15 -28.37 -4.51
N GLY A 114 4.11 -28.96 -3.32
CA GLY A 114 4.82 -30.22 -3.09
C GLY A 114 3.88 -31.38 -2.87
N LYS A 115 3.00 -31.61 -3.83
CA LYS A 115 2.03 -32.71 -3.74
C LYS A 115 2.40 -33.83 -4.69
N MET A 1 18.43 15.59 20.69
CA MET A 1 18.61 14.24 21.20
C MET A 1 17.28 13.63 21.63
N ASP A 2 16.61 14.28 22.58
CA ASP A 2 15.32 13.80 23.08
C ASP A 2 14.28 13.82 21.97
N LYS A 3 13.20 13.08 22.18
CA LYS A 3 12.12 13.01 21.20
C LYS A 3 10.82 13.58 21.76
N LEU A 4 9.95 14.02 20.87
CA LEU A 4 8.66 14.60 21.28
C LEU A 4 7.51 13.96 20.52
N ARG A 5 6.36 13.87 21.16
CA ARG A 5 5.17 13.28 20.55
C ARG A 5 4.53 14.25 19.57
N LEU A 6 3.69 13.73 18.68
CA LEU A 6 3.01 14.55 17.69
C LEU A 6 1.65 15.01 18.20
N LYS A 7 1.07 16.00 17.52
CA LYS A 7 -0.24 16.52 17.89
C LYS A 7 -1.30 15.43 17.84
N GLY A 8 -2.54 15.81 18.13
CA GLY A 8 -3.64 14.85 18.10
C GLY A 8 -3.88 14.29 16.72
N VAL A 9 -4.15 12.99 16.66
CA VAL A 9 -4.40 12.32 15.38
C VAL A 9 -5.52 13.02 14.61
N SER A 10 -5.38 13.05 13.29
CA SER A 10 -6.37 13.69 12.43
C SER A 10 -6.04 13.47 10.96
N TYR A 11 -7.05 13.12 10.17
CA TYR A 11 -6.87 12.88 8.75
C TYR A 11 -6.68 14.19 8.00
N SER A 12 -6.26 14.09 6.74
CA SER A 12 -6.03 15.27 5.91
C SER A 12 -6.64 15.07 4.52
N LEU A 13 -6.53 16.11 3.68
CA LEU A 13 -7.05 16.05 2.33
C LEU A 13 -5.96 16.31 1.30
N CYS A 14 -6.18 15.85 0.08
CA CYS A 14 -5.21 16.05 -1.00
C CYS A 14 -5.82 15.73 -2.36
N THR A 15 -5.08 15.99 -3.42
CA THR A 15 -5.56 15.73 -4.77
C THR A 15 -4.43 15.21 -5.66
N ALA A 16 -4.17 13.91 -5.57
CA ALA A 16 -3.12 13.28 -6.36
C ALA A 16 -3.54 11.90 -6.84
N ALA A 17 -3.45 11.68 -8.14
CA ALA A 17 -3.83 10.40 -8.74
C ALA A 17 -2.62 9.46 -8.82
N PHE A 18 -2.76 8.28 -8.24
CA PHE A 18 -1.69 7.29 -8.24
C PHE A 18 -2.11 6.03 -9.01
N THR A 19 -1.13 5.21 -9.35
CA THR A 19 -1.39 3.98 -10.09
C THR A 19 -0.24 2.99 -9.95
N PHE A 20 -0.56 1.71 -9.92
CA PHE A 20 0.45 0.66 -9.78
C PHE A 20 1.53 0.81 -10.85
N THR A 21 2.78 0.60 -10.46
CA THR A 21 3.91 0.71 -11.37
C THR A 21 4.66 -0.60 -11.48
N LYS A 22 4.71 -1.34 -10.38
CA LYS A 22 5.40 -2.63 -10.36
C LYS A 22 4.50 -3.72 -9.79
N ILE A 23 4.05 -4.61 -10.67
CA ILE A 23 3.18 -5.71 -10.25
C ILE A 23 3.81 -6.52 -9.13
N PRO A 24 3.01 -6.80 -8.09
CA PRO A 24 3.46 -7.57 -6.93
C PRO A 24 3.70 -9.04 -7.26
N ALA A 25 4.39 -9.74 -6.36
CA ALA A 25 4.68 -11.16 -6.57
C ALA A 25 5.44 -11.73 -5.38
N GLU A 26 4.89 -12.79 -4.79
CA GLU A 26 5.51 -13.44 -3.64
C GLU A 26 6.77 -14.21 -4.06
N THR A 27 7.70 -14.35 -3.12
CA THR A 27 8.94 -15.06 -3.40
C THR A 27 9.15 -16.22 -2.42
N LEU A 28 10.26 -16.91 -2.56
CA LEU A 28 10.58 -18.04 -1.69
C LEU A 28 10.54 -17.63 -0.23
N HIS A 29 10.87 -16.37 0.03
CA HIS A 29 10.88 -15.84 1.39
C HIS A 29 9.45 -15.73 1.94
N GLY A 30 8.50 -15.51 1.04
CA GLY A 30 7.11 -15.39 1.46
C GLY A 30 6.71 -13.96 1.74
N THR A 31 7.19 -13.04 0.91
CA THR A 31 6.88 -11.63 1.08
C THR A 31 6.52 -10.98 -0.26
N VAL A 32 5.59 -10.02 -0.21
CA VAL A 32 5.17 -9.32 -1.42
C VAL A 32 5.39 -7.82 -1.29
N THR A 33 5.81 -7.19 -2.39
CA THR A 33 6.06 -5.76 -2.39
C THR A 33 5.07 -5.04 -3.31
N VAL A 34 4.66 -3.84 -2.91
CA VAL A 34 3.73 -3.04 -3.69
C VAL A 34 4.30 -1.66 -3.99
N GLU A 35 4.38 -1.32 -5.27
CA GLU A 35 4.91 -0.03 -5.68
C GLU A 35 3.86 0.75 -6.48
N VAL A 36 3.71 2.03 -6.15
CA VAL A 36 2.74 2.88 -6.84
C VAL A 36 3.38 4.21 -7.24
N GLN A 37 2.80 4.86 -8.24
CA GLN A 37 3.30 6.14 -8.72
C GLN A 37 2.48 7.30 -8.16
N TYR A 38 3.14 8.40 -7.86
CA TYR A 38 2.47 9.57 -7.31
C TYR A 38 2.63 10.78 -8.24
N ALA A 39 1.50 11.30 -8.71
CA ALA A 39 1.51 12.45 -9.59
C ALA A 39 1.83 13.73 -8.84
N GLY A 40 1.35 13.82 -7.60
CA GLY A 40 1.59 14.99 -6.79
C GLY A 40 3.07 15.36 -6.72
N THR A 41 3.44 16.43 -7.42
CA THR A 41 4.82 16.88 -7.43
C THR A 41 5.06 17.97 -6.39
N ASP A 42 4.39 17.85 -5.25
CA ASP A 42 4.54 18.82 -4.17
C ASP A 42 5.04 18.15 -2.90
N GLY A 43 4.21 17.30 -2.32
CA GLY A 43 4.60 16.61 -1.10
C GLY A 43 5.09 17.56 -0.02
N PRO A 44 5.62 17.00 1.08
CA PRO A 44 5.72 15.54 1.25
C PRO A 44 4.36 14.88 1.44
N CYS A 45 4.31 13.57 1.23
CA CYS A 45 3.07 12.82 1.37
C CYS A 45 3.36 11.36 1.68
N LYS A 46 2.51 10.75 2.50
CA LYS A 46 2.67 9.35 2.88
C LYS A 46 2.04 8.43 1.84
N VAL A 47 2.62 7.25 1.66
CA VAL A 47 2.12 6.27 0.71
C VAL A 47 1.44 5.10 1.40
N PRO A 48 0.12 5.21 1.60
CA PRO A 48 -0.67 4.16 2.26
C PRO A 48 -0.80 2.90 1.41
N ALA A 49 -0.81 1.75 2.07
CA ALA A 49 -0.94 0.47 1.37
C ALA A 49 -1.49 -0.61 2.29
N GLN A 50 -2.35 -1.46 1.75
CA GLN A 50 -2.95 -2.53 2.51
C GLN A 50 -3.80 -3.44 1.63
N MET A 51 -4.33 -4.51 2.22
CA MET A 51 -5.17 -5.45 1.47
C MET A 51 -6.42 -5.81 2.26
N ALA A 52 -7.25 -6.67 1.69
CA ALA A 52 -8.48 -7.10 2.34
C ALA A 52 -9.19 -8.16 1.52
N VAL A 53 -9.88 -9.07 2.21
CA VAL A 53 -10.61 -10.16 1.54
C VAL A 53 -11.78 -9.61 0.74
N ASP A 54 -12.42 -8.57 1.26
CA ASP A 54 -13.57 -7.96 0.60
C ASP A 54 -13.40 -6.44 0.54
N MET A 55 -14.31 -5.80 -0.19
CA MET A 55 -14.28 -4.34 -0.32
C MET A 55 -15.38 -3.69 0.51
N GLN A 56 -16.53 -4.36 0.58
CA GLN A 56 -17.66 -3.84 1.33
C GLN A 56 -17.25 -3.48 2.76
N THR A 57 -16.38 -4.29 3.34
CA THR A 57 -15.90 -4.06 4.70
C THR A 57 -14.45 -3.62 4.70
N LEU A 58 -13.65 -4.22 3.81
CA LEU A 58 -12.23 -3.88 3.72
C LEU A 58 -11.55 -4.01 5.08
N THR A 59 -11.90 -5.05 5.82
CA THR A 59 -11.32 -5.29 7.13
C THR A 59 -9.81 -5.42 7.05
N PRO A 60 -9.12 -5.07 8.15
CA PRO A 60 -7.66 -5.13 8.23
C PRO A 60 -7.15 -6.57 8.24
N VAL A 61 -6.22 -6.88 7.34
CA VAL A 61 -5.64 -8.21 7.25
C VAL A 61 -4.18 -8.15 6.81
N GLY A 62 -3.39 -9.10 7.31
CA GLY A 62 -1.98 -9.14 6.95
C GLY A 62 -1.09 -8.53 8.01
N ARG A 63 0.22 -8.62 7.82
CA ARG A 63 1.17 -8.08 8.78
C ARG A 63 1.89 -6.86 8.20
N LEU A 64 2.44 -6.03 9.08
CA LEU A 64 3.15 -4.83 8.66
C LEU A 64 4.66 -4.99 8.85
N ILE A 65 5.41 -4.65 7.82
CA ILE A 65 6.87 -4.76 7.88
C ILE A 65 7.51 -3.38 7.92
N THR A 66 7.01 -2.47 7.08
CA THR A 66 7.54 -1.11 7.03
C THR A 66 7.16 -0.32 8.27
N ALA A 67 7.82 0.82 8.47
CA ALA A 67 7.54 1.68 9.61
C ALA A 67 6.64 2.84 9.22
N ASN A 68 7.10 3.64 8.26
CA ASN A 68 6.34 4.80 7.80
C ASN A 68 7.05 5.48 6.63
N PRO A 69 7.10 4.79 5.48
CA PRO A 69 7.74 5.31 4.28
C PRO A 69 6.97 6.48 3.67
N VAL A 70 7.64 7.63 3.54
CA VAL A 70 7.01 8.81 2.96
C VAL A 70 7.67 9.20 1.65
N ILE A 71 6.99 10.02 0.86
CA ILE A 71 7.51 10.47 -0.42
C ILE A 71 8.37 11.73 -0.26
N THR A 72 9.68 11.55 -0.30
CA THR A 72 10.60 12.66 -0.16
C THR A 72 10.92 13.30 -1.51
N GLU A 73 11.16 12.45 -2.51
CA GLU A 73 11.47 12.93 -3.85
C GLU A 73 10.42 13.93 -4.33
N SER A 74 10.88 15.01 -4.95
CA SER A 74 9.99 16.05 -5.46
C SER A 74 9.58 15.75 -6.90
N THR A 75 10.51 15.20 -7.67
CA THR A 75 10.25 14.88 -9.07
C THR A 75 9.01 14.00 -9.21
N GLU A 76 8.22 14.25 -10.25
CA GLU A 76 7.02 13.48 -10.49
C GLU A 76 7.33 11.99 -10.60
N ASN A 77 6.29 11.17 -10.74
CA ASN A 77 6.46 9.73 -10.86
C ASN A 77 7.20 9.17 -9.65
N SER A 78 6.90 9.71 -8.48
CA SER A 78 7.55 9.27 -7.25
C SER A 78 6.92 7.97 -6.74
N LYS A 79 7.73 6.94 -6.60
CA LYS A 79 7.25 5.65 -6.12
C LYS A 79 8.14 5.13 -4.99
N MET A 80 7.57 4.27 -4.15
CA MET A 80 8.31 3.70 -3.03
C MET A 80 7.96 2.21 -2.86
N MET A 81 8.99 1.39 -2.66
CA MET A 81 8.80 -0.04 -2.48
C MET A 81 8.32 -0.35 -1.05
N LEU A 82 7.22 -1.08 -0.94
CA LEU A 82 6.68 -1.44 0.37
C LEU A 82 6.88 -2.93 0.64
N GLU A 83 6.68 -3.32 1.90
CA GLU A 83 6.83 -4.72 2.29
C GLU A 83 5.58 -5.23 2.99
N LEU A 84 5.00 -6.29 2.45
CA LEU A 84 3.80 -6.89 3.01
C LEU A 84 3.94 -8.39 3.17
N ASP A 85 3.52 -8.91 4.31
CA ASP A 85 3.60 -10.34 4.58
C ASP A 85 2.23 -10.91 4.94
N PRO A 86 1.33 -10.98 3.95
CA PRO A 86 -0.03 -11.50 4.13
C PRO A 86 -0.03 -13.01 4.38
N PRO A 87 -1.20 -13.52 4.81
CA PRO A 87 -1.37 -14.95 5.10
C PRO A 87 -1.34 -15.80 3.84
N PHE A 88 -1.66 -17.08 3.99
CA PHE A 88 -1.67 -18.00 2.85
C PHE A 88 -3.06 -18.09 2.24
N GLY A 89 -3.30 -17.27 1.22
CA GLY A 89 -4.60 -17.27 0.57
C GLY A 89 -4.69 -16.22 -0.52
N ASP A 90 -5.91 -15.75 -0.79
CA ASP A 90 -6.13 -14.73 -1.81
C ASP A 90 -6.69 -13.45 -1.19
N SER A 91 -6.42 -12.33 -1.85
CA SER A 91 -6.89 -11.03 -1.36
C SER A 91 -6.71 -9.95 -2.43
N TYR A 92 -7.11 -8.74 -2.09
CA TYR A 92 -7.00 -7.61 -3.03
C TYR A 92 -6.11 -6.52 -2.45
N ILE A 93 -5.01 -6.23 -3.13
CA ILE A 93 -4.08 -5.20 -2.68
C ILE A 93 -4.58 -3.81 -3.08
N VAL A 94 -5.13 -3.09 -2.12
CA VAL A 94 -5.64 -1.74 -2.37
C VAL A 94 -4.67 -0.69 -1.85
N ILE A 95 -4.44 0.34 -2.65
CA ILE A 95 -3.54 1.43 -2.27
C ILE A 95 -4.30 2.73 -2.07
N GLY A 96 -4.02 3.41 -0.96
CA GLY A 96 -4.68 4.66 -0.67
C GLY A 96 -6.19 4.56 -0.77
N VAL A 97 -6.85 5.70 -0.92
CA VAL A 97 -8.31 5.74 -1.02
C VAL A 97 -8.76 6.76 -2.05
N GLY A 98 -10.04 6.69 -2.41
CA GLY A 98 -10.58 7.62 -3.39
C GLY A 98 -11.51 6.94 -4.38
N GLU A 99 -11.88 7.65 -5.44
CA GLU A 99 -12.76 7.11 -6.46
C GLU A 99 -11.98 6.29 -7.48
N LYS A 100 -10.76 6.71 -7.76
CA LYS A 100 -9.90 6.02 -8.72
C LYS A 100 -8.97 5.03 -8.01
N LYS A 101 -9.48 4.43 -6.93
CA LYS A 101 -8.69 3.47 -6.16
C LYS A 101 -8.11 2.40 -7.07
N ILE A 102 -6.93 1.90 -6.70
CA ILE A 102 -6.26 0.86 -7.48
C ILE A 102 -6.22 -0.46 -6.72
N THR A 103 -6.46 -1.55 -7.44
CA THR A 103 -6.44 -2.88 -6.83
C THR A 103 -5.76 -3.89 -7.74
N HIS A 104 -5.23 -4.96 -7.15
CA HIS A 104 -4.56 -6.01 -7.90
C HIS A 104 -4.86 -7.38 -7.33
N HIS A 105 -5.51 -8.22 -8.12
CA HIS A 105 -5.86 -9.57 -7.69
C HIS A 105 -4.62 -10.34 -7.25
N TRP A 106 -4.65 -10.85 -6.03
CA TRP A 106 -3.53 -11.61 -5.49
C TRP A 106 -4.00 -12.95 -4.92
N HIS A 107 -3.56 -14.04 -5.55
CA HIS A 107 -3.93 -15.37 -5.12
C HIS A 107 -2.70 -16.26 -4.98
N ARG A 108 -2.62 -16.99 -3.87
CA ARG A 108 -1.49 -17.88 -3.61
C ARG A 108 -1.88 -19.34 -3.86
N SER A 109 -1.46 -19.87 -5.01
CA SER A 109 -1.76 -21.25 -5.37
C SER A 109 -3.28 -21.45 -5.48
N GLY A 110 -3.93 -20.58 -6.25
CA GLY A 110 -5.36 -20.69 -6.43
C GLY A 110 -6.14 -20.08 -5.29
N SER A 111 -7.29 -19.49 -5.61
CA SER A 111 -8.12 -18.85 -4.59
C SER A 111 -9.11 -19.86 -3.99
N THR A 112 -9.48 -19.64 -2.75
CA THR A 112 -10.42 -20.52 -2.06
C THR A 112 -11.83 -20.34 -2.59
N ILE A 113 -12.41 -19.18 -2.34
CA ILE A 113 -13.77 -18.88 -2.79
C ILE A 113 -13.75 -17.89 -3.95
N GLY A 114 -14.56 -18.16 -4.97
CA GLY A 114 -14.62 -17.28 -6.12
C GLY A 114 -15.70 -17.69 -7.10
N LYS A 115 -16.95 -17.36 -6.77
CA LYS A 115 -18.08 -17.70 -7.62
C LYS A 115 -18.05 -16.88 -8.91
N MET A 1 -16.63 -9.93 17.94
CA MET A 1 -17.11 -8.83 18.77
C MET A 1 -15.97 -7.90 19.17
N ASP A 2 -15.59 -7.02 18.26
CA ASP A 2 -14.50 -6.07 18.52
C ASP A 2 -15.06 -4.68 18.78
N LYS A 3 -15.06 -4.27 20.04
CA LYS A 3 -15.55 -2.95 20.42
C LYS A 3 -14.44 -2.11 21.05
N LEU A 4 -14.05 -1.05 20.36
CA LEU A 4 -13.00 -0.16 20.86
C LEU A 4 -13.22 1.28 20.36
N ARG A 5 -12.62 2.23 21.06
CA ARG A 5 -12.74 3.63 20.68
C ARG A 5 -11.41 4.36 20.84
N LEU A 6 -10.97 5.00 19.77
CA LEU A 6 -9.71 5.74 19.78
C LEU A 6 -9.80 7.01 18.95
N LYS A 7 -9.09 8.04 19.37
CA LYS A 7 -9.09 9.32 18.66
C LYS A 7 -7.68 9.92 18.61
N GLY A 8 -7.17 10.10 17.39
CA GLY A 8 -5.85 10.67 17.23
C GLY A 8 -5.28 10.44 15.84
N VAL A 9 -6.08 10.78 14.82
CA VAL A 9 -5.65 10.60 13.44
C VAL A 9 -5.63 11.93 12.70
N SER A 10 -4.50 12.24 12.06
CA SER A 10 -4.36 13.48 11.32
C SER A 10 -3.53 13.26 10.05
N TYR A 11 -4.17 13.41 8.90
CA TYR A 11 -3.49 13.23 7.62
C TYR A 11 -3.17 14.57 6.98
N SER A 12 -2.55 14.53 5.81
CA SER A 12 -2.18 15.75 5.09
C SER A 12 -3.12 15.99 3.91
N LEU A 13 -2.87 17.06 3.17
CA LEU A 13 -3.70 17.40 2.02
C LEU A 13 -2.91 17.26 0.72
N CYS A 14 -3.60 16.88 -0.35
CA CYS A 14 -2.96 16.72 -1.65
C CYS A 14 -4.01 16.55 -2.75
N THR A 15 -3.58 16.74 -4.00
CA THR A 15 -4.48 16.62 -5.13
C THR A 15 -3.77 15.97 -6.32
N ALA A 16 -3.69 14.64 -6.31
CA ALA A 16 -3.04 13.90 -7.38
C ALA A 16 -3.64 12.51 -7.52
N ALA A 17 -4.06 12.17 -8.72
CA ALA A 17 -4.66 10.86 -8.99
C ALA A 17 -3.60 9.76 -8.94
N PHE A 18 -3.94 8.65 -8.30
CA PHE A 18 -3.02 7.52 -8.18
C PHE A 18 -3.49 6.34 -9.00
N THR A 19 -2.66 5.29 -9.06
CA THR A 19 -3.01 4.10 -9.81
C THR A 19 -1.95 3.01 -9.63
N PHE A 20 -2.22 1.82 -10.16
CA PHE A 20 -1.29 0.70 -10.05
C PHE A 20 -0.61 0.43 -11.39
N THR A 21 0.69 0.18 -11.34
CA THR A 21 1.46 -0.10 -12.54
C THR A 21 2.10 -1.49 -12.48
N LYS A 22 2.61 -1.84 -11.31
CA LYS A 22 3.25 -3.15 -11.13
C LYS A 22 2.48 -3.98 -10.12
N ILE A 23 1.80 -5.00 -10.62
CA ILE A 23 1.01 -5.89 -9.75
C ILE A 23 1.89 -6.48 -8.64
N PRO A 24 1.36 -6.44 -7.41
CA PRO A 24 2.08 -6.96 -6.24
C PRO A 24 2.17 -8.49 -6.25
N ALA A 25 3.19 -9.02 -5.59
CA ALA A 25 3.39 -10.46 -5.53
C ALA A 25 4.52 -10.81 -4.57
N GLU A 26 4.35 -11.92 -3.85
CA GLU A 26 5.36 -12.37 -2.89
C GLU A 26 6.62 -12.85 -3.62
N THR A 27 7.76 -12.74 -2.93
CA THR A 27 9.03 -13.15 -3.51
C THR A 27 9.73 -14.18 -2.62
N LEU A 28 10.94 -14.54 -3.00
CA LEU A 28 11.72 -15.52 -2.24
C LEU A 28 11.87 -15.08 -0.79
N HIS A 29 11.85 -13.77 -0.57
CA HIS A 29 11.97 -13.22 0.78
C HIS A 29 10.60 -13.03 1.42
N GLY A 30 9.61 -13.78 0.94
CA GLY A 30 8.27 -13.67 1.47
C GLY A 30 7.80 -12.24 1.58
N THR A 31 8.25 -11.40 0.65
CA THR A 31 7.88 -9.99 0.64
C THR A 31 7.16 -9.63 -0.66
N VAL A 32 6.19 -8.72 -0.55
CA VAL A 32 5.43 -8.29 -1.72
C VAL A 32 5.80 -6.85 -2.10
N THR A 33 6.06 -6.65 -3.40
CA THR A 33 6.42 -5.33 -3.90
C THR A 33 5.18 -4.54 -4.34
N VAL A 34 5.28 -3.22 -4.30
CA VAL A 34 4.18 -2.36 -4.69
C VAL A 34 4.67 -1.13 -5.44
N GLU A 35 4.09 -0.86 -6.60
CA GLU A 35 4.48 0.28 -7.41
C GLU A 35 3.24 1.03 -7.92
N VAL A 36 3.40 2.33 -8.17
CA VAL A 36 2.31 3.15 -8.67
C VAL A 36 2.83 4.28 -9.54
N GLN A 37 1.90 4.99 -10.19
CA GLN A 37 2.28 6.11 -11.06
C GLN A 37 1.88 7.44 -10.43
N TYR A 38 2.88 8.16 -9.92
CA TYR A 38 2.64 9.45 -9.28
C TYR A 38 2.70 10.59 -10.31
N ALA A 39 1.56 11.22 -10.56
CA ALA A 39 1.48 12.31 -11.51
C ALA A 39 1.75 13.66 -10.83
N GLY A 40 1.28 13.78 -9.59
CA GLY A 40 1.48 15.01 -8.85
C GLY A 40 2.94 15.38 -8.71
N THR A 41 3.22 16.47 -7.99
CA THR A 41 4.58 16.92 -7.79
C THR A 41 4.88 17.13 -6.30
N ASP A 42 4.47 16.17 -5.49
CA ASP A 42 4.70 16.25 -4.05
C ASP A 42 5.93 15.45 -3.64
N GLY A 43 7.10 15.97 -4.00
CA GLY A 43 8.35 15.28 -3.67
C GLY A 43 9.55 16.18 -3.81
N PRO A 44 10.76 15.59 -3.72
CA PRO A 44 10.91 14.15 -3.50
C PRO A 44 10.48 13.73 -2.10
N CYS A 45 9.47 12.87 -2.02
CA CYS A 45 8.97 12.39 -0.74
C CYS A 45 8.29 11.03 -0.90
N LYS A 46 8.12 10.33 0.21
CA LYS A 46 7.48 9.02 0.19
C LYS A 46 6.00 9.14 -0.16
N VAL A 47 5.51 8.17 -0.94
CA VAL A 47 4.12 8.16 -1.36
C VAL A 47 3.25 7.43 -0.35
N PRO A 48 1.95 7.79 -0.30
CA PRO A 48 0.99 7.18 0.61
C PRO A 48 0.68 5.73 0.24
N ALA A 49 0.61 4.87 1.24
CA ALA A 49 0.32 3.46 1.03
C ALA A 49 -0.24 2.81 2.29
N GLN A 50 -1.25 1.96 2.13
CA GLN A 50 -1.86 1.27 3.25
C GLN A 50 -2.89 0.25 2.78
N MET A 51 -2.96 -0.88 3.48
CA MET A 51 -3.90 -1.93 3.12
C MET A 51 -4.72 -2.37 4.34
N ALA A 52 -5.99 -2.66 4.10
CA ALA A 52 -6.89 -3.10 5.17
C ALA A 52 -8.06 -3.89 4.62
N VAL A 53 -8.47 -4.91 5.36
CA VAL A 53 -9.59 -5.75 4.95
C VAL A 53 -10.90 -4.96 4.90
N ASP A 54 -11.04 -4.03 5.84
CA ASP A 54 -12.23 -3.19 5.91
C ASP A 54 -11.94 -1.77 5.43
N MET A 55 -13.00 -1.04 5.06
CA MET A 55 -12.85 0.32 4.60
C MET A 55 -13.30 1.32 5.65
N GLN A 56 -14.36 0.94 6.38
CA GLN A 56 -14.90 1.81 7.42
C GLN A 56 -13.80 2.26 8.39
N THR A 57 -12.86 1.37 8.67
CA THR A 57 -11.76 1.67 9.57
C THR A 57 -10.45 1.81 8.80
N LEU A 58 -10.27 0.99 7.78
CA LEU A 58 -9.07 1.01 6.96
C LEU A 58 -7.81 0.92 7.84
N THR A 59 -7.90 0.12 8.89
CA THR A 59 -6.78 -0.06 9.81
C THR A 59 -5.50 -0.41 9.05
N PRO A 60 -4.36 0.07 9.56
CA PRO A 60 -3.06 -0.18 8.95
C PRO A 60 -2.62 -1.63 9.09
N VAL A 61 -2.47 -2.31 7.95
CA VAL A 61 -2.05 -3.71 7.95
C VAL A 61 -0.67 -3.87 7.32
N GLY A 62 0.13 -4.78 7.86
CA GLY A 62 1.46 -5.02 7.34
C GLY A 62 2.49 -4.11 7.98
N ARG A 63 3.76 -4.51 7.89
CA ARG A 63 4.85 -3.72 8.46
C ARG A 63 5.69 -3.09 7.36
N LEU A 64 6.69 -2.32 7.76
CA LEU A 64 7.58 -1.64 6.82
C LEU A 64 8.99 -2.21 6.89
N ILE A 65 9.55 -2.54 5.74
CA ILE A 65 10.91 -3.09 5.67
C ILE A 65 11.87 -2.11 5.01
N THR A 66 11.39 -1.41 3.98
CA THR A 66 12.21 -0.44 3.27
C THR A 66 12.79 0.59 4.22
N ALA A 67 13.66 1.45 3.69
CA ALA A 67 14.28 2.49 4.50
C ALA A 67 13.50 3.79 4.42
N ASN A 68 13.34 4.32 3.21
CA ASN A 68 12.61 5.56 3.01
C ASN A 68 12.51 5.89 1.52
N PRO A 69 11.66 5.15 0.80
CA PRO A 69 11.45 5.35 -0.63
C PRO A 69 10.72 6.66 -0.95
N VAL A 70 11.21 7.38 -1.94
CA VAL A 70 10.61 8.65 -2.34
C VAL A 70 10.72 8.86 -3.84
N ILE A 71 9.92 9.80 -4.36
CA ILE A 71 9.92 10.10 -5.79
C ILE A 71 11.13 10.96 -6.16
N THR A 72 12.14 10.32 -6.75
CA THR A 72 13.35 11.03 -7.15
C THR A 72 13.20 11.62 -8.55
N GLU A 73 12.60 10.85 -9.46
CA GLU A 73 12.39 11.30 -10.82
C GLU A 73 11.66 12.64 -10.86
N SER A 74 12.11 13.54 -11.73
CA SER A 74 11.51 14.85 -11.85
C SER A 74 10.34 14.82 -12.84
N THR A 75 10.49 14.02 -13.90
CA THR A 75 9.45 13.90 -14.91
C THR A 75 8.16 13.34 -14.32
N GLU A 76 7.10 13.35 -15.12
CA GLU A 76 5.81 12.84 -14.67
C GLU A 76 5.76 11.32 -14.78
N ASN A 77 4.74 10.72 -14.17
CA ASN A 77 4.58 9.28 -14.20
C ASN A 77 5.75 8.58 -13.49
N SER A 78 6.03 9.02 -12.27
CA SER A 78 7.12 8.45 -11.48
C SER A 78 6.70 7.13 -10.84
N LYS A 79 7.63 6.18 -10.78
CA LYS A 79 7.35 4.88 -10.19
C LYS A 79 8.47 4.49 -9.21
N MET A 80 8.15 3.56 -8.32
CA MET A 80 9.11 3.09 -7.32
C MET A 80 8.56 1.92 -6.53
N MET A 81 9.27 0.80 -6.55
CA MET A 81 8.85 -0.40 -5.82
C MET A 81 9.11 -0.25 -4.33
N LEU A 82 8.29 -0.91 -3.52
CA LEU A 82 8.44 -0.85 -2.08
C LEU A 82 8.30 -2.24 -1.46
N GLU A 83 9.11 -2.52 -0.44
CA GLU A 83 9.08 -3.81 0.24
C GLU A 83 7.98 -3.85 1.29
N LEU A 84 7.11 -4.85 1.21
CA LEU A 84 6.01 -5.00 2.16
C LEU A 84 5.95 -6.43 2.68
N ASP A 85 5.80 -6.57 4.00
CA ASP A 85 5.72 -7.88 4.62
C ASP A 85 4.40 -8.03 5.38
N PRO A 86 3.29 -8.13 4.62
CA PRO A 86 1.95 -8.28 5.21
C PRO A 86 1.74 -9.64 5.84
N PRO A 87 0.66 -9.78 6.61
CA PRO A 87 0.32 -11.04 7.29
C PRO A 87 -0.11 -12.13 6.32
N PHE A 88 -0.60 -13.24 6.87
CA PHE A 88 -1.05 -14.36 6.04
C PHE A 88 -2.55 -14.28 5.80
N GLY A 89 -2.95 -14.41 4.53
CA GLY A 89 -4.36 -14.36 4.19
C GLY A 89 -4.63 -13.50 2.96
N ASP A 90 -5.61 -12.61 3.07
CA ASP A 90 -5.97 -11.74 1.96
C ASP A 90 -6.19 -10.31 2.44
N SER A 91 -6.02 -9.34 1.54
CA SER A 91 -6.20 -7.94 1.88
C SER A 91 -6.47 -7.11 0.63
N TYR A 92 -6.62 -5.80 0.81
CA TYR A 92 -6.89 -4.90 -0.30
C TYR A 92 -5.88 -3.76 -0.33
N ILE A 93 -4.91 -3.85 -1.23
CA ILE A 93 -3.89 -2.82 -1.36
C ILE A 93 -4.47 -1.52 -1.90
N VAL A 94 -4.50 -0.49 -1.05
CA VAL A 94 -5.03 0.80 -1.45
C VAL A 94 -3.96 1.88 -1.38
N ILE A 95 -3.55 2.38 -2.55
CA ILE A 95 -2.53 3.41 -2.63
C ILE A 95 -3.16 4.80 -2.68
N GLY A 96 -2.69 5.69 -1.80
CA GLY A 96 -3.21 7.04 -1.77
C GLY A 96 -4.65 7.09 -1.31
N VAL A 97 -5.11 8.28 -0.93
CA VAL A 97 -6.48 8.46 -0.45
C VAL A 97 -7.25 9.41 -1.36
N GLY A 98 -8.57 9.23 -1.42
CA GLY A 98 -9.40 10.08 -2.25
C GLY A 98 -10.71 9.42 -2.63
N GLU A 99 -11.41 10.03 -3.57
CA GLU A 99 -12.69 9.49 -4.03
C GLU A 99 -12.48 8.41 -5.11
N LYS A 100 -11.46 8.61 -5.94
CA LYS A 100 -11.15 7.68 -7.00
C LYS A 100 -9.98 6.78 -6.62
N LYS A 101 -9.91 6.43 -5.33
CA LYS A 101 -8.84 5.57 -4.83
C LYS A 101 -8.71 4.31 -5.68
N ILE A 102 -7.57 3.64 -5.56
CA ILE A 102 -7.33 2.42 -6.31
C ILE A 102 -7.24 1.20 -5.38
N THR A 103 -7.82 0.09 -5.82
CA THR A 103 -7.81 -1.14 -5.03
C THR A 103 -7.15 -2.27 -5.80
N HIS A 104 -6.80 -3.34 -5.09
CA HIS A 104 -6.17 -4.50 -5.69
C HIS A 104 -6.21 -5.70 -4.76
N HIS A 105 -6.91 -6.75 -5.19
CA HIS A 105 -7.03 -7.97 -4.39
C HIS A 105 -5.69 -8.69 -4.30
N TRP A 106 -5.32 -9.08 -3.08
CA TRP A 106 -4.06 -9.78 -2.86
C TRP A 106 -4.27 -10.98 -1.92
N HIS A 107 -4.18 -12.18 -2.47
CA HIS A 107 -4.33 -13.39 -1.69
C HIS A 107 -3.00 -14.11 -1.49
N ARG A 108 -2.83 -14.74 -0.34
CA ARG A 108 -1.60 -15.45 -0.03
C ARG A 108 -1.91 -16.85 0.51
N SER A 109 -1.64 -17.86 -0.31
CA SER A 109 -1.89 -19.24 0.09
C SER A 109 -0.60 -20.07 0.04
N GLY A 110 0.13 -19.93 -1.06
CA GLY A 110 1.37 -20.66 -1.21
C GLY A 110 1.16 -22.09 -1.70
N SER A 111 0.40 -22.23 -2.79
CA SER A 111 0.12 -23.54 -3.34
C SER A 111 -0.44 -24.48 -2.27
N THR A 112 -1.24 -23.93 -1.37
CA THR A 112 -1.84 -24.72 -0.30
C THR A 112 -0.76 -25.39 0.56
N ILE A 113 0.28 -24.64 0.89
CA ILE A 113 1.38 -25.16 1.69
C ILE A 113 1.01 -25.19 3.17
N GLY A 114 1.14 -26.35 3.80
CA GLY A 114 0.83 -26.48 5.21
C GLY A 114 1.55 -27.65 5.86
N LYS A 115 2.87 -27.68 5.72
CA LYS A 115 3.68 -28.74 6.29
C LYS A 115 4.37 -28.28 7.57
N MET A 1 12.88 7.52 17.34
CA MET A 1 13.08 6.39 16.45
C MET A 1 12.13 5.26 16.79
N ASP A 2 11.23 4.95 15.84
CA ASP A 2 10.26 3.88 16.04
C ASP A 2 9.49 4.08 17.33
N LYS A 3 9.11 5.32 17.61
CA LYS A 3 8.36 5.65 18.82
C LYS A 3 7.05 6.34 18.47
N LEU A 4 5.94 5.62 18.59
CA LEU A 4 4.63 6.18 18.29
C LEU A 4 3.75 6.19 19.53
N ARG A 5 4.17 6.93 20.55
CA ARG A 5 3.43 7.03 21.79
C ARG A 5 2.95 8.47 22.03
N LEU A 6 3.90 9.36 22.31
CA LEU A 6 3.57 10.76 22.57
C LEU A 6 3.05 11.43 21.30
N LYS A 7 3.59 11.03 20.15
CA LYS A 7 3.17 11.59 18.87
C LYS A 7 2.11 10.71 18.22
N GLY A 8 1.58 11.18 17.08
CA GLY A 8 0.56 10.42 16.38
C GLY A 8 0.42 10.85 14.93
N VAL A 9 -0.27 10.05 14.14
CA VAL A 9 -0.49 10.36 12.73
C VAL A 9 -1.80 11.09 12.52
N SER A 10 -1.77 12.11 11.67
CA SER A 10 -2.96 12.90 11.38
C SER A 10 -3.42 12.69 9.93
N TYR A 11 -4.38 11.79 9.75
CA TYR A 11 -4.90 11.49 8.42
C TYR A 11 -5.41 12.76 7.74
N SER A 12 -5.67 12.67 6.44
CA SER A 12 -6.15 13.80 5.67
C SER A 12 -6.50 13.39 4.25
N LEU A 13 -6.93 14.36 3.45
CA LEU A 13 -7.29 14.10 2.05
C LEU A 13 -6.30 14.74 1.10
N CYS A 14 -6.23 14.22 -0.12
CA CYS A 14 -5.32 14.76 -1.13
C CYS A 14 -5.93 14.64 -2.53
N THR A 15 -5.24 15.21 -3.52
CA THR A 15 -5.72 15.17 -4.89
C THR A 15 -4.57 14.90 -5.85
N ALA A 16 -4.20 13.64 -5.98
CA ALA A 16 -3.12 13.24 -6.88
C ALA A 16 -3.41 11.90 -7.54
N ALA A 17 -3.34 11.88 -8.86
CA ALA A 17 -3.60 10.66 -9.62
C ALA A 17 -2.57 9.57 -9.30
N PHE A 18 -3.05 8.39 -8.95
CA PHE A 18 -2.18 7.28 -8.61
C PHE A 18 -2.32 6.15 -9.62
N THR A 19 -1.29 5.30 -9.71
CA THR A 19 -1.30 4.18 -10.64
C THR A 19 -0.23 3.16 -10.28
N PHE A 20 -0.57 1.88 -10.39
CA PHE A 20 0.36 0.81 -10.07
C PHE A 20 1.47 0.72 -11.12
N THR A 21 2.70 0.54 -10.66
CA THR A 21 3.86 0.44 -11.55
C THR A 21 4.54 -0.91 -11.42
N LYS A 22 4.66 -1.39 -10.17
CA LYS A 22 5.30 -2.67 -9.90
C LYS A 22 4.30 -3.67 -9.35
N ILE A 23 3.92 -4.64 -10.16
CA ILE A 23 2.96 -5.66 -9.75
C ILE A 23 3.44 -6.36 -8.47
N PRO A 24 2.52 -6.51 -7.50
CA PRO A 24 2.82 -7.16 -6.22
C PRO A 24 3.03 -8.66 -6.37
N ALA A 25 4.03 -9.18 -5.65
CA ALA A 25 4.34 -10.61 -5.70
C ALA A 25 5.00 -11.07 -4.40
N GLU A 26 4.52 -12.19 -3.87
CA GLU A 26 5.07 -12.73 -2.64
C GLU A 26 6.48 -13.25 -2.85
N THR A 27 7.28 -13.24 -1.78
CA THR A 27 8.66 -13.71 -1.84
C THR A 27 8.89 -14.87 -0.87
N LEU A 28 10.15 -15.27 -0.74
CA LEU A 28 10.52 -16.36 0.15
C LEU A 28 10.09 -16.05 1.58
N HIS A 29 10.14 -14.78 1.95
CA HIS A 29 9.74 -14.36 3.29
C HIS A 29 8.28 -13.93 3.33
N GLY A 30 7.50 -14.44 2.38
CA GLY A 30 6.09 -14.11 2.33
C GLY A 30 5.85 -12.60 2.27
N THR A 31 6.77 -11.88 1.63
CA THR A 31 6.67 -10.44 1.52
C THR A 31 6.31 -10.02 0.09
N VAL A 32 5.51 -8.96 -0.03
CA VAL A 32 5.09 -8.47 -1.34
C VAL A 32 5.48 -7.00 -1.52
N THR A 33 6.14 -6.70 -2.63
CA THR A 33 6.56 -5.34 -2.92
C THR A 33 5.46 -4.56 -3.63
N VAL A 34 5.30 -3.30 -3.24
CA VAL A 34 4.28 -2.44 -3.84
C VAL A 34 4.90 -1.16 -4.40
N GLU A 35 4.44 -0.76 -5.58
CA GLU A 35 4.95 0.46 -6.21
C GLU A 35 3.85 1.16 -6.99
N VAL A 36 3.80 2.49 -6.88
CA VAL A 36 2.79 3.28 -7.59
C VAL A 36 3.37 4.61 -8.07
N GLN A 37 2.53 5.42 -8.69
CA GLN A 37 2.96 6.72 -9.19
C GLN A 37 2.39 7.85 -8.34
N TYR A 38 3.27 8.63 -7.73
CA TYR A 38 2.85 9.74 -6.88
C TYR A 38 2.82 11.05 -7.68
N ALA A 39 1.66 11.70 -7.70
CA ALA A 39 1.50 12.96 -8.42
C ALA A 39 0.96 14.04 -7.49
N GLY A 40 1.61 14.23 -6.35
CA GLY A 40 1.18 15.24 -5.40
C GLY A 40 2.09 16.45 -5.38
N THR A 41 2.49 16.89 -4.19
CA THR A 41 3.36 18.03 -4.04
C THR A 41 4.82 17.61 -3.93
N ASP A 42 5.18 16.54 -4.64
CA ASP A 42 6.54 16.04 -4.61
C ASP A 42 7.03 15.84 -3.17
N GLY A 43 6.11 15.44 -2.30
CA GLY A 43 6.47 15.23 -0.90
C GLY A 43 7.18 16.42 -0.30
N PRO A 44 7.72 16.23 0.92
CA PRO A 44 7.63 14.95 1.64
C PRO A 44 6.21 14.66 2.11
N CYS A 45 5.66 13.54 1.63
CA CYS A 45 4.31 13.14 2.00
C CYS A 45 4.14 11.63 1.87
N LYS A 46 3.35 11.04 2.77
CA LYS A 46 3.10 9.61 2.75
C LYS A 46 1.85 9.28 1.95
N VAL A 47 1.96 8.34 1.03
CA VAL A 47 0.83 7.93 0.19
C VAL A 47 0.03 6.82 0.87
N PRO A 48 -1.26 6.74 0.52
CA PRO A 48 -2.16 5.73 1.08
C PRO A 48 -1.84 4.32 0.59
N ALA A 49 -1.97 3.34 1.47
CA ALA A 49 -1.69 1.95 1.14
C ALA A 49 -2.42 0.99 2.07
N GLN A 50 -3.26 0.13 1.50
CA GLN A 50 -4.01 -0.84 2.29
C GLN A 50 -4.80 -1.77 1.39
N MET A 51 -5.30 -2.87 1.96
CA MET A 51 -6.08 -3.84 1.21
C MET A 51 -7.56 -3.74 1.55
N ALA A 52 -8.37 -4.55 0.89
CA ALA A 52 -9.81 -4.55 1.12
C ALA A 52 -10.49 -5.74 0.43
N VAL A 53 -10.78 -6.78 1.19
CA VAL A 53 -11.42 -7.97 0.65
C VAL A 53 -12.76 -7.63 0.01
N ASP A 54 -13.49 -6.72 0.63
CA ASP A 54 -14.79 -6.29 0.12
C ASP A 54 -14.76 -4.83 -0.30
N MET A 55 -15.48 -4.52 -1.37
CA MET A 55 -15.53 -3.14 -1.87
C MET A 55 -16.74 -2.41 -1.30
N GLN A 56 -17.30 -2.94 -0.23
CA GLN A 56 -18.46 -2.33 0.42
C GLN A 56 -18.03 -1.34 1.49
N THR A 57 -16.98 -1.69 2.23
CA THR A 57 -16.47 -0.84 3.29
C THR A 57 -15.02 -0.46 3.03
N LEU A 58 -14.28 -1.33 2.37
CA LEU A 58 -12.87 -1.09 2.07
C LEU A 58 -12.07 -0.84 3.34
N THR A 59 -12.43 -1.55 4.41
CA THR A 59 -11.74 -1.40 5.68
C THR A 59 -10.24 -1.66 5.53
N PRO A 60 -9.44 -1.03 6.41
CA PRO A 60 -7.98 -1.18 6.40
C PRO A 60 -7.54 -2.56 6.84
N VAL A 61 -6.81 -3.25 5.96
CA VAL A 61 -6.32 -4.60 6.25
C VAL A 61 -4.90 -4.78 5.74
N GLY A 62 -4.07 -5.45 6.55
CA GLY A 62 -2.69 -5.70 6.16
C GLY A 62 -1.71 -4.94 7.04
N ARG A 63 -0.47 -5.39 7.04
CA ARG A 63 0.58 -4.76 7.84
C ARG A 63 1.85 -4.54 7.02
N LEU A 64 2.14 -3.28 6.73
CA LEU A 64 3.33 -2.94 5.95
C LEU A 64 4.60 -3.31 6.70
N ILE A 65 5.72 -3.35 5.98
CA ILE A 65 7.01 -3.69 6.59
C ILE A 65 7.94 -2.48 6.61
N THR A 66 7.89 -1.68 5.56
CA THR A 66 8.74 -0.49 5.46
C THR A 66 8.61 0.38 6.71
N ALA A 67 9.56 1.28 6.89
CA ALA A 67 9.55 2.18 8.04
C ALA A 67 8.72 3.42 7.76
N ASN A 68 9.05 4.13 6.68
CA ASN A 68 8.33 5.35 6.31
C ASN A 68 8.66 5.75 4.88
N PRO A 69 8.11 5.00 3.91
CA PRO A 69 8.33 5.27 2.48
C PRO A 69 7.64 6.54 2.02
N VAL A 70 8.43 7.46 1.47
CA VAL A 70 7.89 8.73 0.98
C VAL A 70 8.69 9.25 -0.21
N ILE A 71 8.11 10.18 -0.94
CA ILE A 71 8.77 10.76 -2.11
C ILE A 71 9.59 11.98 -1.72
N THR A 72 10.90 11.81 -1.63
CA THR A 72 11.80 12.91 -1.27
C THR A 72 12.18 13.73 -2.49
N GLU A 73 12.33 13.05 -3.63
CA GLU A 73 12.69 13.72 -4.87
C GLU A 73 11.76 14.89 -5.15
N SER A 74 12.25 15.86 -5.92
CA SER A 74 11.46 17.04 -6.25
C SER A 74 10.66 16.81 -7.54
N THR A 75 11.26 16.08 -8.48
CA THR A 75 10.61 15.78 -9.74
C THR A 75 9.24 15.17 -9.53
N GLU A 76 8.48 15.02 -10.61
CA GLU A 76 7.14 14.44 -10.54
C GLU A 76 7.14 13.00 -11.03
N ASN A 77 6.01 12.31 -10.84
CA ASN A 77 5.89 10.93 -11.27
C ASN A 77 6.97 10.06 -10.65
N SER A 78 7.25 10.29 -9.36
CA SER A 78 8.26 9.53 -8.64
C SER A 78 7.73 8.16 -8.23
N LYS A 79 8.64 7.28 -7.82
CA LYS A 79 8.27 5.93 -7.41
C LYS A 79 8.77 5.64 -6.00
N MET A 80 8.27 4.56 -5.41
CA MET A 80 8.68 4.17 -4.07
C MET A 80 8.58 2.65 -3.89
N MET A 81 9.57 2.07 -3.22
CA MET A 81 9.60 0.64 -2.98
C MET A 81 9.26 0.32 -1.52
N LEU A 82 8.22 -0.47 -1.31
CA LEU A 82 7.79 -0.85 0.03
C LEU A 82 7.22 -2.27 0.05
N GLU A 83 7.43 -2.96 1.15
CA GLU A 83 6.93 -4.33 1.29
C GLU A 83 5.75 -4.38 2.24
N LEU A 84 4.88 -5.37 2.05
CA LEU A 84 3.69 -5.53 2.88
C LEU A 84 3.57 -6.97 3.39
N ASP A 85 2.95 -7.14 4.55
CA ASP A 85 2.77 -8.45 5.13
C ASP A 85 1.31 -8.67 5.53
N PRO A 86 0.45 -8.85 4.51
CA PRO A 86 -0.98 -9.07 4.72
C PRO A 86 -1.28 -10.45 5.33
N PRO A 87 -2.52 -10.63 5.79
CA PRO A 87 -2.95 -11.90 6.39
C PRO A 87 -3.05 -13.03 5.38
N PHE A 88 -3.61 -14.16 5.82
CA PHE A 88 -3.76 -15.31 4.94
C PHE A 88 -5.11 -15.29 4.24
N GLY A 89 -5.11 -15.58 2.94
CA GLY A 89 -6.34 -15.60 2.18
C GLY A 89 -6.28 -14.72 0.95
N ASP A 90 -7.40 -14.11 0.59
CA ASP A 90 -7.47 -13.23 -0.57
C ASP A 90 -7.69 -11.78 -0.15
N SER A 91 -7.28 -10.86 -1.01
CA SER A 91 -7.43 -9.44 -0.72
C SER A 91 -7.25 -8.61 -1.99
N TYR A 92 -7.44 -7.30 -1.87
CA TYR A 92 -7.30 -6.39 -3.01
C TYR A 92 -6.50 -5.16 -2.63
N ILE A 93 -5.24 -5.13 -3.05
CA ILE A 93 -4.35 -4.01 -2.76
C ILE A 93 -4.81 -2.74 -3.49
N VAL A 94 -5.34 -1.79 -2.74
CA VAL A 94 -5.81 -0.53 -3.31
C VAL A 94 -4.94 0.63 -2.86
N ILE A 95 -4.76 1.61 -3.75
CA ILE A 95 -3.95 2.78 -3.45
C ILE A 95 -4.73 4.07 -3.69
N GLY A 96 -4.94 4.83 -2.62
CA GLY A 96 -5.67 6.08 -2.74
C GLY A 96 -7.11 5.86 -3.16
N VAL A 97 -7.88 6.95 -3.18
CA VAL A 97 -9.29 6.88 -3.58
C VAL A 97 -9.57 7.81 -4.75
N GLY A 98 -10.67 7.54 -5.46
CA GLY A 98 -11.03 8.36 -6.60
C GLY A 98 -11.76 7.57 -7.67
N GLU A 99 -11.87 8.15 -8.86
CA GLU A 99 -12.53 7.50 -9.98
C GLU A 99 -11.59 6.55 -10.71
N LYS A 100 -10.32 6.94 -10.78
CA LYS A 100 -9.32 6.13 -11.46
C LYS A 100 -8.56 5.27 -10.45
N LYS A 101 -9.27 4.81 -9.42
CA LYS A 101 -8.67 3.97 -8.39
C LYS A 101 -7.94 2.78 -9.01
N ILE A 102 -7.07 2.15 -8.24
CA ILE A 102 -6.31 1.00 -8.71
C ILE A 102 -6.38 -0.15 -7.72
N THR A 103 -6.52 -1.37 -8.24
CA THR A 103 -6.60 -2.56 -7.40
C THR A 103 -5.85 -3.73 -8.03
N HIS A 104 -5.60 -4.76 -7.23
CA HIS A 104 -4.89 -5.94 -7.72
C HIS A 104 -5.52 -7.21 -7.14
N HIS A 105 -5.59 -8.25 -7.95
CA HIS A 105 -6.15 -9.53 -7.52
C HIS A 105 -5.12 -10.35 -6.74
N TRP A 106 -5.37 -10.54 -5.45
CA TRP A 106 -4.46 -11.29 -4.60
C TRP A 106 -5.18 -12.45 -3.91
N HIS A 107 -4.78 -13.67 -4.24
CA HIS A 107 -5.40 -14.85 -3.65
C HIS A 107 -4.34 -15.83 -3.16
N ARG A 108 -4.28 -16.02 -1.85
CA ARG A 108 -3.31 -16.93 -1.25
C ARG A 108 -3.96 -18.27 -0.89
N SER A 109 -3.47 -19.34 -1.49
CA SER A 109 -4.00 -20.68 -1.24
C SER A 109 -2.90 -21.72 -1.26
N GLY A 110 -3.05 -22.75 -0.44
CA GLY A 110 -2.05 -23.80 -0.39
C GLY A 110 -2.52 -25.01 0.39
N SER A 111 -3.64 -25.58 -0.02
CA SER A 111 -4.21 -26.75 0.65
C SER A 111 -4.41 -26.47 2.14
N THR A 112 -4.84 -25.25 2.45
CA THR A 112 -5.07 -24.86 3.83
C THR A 112 -6.33 -25.53 4.40
N ILE A 113 -7.47 -25.26 3.77
CA ILE A 113 -8.73 -25.83 4.20
C ILE A 113 -9.59 -26.24 3.01
N GLY A 114 -10.01 -27.49 2.99
CA GLY A 114 -10.84 -27.99 1.90
C GLY A 114 -12.08 -27.14 1.69
N LYS A 115 -12.64 -26.63 2.78
CA LYS A 115 -13.84 -25.81 2.71
C LYS A 115 -13.61 -24.45 3.37
N MET A 1 -21.49 17.83 -13.34
CA MET A 1 -22.48 17.01 -12.65
C MET A 1 -21.88 16.37 -11.40
N ASP A 2 -22.63 16.39 -10.31
CA ASP A 2 -22.18 15.80 -9.06
C ASP A 2 -23.36 15.46 -8.15
N LYS A 3 -23.28 14.31 -7.49
CA LYS A 3 -24.34 13.86 -6.60
C LYS A 3 -24.58 14.88 -5.49
N LEU A 4 -25.75 14.80 -4.85
CA LEU A 4 -26.09 15.71 -3.77
C LEU A 4 -25.38 15.33 -2.48
N ARG A 5 -24.22 15.92 -2.26
CA ARG A 5 -23.44 15.65 -1.05
C ARG A 5 -23.34 16.88 -0.16
N LEU A 6 -23.39 16.67 1.14
CA LEU A 6 -23.31 17.76 2.10
C LEU A 6 -21.87 18.14 2.38
N LYS A 7 -21.46 19.30 1.86
CA LYS A 7 -20.09 19.79 2.05
C LYS A 7 -19.86 20.21 3.50
N GLY A 8 -19.45 19.26 4.34
CA GLY A 8 -19.20 19.55 5.74
C GLY A 8 -17.73 19.72 6.04
N VAL A 9 -16.99 20.28 5.08
CA VAL A 9 -15.55 20.50 5.25
C VAL A 9 -15.17 21.92 4.88
N SER A 10 -14.14 22.45 5.54
CA SER A 10 -13.67 23.80 5.28
C SER A 10 -12.42 23.79 4.42
N TYR A 11 -12.40 22.90 3.43
CA TYR A 11 -11.25 22.78 2.53
C TYR A 11 -11.71 22.45 1.12
N SER A 12 -10.76 22.42 0.19
CA SER A 12 -11.06 22.12 -1.21
C SER A 12 -10.51 20.75 -1.59
N LEU A 13 -10.90 20.28 -2.78
CA LEU A 13 -10.47 18.98 -3.26
C LEU A 13 -8.94 18.89 -3.28
N CYS A 14 -8.42 17.67 -3.18
CA CYS A 14 -6.98 17.46 -3.20
C CYS A 14 -6.64 16.02 -3.58
N THR A 15 -5.37 15.76 -3.85
CA THR A 15 -4.92 14.43 -4.23
C THR A 15 -3.56 14.11 -3.63
N ALA A 16 -3.56 13.68 -2.37
CA ALA A 16 -2.33 13.34 -1.68
C ALA A 16 -2.34 11.89 -1.19
N ALA A 17 -3.53 11.42 -0.80
CA ALA A 17 -3.68 10.06 -0.32
C ALA A 17 -3.09 9.06 -1.31
N PHE A 18 -2.64 7.92 -0.79
CA PHE A 18 -2.05 6.88 -1.63
C PHE A 18 -3.10 5.89 -2.09
N THR A 19 -2.78 5.10 -3.10
CA THR A 19 -3.70 4.10 -3.64
C THR A 19 -2.94 2.97 -4.34
N PHE A 20 -3.40 1.75 -4.13
CA PHE A 20 -2.78 0.58 -4.74
C PHE A 20 -2.89 0.64 -6.26
N THR A 21 -1.78 0.35 -6.94
CA THR A 21 -1.75 0.36 -8.40
C THR A 21 -1.40 -1.02 -8.96
N LYS A 22 -0.45 -1.68 -8.29
CA LYS A 22 -0.03 -3.01 -8.72
C LYS A 22 -0.42 -4.07 -7.69
N ILE A 23 -1.45 -4.85 -8.02
CA ILE A 23 -1.91 -5.90 -7.12
C ILE A 23 -0.79 -6.85 -6.75
N PRO A 24 -0.67 -7.15 -5.45
CA PRO A 24 0.37 -8.05 -4.93
C PRO A 24 0.14 -9.50 -5.35
N ALA A 25 1.21 -10.28 -5.37
CA ALA A 25 1.12 -11.69 -5.75
C ALA A 25 2.44 -12.41 -5.48
N GLU A 26 2.39 -13.43 -4.63
CA GLU A 26 3.57 -14.20 -4.28
C GLU A 26 4.05 -15.03 -5.48
N THR A 27 5.35 -15.31 -5.51
CA THR A 27 5.94 -16.09 -6.60
C THR A 27 6.65 -17.32 -6.06
N LEU A 28 7.24 -18.09 -6.98
CA LEU A 28 7.97 -19.30 -6.59
C LEU A 28 9.09 -18.98 -5.62
N HIS A 29 9.64 -17.77 -5.73
CA HIS A 29 10.72 -17.34 -4.85
C HIS A 29 10.22 -17.12 -3.42
N GLY A 30 8.94 -16.76 -3.31
CA GLY A 30 8.35 -16.53 -2.00
C GLY A 30 8.48 -15.08 -1.56
N THR A 31 8.03 -14.16 -2.42
CA THR A 31 8.09 -12.73 -2.12
C THR A 31 6.94 -11.98 -2.79
N VAL A 32 6.44 -10.95 -2.11
CA VAL A 32 5.34 -10.15 -2.66
C VAL A 32 5.75 -8.69 -2.79
N THR A 33 5.29 -8.05 -3.86
CA THR A 33 5.61 -6.65 -4.11
C THR A 33 4.37 -5.78 -3.99
N VAL A 34 4.57 -4.50 -3.69
CA VAL A 34 3.48 -3.56 -3.55
C VAL A 34 3.85 -2.19 -4.11
N GLU A 35 2.91 -1.56 -4.81
CA GLU A 35 3.13 -0.25 -5.40
C GLU A 35 1.97 0.68 -5.11
N VAL A 36 2.26 1.97 -4.95
CA VAL A 36 1.23 2.97 -4.67
C VAL A 36 1.47 4.23 -5.49
N GLN A 37 0.60 5.22 -5.29
CA GLN A 37 0.70 6.48 -6.02
C GLN A 37 0.99 7.64 -5.07
N TYR A 38 2.17 8.24 -5.20
CA TYR A 38 2.56 9.35 -4.35
C TYR A 38 2.30 10.68 -5.04
N ALA A 39 1.25 11.37 -4.61
CA ALA A 39 0.88 12.66 -5.18
C ALA A 39 1.01 13.78 -4.14
N GLY A 40 2.19 13.91 -3.56
CA GLY A 40 2.42 14.94 -2.57
C GLY A 40 3.82 15.51 -2.63
N THR A 41 3.97 16.75 -2.17
CA THR A 41 5.27 17.42 -2.17
C THR A 41 5.95 17.32 -0.81
N ASP A 42 5.89 16.13 -0.20
CA ASP A 42 6.50 15.91 1.10
C ASP A 42 7.74 15.02 0.97
N GLY A 43 8.55 15.30 -0.04
CA GLY A 43 9.76 14.53 -0.26
C GLY A 43 10.98 15.39 -0.47
N PRO A 44 12.12 14.76 -0.78
CA PRO A 44 12.20 13.30 -0.92
C PRO A 44 12.05 12.59 0.43
N CYS A 45 11.24 11.53 0.44
CA CYS A 45 11.02 10.76 1.66
C CYS A 45 10.68 9.31 1.33
N LYS A 46 10.88 8.42 2.30
CA LYS A 46 10.61 7.01 2.12
C LYS A 46 9.11 6.73 2.27
N VAL A 47 8.61 5.79 1.48
CA VAL A 47 7.19 5.42 1.53
C VAL A 47 6.96 4.30 2.53
N PRO A 48 5.93 4.48 3.37
CA PRO A 48 5.57 3.49 4.40
C PRO A 48 4.98 2.21 3.80
N ALA A 49 5.35 1.07 4.37
CA ALA A 49 4.87 -0.22 3.89
C ALA A 49 4.96 -1.28 4.97
N GLN A 50 3.83 -1.89 5.30
CA GLN A 50 3.78 -2.93 6.33
C GLN A 50 2.40 -3.56 6.39
N MET A 51 2.31 -4.68 7.09
CA MET A 51 1.04 -5.40 7.25
C MET A 51 0.53 -5.32 8.67
N ALA A 52 -0.63 -5.93 8.92
CA ALA A 52 -1.23 -5.92 10.25
C ALA A 52 -2.37 -6.92 10.34
N VAL A 53 -2.23 -7.91 11.22
CA VAL A 53 -3.25 -8.93 11.41
C VAL A 53 -4.45 -8.37 12.16
N ASP A 54 -4.18 -7.50 13.14
CA ASP A 54 -5.24 -6.90 13.94
C ASP A 54 -5.39 -5.41 13.59
N MET A 55 -6.58 -4.88 13.87
CA MET A 55 -6.85 -3.46 13.59
C MET A 55 -6.77 -2.64 14.87
N GLN A 56 -7.20 -3.22 15.98
CA GLN A 56 -7.19 -2.52 17.27
C GLN A 56 -5.75 -2.29 17.73
N THR A 57 -4.89 -3.29 17.54
CA THR A 57 -3.50 -3.19 17.94
C THR A 57 -2.62 -2.79 16.76
N LEU A 58 -2.86 -3.41 15.61
CA LEU A 58 -2.09 -3.13 14.40
C LEU A 58 -0.60 -3.34 14.65
N THR A 59 -0.25 -4.53 15.15
CA THR A 59 1.14 -4.86 15.42
C THR A 59 1.93 -5.07 14.13
N PRO A 60 3.24 -4.81 14.19
CA PRO A 60 4.13 -4.97 13.04
C PRO A 60 4.34 -6.43 12.66
N VAL A 61 3.91 -6.79 11.46
CA VAL A 61 4.05 -8.15 10.97
C VAL A 61 4.84 -8.21 9.66
N GLY A 62 5.65 -9.24 9.51
CA GLY A 62 6.44 -9.39 8.30
C GLY A 62 7.80 -8.71 8.41
N ARG A 63 8.59 -8.80 7.36
CA ARG A 63 9.91 -8.18 7.34
C ARG A 63 10.22 -7.58 5.97
N LEU A 64 10.83 -6.40 5.97
CA LEU A 64 11.18 -5.72 4.74
C LEU A 64 12.41 -6.35 4.09
N ILE A 65 12.52 -6.22 2.77
CA ILE A 65 13.65 -6.78 2.04
C ILE A 65 14.48 -5.68 1.39
N THR A 66 13.81 -4.64 0.90
CA THR A 66 14.49 -3.53 0.26
C THR A 66 15.52 -2.90 1.19
N ALA A 67 16.28 -1.95 0.67
CA ALA A 67 17.30 -1.26 1.45
C ALA A 67 16.76 0.01 2.08
N ASN A 68 16.28 0.92 1.24
CA ASN A 68 15.73 2.19 1.71
C ASN A 68 15.23 3.03 0.54
N PRO A 69 14.09 2.63 -0.03
CA PRO A 69 13.48 3.34 -1.16
C PRO A 69 12.91 4.69 -0.76
N VAL A 70 13.16 5.70 -1.60
CA VAL A 70 12.67 7.05 -1.33
C VAL A 70 12.28 7.76 -2.62
N ILE A 71 11.30 8.64 -2.53
CA ILE A 71 10.84 9.39 -3.70
C ILE A 71 11.89 10.40 -4.16
N THR A 72 12.31 10.28 -5.42
CA THR A 72 13.30 11.18 -5.98
C THR A 72 12.75 11.95 -7.17
N GLU A 73 11.90 11.28 -7.95
CA GLU A 73 11.29 11.92 -9.12
C GLU A 73 10.52 13.17 -8.72
N SER A 74 10.68 14.22 -9.51
CA SER A 74 10.01 15.49 -9.24
C SER A 74 8.56 15.46 -9.74
N THR A 75 8.36 14.82 -10.90
CA THR A 75 7.03 14.72 -11.48
C THR A 75 6.03 14.14 -10.48
N GLU A 76 4.81 14.66 -10.50
CA GLU A 76 3.76 14.20 -9.59
C GLU A 76 3.43 12.73 -9.86
N ASN A 77 2.60 12.16 -8.99
CA ASN A 77 2.20 10.76 -9.13
C ASN A 77 3.42 9.85 -9.16
N SER A 78 4.34 10.05 -8.23
CA SER A 78 5.55 9.25 -8.16
C SER A 78 5.25 7.87 -7.57
N LYS A 79 5.56 6.82 -8.33
CA LYS A 79 5.32 5.45 -7.90
C LYS A 79 6.64 4.70 -7.75
N MET A 80 6.67 3.75 -6.83
CA MET A 80 7.87 2.94 -6.60
C MET A 80 7.51 1.56 -6.10
N MET A 81 8.20 0.55 -6.62
CA MET A 81 7.96 -0.84 -6.22
C MET A 81 8.78 -1.21 -4.98
N LEU A 82 8.28 -2.16 -4.21
CA LEU A 82 8.96 -2.60 -3.00
C LEU A 82 8.95 -4.13 -2.90
N GLU A 83 9.75 -4.66 -1.97
CA GLU A 83 9.84 -6.09 -1.78
C GLU A 83 9.46 -6.46 -0.34
N LEU A 84 8.54 -7.42 -0.21
CA LEU A 84 8.09 -7.87 1.11
C LEU A 84 8.19 -9.39 1.22
N ASP A 85 8.38 -9.87 2.45
CA ASP A 85 8.50 -11.30 2.70
C ASP A 85 7.83 -11.68 4.02
N PRO A 86 6.49 -11.64 4.05
CA PRO A 86 5.72 -11.97 5.25
C PRO A 86 5.78 -13.45 5.60
N PRO A 87 5.32 -13.80 6.80
CA PRO A 87 5.31 -15.18 7.27
C PRO A 87 4.29 -16.05 6.53
N PHE A 88 4.09 -17.27 7.02
CA PHE A 88 3.15 -18.19 6.39
C PHE A 88 1.76 -18.04 6.99
N GLY A 89 0.80 -17.62 6.17
CA GLY A 89 -0.55 -17.44 6.64
C GLY A 89 -1.29 -16.34 5.89
N ASP A 90 -2.03 -15.52 6.61
CA ASP A 90 -2.78 -14.43 6.00
C ASP A 90 -2.53 -13.12 6.74
N SER A 91 -2.40 -12.03 5.98
CA SER A 91 -2.14 -10.72 6.55
C SER A 91 -2.84 -9.63 5.74
N TYR A 92 -2.75 -8.40 6.22
CA TYR A 92 -3.37 -7.26 5.54
C TYR A 92 -2.32 -6.22 5.14
N ILE A 93 -2.09 -6.09 3.84
CA ILE A 93 -1.12 -5.13 3.33
C ILE A 93 -1.62 -3.70 3.49
N VAL A 94 -0.97 -2.94 4.35
CA VAL A 94 -1.35 -1.55 4.58
C VAL A 94 -0.22 -0.60 4.19
N ILE A 95 -0.57 0.48 3.50
CA ILE A 95 0.41 1.47 3.07
C ILE A 95 0.16 2.81 3.74
N GLY A 96 1.14 3.28 4.49
CA GLY A 96 1.02 4.56 5.18
C GLY A 96 -0.21 4.62 6.06
N VAL A 97 -0.43 5.78 6.68
CA VAL A 97 -1.58 5.96 7.57
C VAL A 97 -2.32 7.24 7.23
N GLY A 98 -3.61 7.30 7.61
CA GLY A 98 -4.40 8.47 7.33
C GLY A 98 -5.88 8.15 7.25
N GLU A 99 -6.64 9.05 6.61
CA GLU A 99 -8.08 8.85 6.47
C GLU A 99 -8.40 7.97 5.27
N LYS A 100 -7.60 8.10 4.22
CA LYS A 100 -7.79 7.31 3.00
C LYS A 100 -6.89 6.08 3.02
N LYS A 101 -6.67 5.53 4.20
CA LYS A 101 -5.84 4.34 4.36
C LYS A 101 -6.27 3.24 3.39
N ILE A 102 -5.30 2.47 2.89
CA ILE A 102 -5.58 1.39 1.97
C ILE A 102 -5.18 0.04 2.56
N THR A 103 -5.97 -0.98 2.27
CA THR A 103 -5.69 -2.33 2.78
C THR A 103 -5.92 -3.38 1.70
N HIS A 104 -5.28 -4.53 1.85
CA HIS A 104 -5.41 -5.62 0.89
C HIS A 104 -5.33 -6.97 1.59
N HIS A 105 -6.32 -7.83 1.32
CA HIS A 105 -6.35 -9.15 1.92
C HIS A 105 -5.32 -10.07 1.28
N TRP A 106 -4.53 -10.74 2.12
CA TRP A 106 -3.49 -11.65 1.64
C TRP A 106 -3.63 -13.02 2.29
N HIS A 107 -3.74 -14.06 1.46
CA HIS A 107 -3.87 -15.42 1.96
C HIS A 107 -2.90 -16.36 1.23
N ARG A 108 -2.41 -17.36 1.95
CA ARG A 108 -1.48 -18.32 1.36
C ARG A 108 -2.01 -19.75 1.50
N SER A 109 -2.15 -20.44 0.37
CA SER A 109 -2.66 -21.80 0.37
C SER A 109 -1.52 -22.80 0.14
N GLY A 110 -0.62 -22.46 -0.77
CA GLY A 110 0.51 -23.34 -1.06
C GLY A 110 1.49 -22.71 -2.03
N SER A 111 2.47 -23.51 -2.47
CA SER A 111 3.48 -23.02 -3.40
C SER A 111 3.45 -23.83 -4.69
N THR A 112 3.31 -25.15 -4.56
CA THR A 112 3.28 -26.04 -5.71
C THR A 112 1.92 -25.98 -6.40
N ILE A 113 0.86 -25.95 -5.60
CA ILE A 113 -0.50 -25.90 -6.14
C ILE A 113 -1.22 -24.64 -5.70
N GLY A 114 -2.04 -24.09 -6.59
CA GLY A 114 -2.78 -22.88 -6.26
C GLY A 114 -4.16 -22.87 -6.89
N LYS A 115 -5.05 -23.71 -6.37
CA LYS A 115 -6.42 -23.79 -6.88
C LYS A 115 -7.40 -23.10 -5.93
N MET A 1 1.62 13.15 16.16
CA MET A 1 1.05 12.99 17.49
C MET A 1 0.83 14.34 18.17
N ASP A 2 -0.28 14.47 18.87
CA ASP A 2 -0.60 15.72 19.57
C ASP A 2 -1.73 15.50 20.57
N LYS A 3 -1.87 16.44 21.50
CA LYS A 3 -2.91 16.36 22.51
C LYS A 3 -4.08 17.27 22.17
N LEU A 4 -5.05 17.36 23.07
CA LEU A 4 -6.23 18.19 22.86
C LEU A 4 -6.25 19.37 23.84
N ARG A 5 -5.09 19.97 24.05
CA ARG A 5 -4.97 21.10 24.97
C ARG A 5 -3.92 22.09 24.48
N LEU A 6 -4.34 23.33 24.26
CA LEU A 6 -3.43 24.37 23.80
C LEU A 6 -2.83 24.01 22.45
N LYS A 7 -3.70 23.62 21.51
CA LYS A 7 -3.25 23.25 20.17
C LYS A 7 -3.08 24.48 19.29
N GLY A 8 -2.52 24.27 18.10
CA GLY A 8 -2.31 25.39 17.18
C GLY A 8 -1.71 24.94 15.86
N VAL A 9 -2.43 24.10 15.13
CA VAL A 9 -1.96 23.60 13.86
C VAL A 9 -3.12 23.39 12.88
N SER A 10 -2.86 23.61 11.60
CA SER A 10 -3.88 23.45 10.57
C SER A 10 -3.29 22.83 9.31
N TYR A 11 -3.79 21.66 8.94
CA TYR A 11 -3.31 20.95 7.77
C TYR A 11 -3.77 21.65 6.48
N SER A 12 -3.43 21.07 5.35
CA SER A 12 -3.80 21.64 4.05
C SER A 12 -4.77 20.73 3.31
N LEU A 13 -5.40 21.27 2.27
CA LEU A 13 -6.36 20.50 1.48
C LEU A 13 -5.71 20.00 0.19
N CYS A 14 -6.05 18.77 -0.20
CA CYS A 14 -5.50 18.17 -1.41
C CYS A 14 -6.10 16.79 -1.65
N THR A 15 -6.09 16.36 -2.90
CA THR A 15 -6.64 15.06 -3.26
C THR A 15 -5.74 14.35 -4.28
N ALA A 16 -4.68 13.73 -3.79
CA ALA A 16 -3.74 13.02 -4.65
C ALA A 16 -4.42 11.85 -5.36
N ALA A 17 -3.65 11.10 -6.14
CA ALA A 17 -4.19 9.95 -6.86
C ALA A 17 -3.08 8.95 -7.19
N PHE A 18 -3.24 7.72 -6.71
CA PHE A 18 -2.26 6.67 -6.96
C PHE A 18 -2.75 5.71 -8.04
N THR A 19 -1.81 5.02 -8.67
CA THR A 19 -2.14 4.07 -9.73
C THR A 19 -1.07 3.00 -9.87
N PHE A 20 -1.47 1.74 -9.79
CA PHE A 20 -0.55 0.62 -9.89
C PHE A 20 0.27 0.71 -11.19
N THR A 21 1.56 0.46 -11.07
CA THR A 21 2.45 0.50 -12.23
C THR A 21 3.11 -0.85 -12.49
N LYS A 22 3.53 -1.51 -11.41
CA LYS A 22 4.17 -2.81 -11.52
C LYS A 22 3.32 -3.89 -10.86
N ILE A 23 2.71 -4.73 -11.67
CA ILE A 23 1.87 -5.82 -11.16
C ILE A 23 2.64 -6.68 -10.17
N PRO A 24 2.00 -6.98 -9.02
CA PRO A 24 2.60 -7.80 -7.98
C PRO A 24 2.73 -9.26 -8.39
N ALA A 25 3.74 -9.94 -7.85
CA ALA A 25 3.97 -11.35 -8.16
C ALA A 25 4.95 -11.98 -7.18
N GLU A 26 4.67 -13.23 -6.80
CA GLU A 26 5.53 -13.94 -5.86
C GLU A 26 6.88 -14.26 -6.49
N THR A 27 7.91 -14.38 -5.66
CA THR A 27 9.25 -14.68 -6.14
C THR A 27 9.75 -16.01 -5.57
N LEU A 28 11.02 -16.30 -5.81
CA LEU A 28 11.62 -17.54 -5.33
C LEU A 28 11.46 -17.67 -3.82
N HIS A 29 11.51 -16.54 -3.13
CA HIS A 29 11.37 -16.52 -1.68
C HIS A 29 9.92 -16.25 -1.28
N GLY A 30 8.99 -16.57 -2.18
CA GLY A 30 7.58 -16.36 -1.90
C GLY A 30 7.28 -14.92 -1.50
N THR A 31 8.03 -13.99 -2.07
CA THR A 31 7.84 -12.57 -1.77
C THR A 31 7.21 -11.84 -2.95
N VAL A 32 6.36 -10.86 -2.64
CA VAL A 32 5.68 -10.08 -3.67
C VAL A 32 6.01 -8.59 -3.53
N THR A 33 6.32 -7.95 -4.65
CA THR A 33 6.65 -6.53 -4.65
C THR A 33 5.50 -5.71 -5.21
N VAL A 34 5.32 -4.50 -4.67
CA VAL A 34 4.26 -3.61 -5.11
C VAL A 34 4.81 -2.23 -5.48
N GLU A 35 4.28 -1.67 -6.56
CA GLU A 35 4.72 -0.35 -7.02
C GLU A 35 3.55 0.43 -7.62
N VAL A 36 3.46 1.70 -7.24
CA VAL A 36 2.39 2.57 -7.72
C VAL A 36 2.94 3.92 -8.16
N GLN A 37 2.04 4.81 -8.59
CA GLN A 37 2.42 6.14 -9.04
C GLN A 37 2.21 7.16 -7.93
N TYR A 38 3.32 7.72 -7.43
CA TYR A 38 3.25 8.72 -6.36
C TYR A 38 3.13 10.13 -6.94
N ALA A 39 1.92 10.66 -6.94
CA ALA A 39 1.66 12.00 -7.46
C ALA A 39 0.53 12.68 -6.70
N GLY A 40 0.72 13.94 -6.36
CA GLY A 40 -0.29 14.69 -5.63
C GLY A 40 -0.07 14.65 -4.13
N THR A 41 0.41 13.53 -3.63
CA THR A 41 0.66 13.37 -2.20
C THR A 41 1.58 14.48 -1.68
N ASP A 42 2.54 14.87 -2.51
CA ASP A 42 3.48 15.92 -2.13
C ASP A 42 4.29 15.52 -0.91
N GLY A 43 5.07 14.44 -1.06
CA GLY A 43 5.89 13.95 0.04
C GLY A 43 6.89 14.99 0.51
N PRO A 44 7.76 14.59 1.43
CA PRO A 44 7.78 13.23 1.98
C PRO A 44 6.57 12.94 2.86
N CYS A 45 5.81 11.92 2.49
CA CYS A 45 4.61 11.54 3.25
C CYS A 45 4.57 10.03 3.47
N LYS A 46 3.62 9.59 4.29
CA LYS A 46 3.47 8.17 4.59
C LYS A 46 2.76 7.46 3.44
N VAL A 47 3.29 6.31 3.04
CA VAL A 47 2.72 5.52 1.96
C VAL A 47 2.11 4.22 2.49
N PRO A 48 0.81 4.25 2.81
CA PRO A 48 0.09 3.08 3.33
C PRO A 48 -0.10 2.01 2.26
N ALA A 49 0.11 0.76 2.65
CA ALA A 49 -0.06 -0.37 1.73
C ALA A 49 -0.33 -1.67 2.48
N GLN A 50 -1.46 -2.29 2.19
CA GLN A 50 -1.84 -3.54 2.85
C GLN A 50 -2.85 -4.30 2.02
N MET A 51 -3.08 -5.56 2.38
CA MET A 51 -4.04 -6.40 1.67
C MET A 51 -5.43 -6.32 2.31
N ALA A 52 -6.46 -6.43 1.48
CA ALA A 52 -7.83 -6.36 1.96
C ALA A 52 -8.64 -7.57 1.48
N VAL A 53 -9.05 -8.41 2.43
CA VAL A 53 -9.83 -9.61 2.11
C VAL A 53 -11.13 -9.24 1.41
N ASP A 54 -11.74 -8.14 1.84
CA ASP A 54 -12.99 -7.67 1.26
C ASP A 54 -13.11 -6.15 1.37
N MET A 55 -14.25 -5.63 0.93
CA MET A 55 -14.49 -4.19 0.98
C MET A 55 -15.49 -3.84 2.09
N GLN A 56 -15.68 -4.77 3.02
CA GLN A 56 -16.60 -4.57 4.13
C GLN A 56 -15.90 -3.91 5.31
N THR A 57 -14.77 -4.48 5.71
CA THR A 57 -14.01 -3.95 6.84
C THR A 57 -12.60 -3.56 6.41
N LEU A 58 -12.03 -4.33 5.49
CA LEU A 58 -10.69 -4.07 4.98
C LEU A 58 -9.66 -4.11 6.12
N THR A 59 -9.69 -5.19 6.89
CA THR A 59 -8.78 -5.36 8.01
C THR A 59 -7.34 -5.54 7.51
N PRO A 60 -6.37 -5.14 8.35
CA PRO A 60 -4.95 -5.25 8.02
C PRO A 60 -4.47 -6.70 8.00
N VAL A 61 -3.86 -7.10 6.88
CA VAL A 61 -3.36 -8.46 6.74
C VAL A 61 -2.03 -8.47 5.99
N GLY A 62 -1.10 -9.30 6.46
CA GLY A 62 0.20 -9.40 5.83
C GLY A 62 1.28 -8.66 6.59
N ARG A 63 2.50 -9.18 6.55
CA ARG A 63 3.62 -8.57 7.26
C ARG A 63 4.49 -7.77 6.30
N LEU A 64 5.05 -6.67 6.79
CA LEU A 64 5.91 -5.81 5.98
C LEU A 64 7.37 -6.17 6.17
N ILE A 65 8.12 -6.20 5.07
CA ILE A 65 9.54 -6.52 5.12
C ILE A 65 10.40 -5.25 5.19
N THR A 66 10.04 -4.27 4.37
CA THR A 66 10.77 -3.01 4.34
C THR A 66 10.84 -2.37 5.72
N ALA A 67 11.57 -1.27 5.84
CA ALA A 67 11.71 -0.56 7.10
C ALA A 67 10.82 0.68 7.14
N ASN A 68 11.06 1.58 6.19
CA ASN A 68 10.29 2.82 6.12
C ASN A 68 10.52 3.53 4.78
N PRO A 69 9.92 2.97 3.71
CA PRO A 69 10.05 3.54 2.36
C PRO A 69 9.32 4.86 2.21
N VAL A 70 10.00 5.86 1.66
CA VAL A 70 9.42 7.17 1.46
C VAL A 70 9.91 7.80 0.16
N ILE A 71 9.15 8.76 -0.35
CA ILE A 71 9.51 9.46 -1.58
C ILE A 71 10.14 10.81 -1.30
N THR A 72 11.33 11.03 -1.86
CA THR A 72 12.03 12.30 -1.66
C THR A 72 12.06 13.11 -2.94
N GLU A 73 12.17 12.43 -4.08
CA GLU A 73 12.21 13.09 -5.37
C GLU A 73 11.02 14.04 -5.53
N SER A 74 11.28 15.21 -6.12
CA SER A 74 10.23 16.21 -6.33
C SER A 74 9.56 16.01 -7.69
N THR A 75 10.35 15.63 -8.68
CA THR A 75 9.84 15.41 -10.03
C THR A 75 8.63 14.47 -10.01
N GLU A 76 7.58 14.84 -10.73
CA GLU A 76 6.38 14.03 -10.80
C GLU A 76 6.69 12.65 -11.34
N ASN A 77 5.65 11.83 -11.50
CA ASN A 77 5.81 10.47 -12.00
C ASN A 77 6.80 9.69 -11.15
N SER A 78 6.77 9.93 -9.85
CA SER A 78 7.67 9.26 -8.92
C SER A 78 7.17 7.85 -8.60
N LYS A 79 8.08 6.89 -8.57
CA LYS A 79 7.72 5.51 -8.28
C LYS A 79 8.69 4.90 -7.27
N MET A 80 8.25 3.86 -6.57
CA MET A 80 9.08 3.19 -5.58
C MET A 80 8.66 1.74 -5.39
N MET A 81 9.62 0.83 -5.48
CA MET A 81 9.33 -0.59 -5.32
C MET A 81 9.42 -1.01 -3.86
N LEU A 82 8.40 -1.73 -3.39
CA LEU A 82 8.36 -2.18 -2.01
C LEU A 82 8.26 -3.70 -1.93
N GLU A 83 8.46 -4.26 -0.75
CA GLU A 83 8.38 -5.69 -0.54
C GLU A 83 7.22 -6.07 0.37
N LEU A 84 6.51 -7.12 0.02
CA LEU A 84 5.37 -7.58 0.82
C LEU A 84 5.39 -9.09 0.99
N ASP A 85 4.90 -9.55 2.13
CA ASP A 85 4.85 -10.98 2.41
C ASP A 85 3.54 -11.37 3.11
N PRO A 86 2.45 -11.36 2.33
CA PRO A 86 1.12 -11.70 2.85
C PRO A 86 0.99 -13.19 3.20
N PRO A 87 -0.08 -13.54 3.90
CA PRO A 87 -0.35 -14.93 4.31
C PRO A 87 -0.71 -15.82 3.12
N PHE A 88 -1.15 -17.03 3.42
CA PHE A 88 -1.53 -17.99 2.38
C PHE A 88 -2.84 -17.58 1.72
N GLY A 89 -2.92 -17.76 0.40
CA GLY A 89 -4.12 -17.39 -0.33
C GLY A 89 -4.44 -15.92 -0.23
N ASP A 90 -3.91 -15.14 -1.17
CA ASP A 90 -4.14 -13.69 -1.18
C ASP A 90 -5.57 -13.37 -1.63
N SER A 91 -5.93 -12.10 -1.57
CA SER A 91 -7.26 -11.66 -1.96
C SER A 91 -7.19 -10.48 -2.92
N TYR A 92 -6.88 -9.30 -2.38
CA TYR A 92 -6.78 -8.09 -3.18
C TYR A 92 -5.85 -7.08 -2.52
N ILE A 93 -5.04 -6.42 -3.34
CA ILE A 93 -4.10 -5.41 -2.84
C ILE A 93 -4.68 -4.01 -2.96
N VAL A 94 -4.51 -3.21 -1.91
CA VAL A 94 -5.02 -1.84 -1.89
C VAL A 94 -3.96 -0.87 -1.38
N ILE A 95 -3.96 0.34 -1.94
CA ILE A 95 -3.00 1.36 -1.52
C ILE A 95 -3.70 2.59 -0.98
N GLY A 96 -3.60 2.79 0.33
CA GLY A 96 -4.23 3.94 0.95
C GLY A 96 -5.73 3.98 0.72
N VAL A 97 -6.35 5.12 1.00
CA VAL A 97 -7.79 5.28 0.82
C VAL A 97 -8.12 6.65 0.25
N GLY A 98 -9.20 6.72 -0.53
CA GLY A 98 -9.60 7.98 -1.12
C GLY A 98 -10.59 7.79 -2.25
N GLU A 99 -10.71 8.80 -3.12
CA GLU A 99 -11.62 8.73 -4.25
C GLU A 99 -11.00 7.97 -5.42
N LYS A 100 -9.69 8.12 -5.57
CA LYS A 100 -8.97 7.44 -6.66
C LYS A 100 -8.40 6.11 -6.18
N LYS A 101 -9.12 5.45 -5.30
CA LYS A 101 -8.68 4.16 -4.76
C LYS A 101 -8.30 3.21 -5.89
N ILE A 102 -7.39 2.29 -5.60
CA ILE A 102 -6.94 1.31 -6.58
C ILE A 102 -7.01 -0.11 -6.03
N THR A 103 -7.30 -1.07 -6.91
CA THR A 103 -7.39 -2.46 -6.51
C THR A 103 -6.87 -3.39 -7.60
N HIS A 104 -6.21 -4.47 -7.18
CA HIS A 104 -5.65 -5.43 -8.12
C HIS A 104 -5.91 -6.87 -7.66
N HIS A 105 -6.30 -7.72 -8.60
CA HIS A 105 -6.58 -9.12 -8.30
C HIS A 105 -5.30 -9.86 -7.90
N TRP A 106 -5.27 -10.37 -6.69
CA TRP A 106 -4.12 -11.10 -6.18
C TRP A 106 -4.54 -12.28 -5.32
N HIS A 107 -4.38 -13.49 -5.84
CA HIS A 107 -4.74 -14.70 -5.11
C HIS A 107 -3.79 -15.84 -5.44
N ARG A 108 -3.44 -16.63 -4.43
CA ARG A 108 -2.53 -17.75 -4.61
C ARG A 108 -3.28 -18.98 -5.10
N SER A 109 -2.80 -19.56 -6.19
CA SER A 109 -3.43 -20.75 -6.77
C SER A 109 -2.39 -21.84 -7.03
N GLY A 110 -2.54 -22.96 -6.32
CA GLY A 110 -1.61 -24.06 -6.48
C GLY A 110 -1.73 -25.09 -5.37
N SER A 111 -2.90 -25.68 -5.23
CA SER A 111 -3.14 -26.68 -4.19
C SER A 111 -3.50 -28.02 -4.80
N THR A 112 -3.31 -29.10 -4.04
CA THR A 112 -3.61 -30.44 -4.50
C THR A 112 -4.83 -31.01 -3.78
N ILE A 113 -4.74 -31.07 -2.46
CA ILE A 113 -5.83 -31.59 -1.65
C ILE A 113 -6.53 -30.47 -0.88
N GLY A 114 -7.70 -30.06 -1.37
CA GLY A 114 -8.45 -29.01 -0.72
C GLY A 114 -9.33 -29.53 0.40
N LYS A 115 -8.71 -30.05 1.45
CA LYS A 115 -9.45 -30.59 2.58
C LYS A 115 -9.63 -29.53 3.67
N MET A 1 -29.51 18.43 -7.02
CA MET A 1 -30.01 19.55 -7.81
C MET A 1 -30.77 20.55 -6.95
N ASP A 2 -30.17 20.91 -5.81
CA ASP A 2 -30.78 21.85 -4.89
C ASP A 2 -30.23 23.26 -5.11
N LYS A 3 -31.01 24.27 -4.73
CA LYS A 3 -30.60 25.66 -4.88
C LYS A 3 -29.80 26.11 -3.66
N LEU A 4 -28.64 26.72 -3.93
CA LEU A 4 -27.77 27.21 -2.85
C LEU A 4 -26.78 28.24 -3.39
N ARG A 5 -26.11 28.93 -2.47
CA ARG A 5 -25.14 29.95 -2.84
C ARG A 5 -23.94 29.93 -1.90
N LEU A 6 -22.76 30.28 -2.44
CA LEU A 6 -21.54 30.30 -1.65
C LEU A 6 -20.94 31.70 -1.60
N LYS A 7 -20.43 32.09 -0.44
CA LYS A 7 -19.82 33.40 -0.28
C LYS A 7 -18.69 33.36 0.74
N GLY A 8 -17.47 33.64 0.29
CA GLY A 8 -16.32 33.62 1.17
C GLY A 8 -15.99 32.22 1.65
N VAL A 9 -15.83 31.29 0.72
CA VAL A 9 -15.50 29.91 1.06
C VAL A 9 -14.24 29.45 0.33
N SER A 10 -13.13 30.11 0.62
CA SER A 10 -11.86 29.77 -0.01
C SER A 10 -10.85 29.30 1.04
N TYR A 11 -11.30 28.46 1.96
CA TYR A 11 -10.45 27.93 3.01
C TYR A 11 -10.81 26.49 3.34
N SER A 12 -9.79 25.65 3.44
CA SER A 12 -9.99 24.23 3.74
C SER A 12 -8.69 23.58 4.21
N LEU A 13 -8.78 22.32 4.61
CA LEU A 13 -7.61 21.58 5.08
C LEU A 13 -7.39 20.33 4.24
N CYS A 14 -6.13 19.89 4.16
CA CYS A 14 -5.78 18.71 3.39
C CYS A 14 -5.79 17.46 4.29
N THR A 15 -5.90 16.29 3.66
CA THR A 15 -5.93 15.03 4.39
C THR A 15 -5.36 13.90 3.55
N ALA A 16 -4.04 13.80 3.49
CA ALA A 16 -3.38 12.75 2.72
C ALA A 16 -3.77 11.38 3.22
N ALA A 17 -3.76 10.40 2.32
CA ALA A 17 -4.13 9.03 2.67
C ALA A 17 -3.46 8.03 1.73
N PHE A 18 -3.21 6.83 2.23
CA PHE A 18 -2.58 5.78 1.44
C PHE A 18 -3.62 4.81 0.87
N THR A 19 -3.34 4.30 -0.32
CA THR A 19 -4.26 3.36 -0.97
C THR A 19 -3.52 2.46 -1.96
N PHE A 20 -3.69 1.16 -1.80
CA PHE A 20 -3.04 0.20 -2.68
C PHE A 20 -3.36 0.49 -4.14
N THR A 21 -2.37 0.32 -5.01
CA THR A 21 -2.54 0.57 -6.44
C THR A 21 -2.28 -0.69 -7.25
N LYS A 22 -1.21 -1.40 -6.90
CA LYS A 22 -0.85 -2.64 -7.59
C LYS A 22 -1.07 -3.85 -6.70
N ILE A 23 -2.13 -4.61 -6.98
CA ILE A 23 -2.45 -5.79 -6.20
C ILE A 23 -1.27 -6.76 -6.15
N PRO A 24 -0.95 -7.25 -4.95
CA PRO A 24 0.16 -8.19 -4.74
C PRO A 24 -0.12 -9.56 -5.34
N ALA A 25 0.75 -10.00 -6.24
CA ALA A 25 0.58 -11.30 -6.89
C ALA A 25 1.92 -12.02 -6.99
N GLU A 26 1.91 -13.32 -6.68
CA GLU A 26 3.13 -14.13 -6.73
C GLU A 26 3.36 -14.67 -8.14
N THR A 27 4.61 -14.91 -8.47
CA THR A 27 4.97 -15.44 -9.80
C THR A 27 5.74 -16.74 -9.68
N LEU A 28 6.13 -17.30 -10.82
CA LEU A 28 6.88 -18.55 -10.85
C LEU A 28 8.17 -18.43 -10.03
N HIS A 29 8.71 -17.22 -9.94
CA HIS A 29 9.93 -16.98 -9.19
C HIS A 29 9.66 -17.10 -7.69
N GLY A 30 8.44 -16.81 -7.28
CA GLY A 30 8.08 -16.90 -5.87
C GLY A 30 8.29 -15.58 -5.14
N THR A 31 7.78 -14.49 -5.72
CA THR A 31 7.91 -13.18 -5.12
C THR A 31 6.70 -12.31 -5.44
N VAL A 32 6.32 -11.46 -4.49
CA VAL A 32 5.18 -10.57 -4.67
C VAL A 32 5.59 -9.11 -4.52
N THR A 33 5.04 -8.26 -5.37
CA THR A 33 5.35 -6.83 -5.34
C THR A 33 4.14 -6.02 -4.90
N VAL A 34 4.39 -4.92 -4.19
CA VAL A 34 3.32 -4.05 -3.72
C VAL A 34 3.55 -2.61 -4.16
N GLU A 35 2.47 -1.94 -4.56
CA GLU A 35 2.55 -0.56 -5.01
C GLU A 35 1.46 0.29 -4.36
N VAL A 36 1.83 1.45 -3.84
CA VAL A 36 0.88 2.35 -3.20
C VAL A 36 0.83 3.69 -3.92
N GLN A 37 -0.10 4.54 -3.50
CA GLN A 37 -0.26 5.87 -4.10
C GLN A 37 -0.04 6.96 -3.07
N TYR A 38 1.14 7.57 -3.09
CA TYR A 38 1.46 8.63 -2.15
C TYR A 38 1.06 10.00 -2.71
N ALA A 39 -0.09 10.49 -2.27
CA ALA A 39 -0.60 11.77 -2.71
C ALA A 39 0.11 12.93 -2.00
N GLY A 40 -0.25 13.15 -0.74
CA GLY A 40 0.37 14.21 0.02
C GLY A 40 1.69 13.80 0.63
N THR A 41 2.61 14.76 0.75
CA THR A 41 3.92 14.48 1.31
C THR A 41 4.56 13.26 0.66
N ASP A 42 4.45 13.18 -0.67
CA ASP A 42 5.02 12.07 -1.41
C ASP A 42 6.49 11.86 -1.06
N GLY A 43 7.19 12.96 -0.82
CA GLY A 43 8.60 12.88 -0.47
C GLY A 43 9.29 14.23 -0.54
N PRO A 44 10.61 14.23 -0.35
CA PRO A 44 11.38 13.00 -0.09
C PRO A 44 11.09 12.42 1.29
N CYS A 45 10.61 11.18 1.31
CA CYS A 45 10.29 10.50 2.55
C CYS A 45 10.46 8.99 2.42
N LYS A 46 10.37 8.29 3.55
CA LYS A 46 10.52 6.84 3.55
C LYS A 46 9.16 6.15 3.43
N VAL A 47 9.13 5.07 2.66
CA VAL A 47 7.89 4.32 2.46
C VAL A 47 7.92 2.99 3.20
N PRO A 48 7.42 2.99 4.45
CA PRO A 48 7.39 1.78 5.28
C PRO A 48 6.39 0.75 4.77
N ALA A 49 6.76 -0.53 4.87
CA ALA A 49 5.90 -1.61 4.42
C ALA A 49 6.26 -2.92 5.12
N GLN A 50 5.29 -3.51 5.81
CA GLN A 50 5.49 -4.76 6.52
C GLN A 50 4.33 -5.71 6.30
N MET A 51 4.55 -6.99 6.61
CA MET A 51 3.51 -8.01 6.44
C MET A 51 3.51 -8.97 7.62
N ALA A 52 2.31 -9.31 8.09
CA ALA A 52 2.17 -10.23 9.22
C ALA A 52 0.74 -10.78 9.29
N VAL A 53 0.63 -12.08 9.54
CA VAL A 53 -0.67 -12.72 9.64
C VAL A 53 -1.51 -12.11 10.76
N ASP A 54 -0.84 -11.72 11.84
CA ASP A 54 -1.52 -11.11 12.98
C ASP A 54 -1.59 -9.59 12.83
N MET A 55 -2.66 -8.99 13.34
CA MET A 55 -2.83 -7.55 13.26
C MET A 55 -2.49 -6.89 14.59
N GLN A 56 -2.84 -7.56 15.69
CA GLN A 56 -2.58 -7.04 17.02
C GLN A 56 -1.09 -7.08 17.34
N THR A 57 -0.44 -8.19 16.98
CA THR A 57 0.99 -8.35 17.23
C THR A 57 1.80 -7.94 16.01
N LEU A 58 1.36 -8.36 14.83
CA LEU A 58 2.05 -8.03 13.59
C LEU A 58 3.52 -8.46 13.66
N THR A 59 3.76 -9.68 14.13
CA THR A 59 5.11 -10.20 14.24
C THR A 59 5.87 -10.07 12.92
N PRO A 60 7.18 -9.81 13.02
CA PRO A 60 8.04 -9.65 11.84
C PRO A 60 8.23 -10.96 11.07
N VAL A 61 7.48 -11.13 10.00
CA VAL A 61 7.57 -12.35 9.18
C VAL A 61 7.91 -12.00 7.74
N GLY A 62 8.68 -12.87 7.10
CA GLY A 62 9.06 -12.65 5.71
C GLY A 62 10.48 -12.14 5.58
N ARG A 63 10.76 -11.45 4.47
CA ARG A 63 12.08 -10.91 4.22
C ARG A 63 12.03 -9.76 3.22
N LEU A 64 12.28 -8.54 3.71
CA LEU A 64 12.26 -7.36 2.86
C LEU A 64 13.38 -7.40 1.83
N ILE A 65 13.02 -7.43 0.55
CA ILE A 65 14.00 -7.46 -0.52
C ILE A 65 14.69 -6.12 -0.68
N THR A 66 13.91 -5.06 -0.86
CA THR A 66 14.45 -3.72 -1.02
C THR A 66 15.41 -3.37 0.12
N ALA A 67 16.26 -2.39 -0.12
CA ALA A 67 17.24 -1.96 0.89
C ALA A 67 16.79 -0.68 1.56
N ASN A 68 16.59 0.37 0.78
CA ASN A 68 16.17 1.67 1.30
C ASN A 68 15.23 2.37 0.33
N PRO A 69 13.99 1.87 0.24
CA PRO A 69 12.97 2.45 -0.66
C PRO A 69 12.50 3.81 -0.20
N VAL A 70 12.62 4.81 -1.08
CA VAL A 70 12.20 6.17 -0.76
C VAL A 70 11.71 6.89 -2.00
N ILE A 71 10.79 7.83 -1.80
CA ILE A 71 10.24 8.60 -2.91
C ILE A 71 11.17 9.74 -3.32
N THR A 72 11.36 9.89 -4.61
CA THR A 72 12.24 10.94 -5.14
C THR A 72 11.45 11.95 -5.96
N GLU A 73 10.47 11.46 -6.72
CA GLU A 73 9.64 12.32 -7.56
C GLU A 73 9.03 13.46 -6.74
N SER A 74 9.09 14.67 -7.28
CA SER A 74 8.56 15.84 -6.59
C SER A 74 7.03 15.91 -6.76
N THR A 75 6.56 15.52 -7.93
CA THR A 75 5.13 15.53 -8.22
C THR A 75 4.36 14.65 -7.25
N GLU A 76 3.03 14.66 -7.37
CA GLU A 76 2.19 13.85 -6.50
C GLU A 76 1.68 12.61 -7.23
N ASN A 77 0.87 11.81 -6.55
CA ASN A 77 0.32 10.59 -7.12
C ASN A 77 1.42 9.72 -7.71
N SER A 78 2.57 9.70 -7.04
CA SER A 78 3.71 8.92 -7.50
C SER A 78 3.60 7.47 -7.02
N LYS A 79 4.29 6.57 -7.70
CA LYS A 79 4.26 5.16 -7.35
C LYS A 79 5.67 4.65 -7.05
N MET A 80 5.77 3.37 -6.70
CA MET A 80 7.06 2.76 -6.40
C MET A 80 6.94 1.24 -6.29
N MET A 81 7.65 0.54 -7.16
CA MET A 81 7.63 -0.93 -7.17
C MET A 81 8.56 -1.50 -6.12
N LEU A 82 8.14 -2.58 -5.48
CA LEU A 82 8.96 -3.22 -4.44
C LEU A 82 8.81 -4.73 -4.50
N GLU A 83 9.78 -5.44 -3.94
CA GLU A 83 9.76 -6.90 -3.93
C GLU A 83 9.61 -7.43 -2.50
N LEU A 84 8.63 -8.32 -2.32
CA LEU A 84 8.37 -8.90 -1.01
C LEU A 84 8.70 -10.39 -1.01
N ASP A 85 9.04 -10.92 0.17
CA ASP A 85 9.38 -12.32 0.31
C ASP A 85 8.67 -12.93 1.52
N PRO A 86 7.34 -13.05 1.42
CA PRO A 86 6.52 -13.61 2.50
C PRO A 86 6.73 -15.12 2.66
N PRO A 87 6.22 -15.67 3.77
CA PRO A 87 6.34 -17.10 4.07
C PRO A 87 5.51 -17.96 3.14
N PHE A 88 5.41 -19.25 3.45
CA PHE A 88 4.63 -20.18 2.64
C PHE A 88 3.21 -20.32 3.18
N GLY A 89 2.30 -19.53 2.63
CA GLY A 89 0.91 -19.58 3.07
C GLY A 89 0.18 -18.28 2.80
N ASP A 90 -0.33 -17.66 3.86
CA ASP A 90 -1.07 -16.41 3.73
C ASP A 90 -0.54 -15.36 4.72
N SER A 91 -0.97 -14.12 4.55
CA SER A 91 -0.55 -13.04 5.42
C SER A 91 -1.26 -11.74 5.06
N TYR A 92 -1.01 -10.69 5.85
CA TYR A 92 -1.65 -9.40 5.64
C TYR A 92 -0.60 -8.33 5.37
N ILE A 93 -0.64 -7.76 4.17
CA ILE A 93 0.31 -6.71 3.79
C ILE A 93 -0.21 -5.33 4.20
N VAL A 94 0.56 -4.64 5.03
CA VAL A 94 0.19 -3.31 5.50
C VAL A 94 1.22 -2.28 5.07
N ILE A 95 0.77 -1.03 4.90
CA ILE A 95 1.65 0.05 4.49
C ILE A 95 1.58 1.21 5.48
N GLY A 96 2.69 1.49 6.14
CA GLY A 96 2.73 2.58 7.10
C GLY A 96 1.73 2.41 8.22
N VAL A 97 1.46 3.49 8.94
CA VAL A 97 0.50 3.45 10.04
C VAL A 97 -0.43 4.65 10.00
N GLY A 98 -1.55 4.56 10.73
CA GLY A 98 -2.50 5.65 10.77
C GLY A 98 -3.93 5.16 10.90
N GLU A 99 -4.88 6.07 10.73
CA GLU A 99 -6.29 5.72 10.84
C GLU A 99 -6.81 5.14 9.52
N LYS A 100 -6.32 5.67 8.41
CA LYS A 100 -6.73 5.19 7.09
C LYS A 100 -5.74 4.16 6.55
N LYS A 101 -5.19 3.36 7.45
CA LYS A 101 -4.23 2.32 7.07
C LYS A 101 -4.81 1.43 5.98
N ILE A 102 -3.93 0.83 5.18
CA ILE A 102 -4.36 -0.05 4.10
C ILE A 102 -3.88 -1.48 4.34
N THR A 103 -4.75 -2.45 4.04
CA THR A 103 -4.41 -3.85 4.22
C THR A 103 -4.98 -4.71 3.10
N HIS A 104 -4.25 -5.75 2.72
CA HIS A 104 -4.68 -6.65 1.66
C HIS A 104 -4.48 -8.10 2.05
N HIS A 105 -5.52 -8.91 1.89
CA HIS A 105 -5.45 -10.32 2.24
C HIS A 105 -4.63 -11.09 1.20
N TRP A 106 -3.49 -11.62 1.65
CA TRP A 106 -2.61 -12.38 0.76
C TRP A 106 -2.78 -13.88 0.98
N HIS A 107 -2.97 -14.61 -0.12
CA HIS A 107 -3.14 -16.07 -0.04
C HIS A 107 -2.38 -16.76 -1.17
N ARG A 108 -1.70 -17.85 -0.83
CA ARG A 108 -0.93 -18.60 -1.81
C ARG A 108 -1.81 -19.63 -2.51
N SER A 109 -1.90 -19.52 -3.83
CA SER A 109 -2.72 -20.44 -4.62
C SER A 109 -1.91 -21.02 -5.78
N GLY A 110 -1.86 -22.35 -5.84
CA GLY A 110 -1.12 -23.01 -6.90
C GLY A 110 -1.91 -24.12 -7.56
N SER A 111 -1.21 -25.18 -7.96
CA SER A 111 -1.86 -26.31 -8.60
C SER A 111 -2.55 -27.22 -7.58
N THR A 112 -3.06 -28.35 -8.04
CA THR A 112 -3.73 -29.30 -7.17
C THR A 112 -4.78 -28.61 -6.31
N ILE A 113 -5.53 -27.70 -6.91
CA ILE A 113 -6.57 -26.96 -6.20
C ILE A 113 -7.54 -27.92 -5.50
N GLY A 114 -7.79 -29.06 -6.13
CA GLY A 114 -8.68 -30.04 -5.55
C GLY A 114 -9.96 -30.22 -6.35
N LYS A 115 -9.84 -30.07 -7.66
CA LYS A 115 -10.99 -30.21 -8.56
C LYS A 115 -10.74 -31.29 -9.60
N MET A 1 -16.31 -4.16 -2.30
CA MET A 1 -17.33 -4.30 -1.28
C MET A 1 -17.67 -2.95 -0.64
N ASP A 2 -18.82 -2.87 0.00
CA ASP A 2 -19.25 -1.63 0.65
C ASP A 2 -18.66 -1.50 2.05
N LYS A 3 -18.60 -0.28 2.55
CA LYS A 3 -18.05 -0.03 3.88
C LYS A 3 -18.87 1.02 4.61
N LEU A 4 -19.16 0.75 5.89
CA LEU A 4 -19.94 1.68 6.71
C LEU A 4 -19.34 3.08 6.67
N ARG A 5 -20.16 4.07 7.00
CA ARG A 5 -19.70 5.46 7.01
C ARG A 5 -19.41 5.92 8.44
N LEU A 6 -18.24 6.51 8.64
CA LEU A 6 -17.84 6.99 9.96
C LEU A 6 -18.81 8.05 10.46
N LYS A 7 -19.33 8.85 9.55
CA LYS A 7 -20.28 9.91 9.91
C LYS A 7 -19.69 10.84 10.96
N GLY A 8 -18.43 11.22 10.77
CA GLY A 8 -17.78 12.10 11.71
C GLY A 8 -17.65 13.52 11.20
N VAL A 9 -17.67 14.49 12.11
CA VAL A 9 -17.56 15.89 11.74
C VAL A 9 -16.11 16.37 11.79
N SER A 10 -15.26 15.76 10.97
CA SER A 10 -13.85 16.11 10.93
C SER A 10 -13.18 15.56 9.66
N TYR A 11 -12.52 16.44 8.92
CA TYR A 11 -11.85 16.04 7.69
C TYR A 11 -10.74 17.02 7.34
N SER A 12 -9.99 16.70 6.28
CA SER A 12 -8.88 17.55 5.85
C SER A 12 -8.89 17.71 4.32
N LEU A 13 -7.98 18.54 3.82
CA LEU A 13 -7.87 18.78 2.39
C LEU A 13 -6.50 18.36 1.86
N CYS A 14 -6.47 17.85 0.64
CA CYS A 14 -5.22 17.41 0.02
C CYS A 14 -5.29 17.55 -1.49
N THR A 15 -4.14 17.38 -2.14
CA THR A 15 -4.07 17.49 -3.59
C THR A 15 -3.05 16.51 -4.17
N ALA A 16 -3.46 15.27 -4.34
CA ALA A 16 -2.58 14.24 -4.89
C ALA A 16 -3.37 13.00 -5.30
N ALA A 17 -2.80 12.21 -6.20
CA ALA A 17 -3.45 10.99 -6.67
C ALA A 17 -2.50 9.80 -6.62
N PHE A 18 -3.03 8.65 -6.22
CA PHE A 18 -2.24 7.43 -6.13
C PHE A 18 -2.93 6.28 -6.83
N THR A 19 -2.13 5.44 -7.50
CA THR A 19 -2.67 4.30 -8.22
C THR A 19 -1.64 3.17 -8.31
N PHE A 20 -2.11 1.93 -8.34
CA PHE A 20 -1.24 0.78 -8.42
C PHE A 20 -0.80 0.52 -9.86
N THR A 21 0.46 0.11 -10.02
CA THR A 21 1.00 -0.17 -11.34
C THR A 21 1.41 -1.62 -11.48
N LYS A 22 2.08 -2.14 -10.46
CA LYS A 22 2.54 -3.54 -10.46
C LYS A 22 1.85 -4.32 -9.35
N ILE A 23 0.94 -5.20 -9.74
CA ILE A 23 0.21 -6.02 -8.77
C ILE A 23 1.17 -6.81 -7.89
N PRO A 24 0.92 -6.79 -6.57
CA PRO A 24 1.75 -7.49 -5.59
C PRO A 24 1.60 -9.01 -5.69
N ALA A 25 2.71 -9.72 -5.53
CA ALA A 25 2.70 -11.18 -5.60
C ALA A 25 3.97 -11.77 -4.99
N GLU A 26 3.79 -12.60 -3.97
CA GLU A 26 4.92 -13.22 -3.29
C GLU A 26 5.60 -14.24 -4.19
N THR A 27 6.88 -14.46 -3.96
CA THR A 27 7.66 -15.41 -4.76
C THR A 27 8.28 -16.48 -3.89
N LEU A 28 9.11 -17.33 -4.49
CA LEU A 28 9.78 -18.40 -3.76
C LEU A 28 10.54 -17.85 -2.56
N HIS A 29 11.08 -16.64 -2.72
CA HIS A 29 11.84 -16.01 -1.65
C HIS A 29 10.92 -15.60 -0.50
N GLY A 30 9.66 -15.30 -0.83
CA GLY A 30 8.70 -14.90 0.18
C GLY A 30 8.67 -13.39 0.37
N THR A 31 8.88 -12.66 -0.72
CA THR A 31 8.88 -11.20 -0.65
C THR A 31 7.92 -10.62 -1.69
N VAL A 32 7.28 -9.51 -1.33
CA VAL A 32 6.34 -8.85 -2.24
C VAL A 32 6.81 -7.43 -2.58
N THR A 33 6.56 -7.02 -3.81
CA THR A 33 6.94 -5.69 -4.27
C THR A 33 5.73 -4.84 -4.61
N VAL A 34 5.81 -3.55 -4.31
CA VAL A 34 4.70 -2.63 -4.59
C VAL A 34 5.19 -1.41 -5.34
N GLU A 35 4.48 -1.04 -6.40
CA GLU A 35 4.84 0.12 -7.22
C GLU A 35 3.60 0.92 -7.59
N VAL A 36 3.64 2.22 -7.29
CA VAL A 36 2.53 3.11 -7.60
C VAL A 36 3.01 4.37 -8.31
N GLN A 37 2.06 5.19 -8.74
CA GLN A 37 2.38 6.44 -9.43
C GLN A 37 2.19 7.64 -8.51
N TYR A 38 3.16 8.56 -8.53
CA TYR A 38 3.09 9.75 -7.70
C TYR A 38 2.68 10.97 -8.53
N ALA A 39 1.52 11.53 -8.20
CA ALA A 39 1.01 12.70 -8.91
C ALA A 39 0.76 13.86 -7.95
N GLY A 40 1.82 14.58 -7.61
CA GLY A 40 1.68 15.70 -6.70
C GLY A 40 2.45 16.92 -7.17
N THR A 41 3.45 17.34 -6.39
CA THR A 41 4.26 18.49 -6.73
C THR A 41 5.61 18.08 -7.29
N ASP A 42 5.62 17.00 -8.07
CA ASP A 42 6.84 16.50 -8.68
C ASP A 42 7.93 16.32 -7.63
N GLY A 43 7.53 15.90 -6.43
CA GLY A 43 8.48 15.70 -5.35
C GLY A 43 9.37 16.91 -5.13
N PRO A 44 10.40 16.74 -4.29
CA PRO A 44 10.67 15.47 -3.61
C PRO A 44 9.63 15.15 -2.55
N CYS A 45 9.22 13.89 -2.50
CA CYS A 45 8.22 13.44 -1.53
C CYS A 45 8.40 11.96 -1.19
N LYS A 46 8.00 11.57 0.00
CA LYS A 46 8.12 10.20 0.45
C LYS A 46 6.91 9.38 0.00
N VAL A 47 7.15 8.14 -0.42
CA VAL A 47 6.09 7.26 -0.87
C VAL A 47 5.83 6.14 0.14
N PRO A 48 4.89 6.39 1.06
CA PRO A 48 4.52 5.43 2.10
C PRO A 48 3.79 4.21 1.53
N ALA A 49 4.05 3.04 2.11
CA ALA A 49 3.41 1.81 1.67
C ALA A 49 3.38 0.77 2.78
N GLN A 50 2.20 0.24 3.07
CA GLN A 50 2.05 -0.77 4.11
C GLN A 50 0.61 -1.28 4.17
N MET A 51 0.43 -2.48 4.68
CA MET A 51 -0.89 -3.09 4.79
C MET A 51 -1.33 -3.17 6.26
N ALA A 52 -2.59 -3.53 6.46
CA ALA A 52 -3.14 -3.64 7.81
C ALA A 52 -4.44 -4.45 7.81
N VAL A 53 -4.97 -4.69 9.00
CA VAL A 53 -6.21 -5.45 9.14
C VAL A 53 -7.43 -4.53 9.13
N ASP A 54 -7.27 -3.35 9.73
CA ASP A 54 -8.35 -2.38 9.78
C ASP A 54 -7.87 -1.01 9.31
N MET A 55 -8.82 -0.09 9.12
CA MET A 55 -8.50 1.26 8.68
C MET A 55 -8.62 2.25 9.82
N GLN A 56 -8.62 1.75 11.05
CA GLN A 56 -8.74 2.59 12.23
C GLN A 56 -7.36 3.08 12.68
N THR A 57 -6.45 2.13 12.90
CA THR A 57 -5.09 2.46 13.33
C THR A 57 -4.07 2.14 12.25
N LEU A 58 -4.31 1.07 11.51
CA LEU A 58 -3.41 0.65 10.45
C LEU A 58 -2.00 0.42 10.99
N THR A 59 -1.91 -0.27 12.12
CA THR A 59 -0.63 -0.56 12.74
C THR A 59 0.34 -1.18 11.73
N PRO A 60 1.64 -0.87 11.88
CA PRO A 60 2.68 -1.38 10.99
C PRO A 60 2.93 -2.87 11.20
N VAL A 61 2.31 -3.69 10.36
CA VAL A 61 2.46 -5.14 10.45
C VAL A 61 3.71 -5.61 9.70
N GLY A 62 4.36 -6.64 10.23
CA GLY A 62 5.56 -7.16 9.60
C GLY A 62 6.77 -6.28 9.82
N ARG A 63 7.76 -6.40 8.95
CA ARG A 63 8.98 -5.59 9.05
C ARG A 63 9.32 -4.95 7.72
N LEU A 64 9.66 -3.67 7.75
CA LEU A 64 10.00 -2.93 6.55
C LEU A 64 11.27 -3.49 5.91
N ILE A 65 11.40 -3.33 4.60
CA ILE A 65 12.56 -3.80 3.88
C ILE A 65 13.35 -2.65 3.28
N THR A 66 12.64 -1.67 2.73
CA THR A 66 13.27 -0.52 2.11
C THR A 66 13.85 0.42 3.18
N ALA A 67 14.83 1.23 2.77
CA ALA A 67 15.46 2.16 3.68
C ALA A 67 14.67 3.46 3.77
N ASN A 68 14.48 4.12 2.63
CA ASN A 68 13.73 5.37 2.58
C ASN A 68 13.56 5.85 1.15
N PRO A 69 12.68 5.16 0.40
CA PRO A 69 12.41 5.50 -1.00
C PRO A 69 11.65 6.82 -1.15
N VAL A 70 12.18 7.70 -1.98
CA VAL A 70 11.55 9.00 -2.22
C VAL A 70 11.62 9.39 -3.69
N ILE A 71 10.56 10.03 -4.18
CA ILE A 71 10.50 10.46 -5.57
C ILE A 71 11.52 11.56 -5.85
N THR A 72 12.38 11.33 -6.84
CA THR A 72 13.39 12.30 -7.21
C THR A 72 13.12 12.89 -8.59
N GLU A 73 12.60 12.05 -9.49
CA GLU A 73 12.29 12.50 -10.85
C GLU A 73 11.42 13.75 -10.83
N SER A 74 11.44 14.50 -11.93
CA SER A 74 10.65 15.71 -12.03
C SER A 74 9.44 15.50 -12.93
N THR A 75 9.62 14.72 -13.98
CA THR A 75 8.53 14.44 -14.92
C THR A 75 7.42 13.63 -14.24
N GLU A 76 6.27 13.55 -14.91
CA GLU A 76 5.13 12.82 -14.38
C GLU A 76 5.25 11.33 -14.69
N ASN A 77 4.23 10.57 -14.29
CA ASN A 77 4.23 9.12 -14.52
C ASN A 77 5.46 8.46 -13.93
N SER A 78 5.78 8.82 -12.69
CA SER A 78 6.95 8.26 -12.01
C SER A 78 6.54 7.12 -11.08
N LYS A 79 7.42 6.13 -10.96
CA LYS A 79 7.16 4.98 -10.10
C LYS A 79 8.36 4.67 -9.22
N MET A 80 8.16 3.81 -8.23
CA MET A 80 9.24 3.43 -7.32
C MET A 80 9.03 2.02 -6.80
N MET A 81 10.02 1.15 -7.03
CA MET A 81 9.94 -0.23 -6.58
C MET A 81 10.28 -0.34 -5.10
N LEU A 82 9.39 -0.97 -4.34
CA LEU A 82 9.60 -1.14 -2.90
C LEU A 82 9.58 -2.62 -2.52
N GLU A 83 10.12 -2.93 -1.35
CA GLU A 83 10.16 -4.30 -0.87
C GLU A 83 9.44 -4.44 0.47
N LEU A 84 8.73 -5.55 0.65
CA LEU A 84 8.00 -5.79 1.89
C LEU A 84 7.99 -7.28 2.22
N ASP A 85 7.89 -7.59 3.51
CA ASP A 85 7.86 -8.97 3.96
C ASP A 85 6.92 -9.14 5.15
N PRO A 86 5.61 -9.06 4.89
CA PRO A 86 4.59 -9.20 5.94
C PRO A 86 4.50 -10.62 6.48
N PRO A 87 3.77 -10.77 7.60
CA PRO A 87 3.60 -12.09 8.24
C PRO A 87 2.70 -13.02 7.42
N PHE A 88 2.41 -14.19 7.98
CA PHE A 88 1.57 -15.16 7.29
C PHE A 88 0.10 -14.93 7.60
N GLY A 89 -0.61 -14.35 6.63
CA GLY A 89 -2.02 -14.07 6.82
C GLY A 89 -2.59 -13.19 5.72
N ASP A 90 -3.70 -12.53 6.01
CA ASP A 90 -4.34 -11.64 5.04
C ASP A 90 -4.35 -10.20 5.52
N SER A 91 -4.20 -9.27 4.59
CA SER A 91 -4.18 -7.84 4.94
C SER A 91 -4.60 -7.00 3.75
N TYR A 92 -4.59 -5.68 3.93
CA TYR A 92 -4.98 -4.76 2.87
C TYR A 92 -3.85 -3.77 2.57
N ILE A 93 -3.10 -4.04 1.52
CA ILE A 93 -2.00 -3.17 1.13
C ILE A 93 -2.49 -1.78 0.74
N VAL A 94 -2.31 -0.82 1.65
CA VAL A 94 -2.73 0.55 1.41
C VAL A 94 -1.52 1.47 1.22
N ILE A 95 -1.63 2.38 0.25
CA ILE A 95 -0.55 3.32 -0.02
C ILE A 95 -0.92 4.72 0.43
N GLY A 96 -0.21 5.22 1.45
CA GLY A 96 -0.47 6.54 1.97
C GLY A 96 -1.92 6.73 2.38
N VAL A 97 -2.34 7.99 2.52
CA VAL A 97 -3.71 8.29 2.91
C VAL A 97 -4.27 9.45 2.10
N GLY A 98 -5.59 9.55 2.05
CA GLY A 98 -6.24 10.62 1.30
C GLY A 98 -7.63 10.24 0.83
N GLU A 99 -8.14 10.97 -0.15
CA GLU A 99 -9.47 10.71 -0.68
C GLU A 99 -9.43 9.61 -1.74
N LYS A 100 -8.35 9.57 -2.52
CA LYS A 100 -8.19 8.57 -3.56
C LYS A 100 -7.36 7.39 -3.05
N LYS A 101 -7.51 7.07 -1.77
CA LYS A 101 -6.78 5.96 -1.16
C LYS A 101 -6.95 4.68 -1.99
N ILE A 102 -5.86 3.94 -2.13
CA ILE A 102 -5.88 2.70 -2.89
C ILE A 102 -5.64 1.49 -1.98
N THR A 103 -6.29 0.38 -2.30
CA THR A 103 -6.15 -0.84 -1.51
C THR A 103 -6.18 -2.08 -2.41
N HIS A 104 -5.58 -3.16 -1.93
CA HIS A 104 -5.55 -4.41 -2.68
C HIS A 104 -5.67 -5.61 -1.74
N HIS A 105 -6.38 -6.64 -2.20
CA HIS A 105 -6.59 -7.84 -1.41
C HIS A 105 -5.34 -8.72 -1.44
N TRP A 106 -4.79 -9.00 -0.26
CA TRP A 106 -3.60 -9.82 -0.15
C TRP A 106 -3.78 -10.89 0.92
N HIS A 107 -3.79 -12.15 0.50
CA HIS A 107 -3.96 -13.27 1.41
C HIS A 107 -3.11 -14.47 0.98
N ARG A 108 -2.57 -15.19 1.96
CA ARG A 108 -1.74 -16.35 1.67
C ARG A 108 -2.60 -17.60 1.47
N SER A 109 -2.11 -18.52 0.65
CA SER A 109 -2.83 -19.76 0.36
C SER A 109 -1.87 -20.88 -0.02
N GLY A 110 -1.93 -21.98 0.73
CA GLY A 110 -1.06 -23.11 0.45
C GLY A 110 -1.76 -24.43 0.61
N SER A 111 -1.23 -25.30 1.47
CA SER A 111 -1.81 -26.61 1.71
C SER A 111 -2.91 -26.54 2.76
N THR A 112 -4.16 -26.51 2.30
CA THR A 112 -5.30 -26.44 3.21
C THR A 112 -5.24 -27.55 4.25
N ILE A 113 -4.90 -28.75 3.83
CA ILE A 113 -4.80 -29.89 4.73
C ILE A 113 -3.43 -29.95 5.39
N GLY A 114 -3.43 -30.03 6.71
CA GLY A 114 -2.17 -30.11 7.45
C GLY A 114 -1.86 -31.51 7.93
N LYS A 115 -2.03 -32.49 7.04
CA LYS A 115 -1.76 -33.88 7.38
C LYS A 115 -0.61 -34.43 6.53
N MET A 1 -3.08 -6.98 22.26
CA MET A 1 -2.94 -5.87 23.19
C MET A 1 -2.50 -4.61 22.47
N ASP A 2 -3.47 -3.75 22.11
CA ASP A 2 -3.18 -2.51 21.41
C ASP A 2 -3.82 -1.32 22.12
N LYS A 3 -3.47 -0.12 21.69
CA LYS A 3 -4.01 1.10 22.28
C LYS A 3 -4.47 2.07 21.20
N LEU A 4 -5.61 2.72 21.46
CA LEU A 4 -6.16 3.67 20.50
C LEU A 4 -5.64 5.08 20.78
N ARG A 5 -4.96 5.67 19.80
CA ARG A 5 -4.42 7.01 19.94
C ARG A 5 -5.02 7.96 18.91
N LEU A 6 -4.98 9.25 19.19
CA LEU A 6 -5.52 10.25 18.29
C LEU A 6 -4.42 11.17 17.77
N LYS A 7 -4.19 11.13 16.46
CA LYS A 7 -3.16 11.95 15.83
C LYS A 7 -3.70 13.34 15.52
N GLY A 8 -4.61 13.41 14.54
CA GLY A 8 -5.20 14.68 14.16
C GLY A 8 -4.37 15.41 13.12
N VAL A 9 -4.64 15.13 11.85
CA VAL A 9 -3.90 15.76 10.76
C VAL A 9 -4.72 16.90 10.15
N SER A 10 -4.03 17.96 9.74
CA SER A 10 -4.68 19.11 9.13
C SER A 10 -3.99 19.51 7.83
N TYR A 11 -4.56 19.08 6.71
CA TYR A 11 -4.00 19.39 5.40
C TYR A 11 -5.09 19.84 4.43
N SER A 12 -4.82 20.94 3.73
CA SER A 12 -5.78 21.49 2.77
C SER A 12 -6.09 20.46 1.68
N LEU A 13 -7.08 20.78 0.84
CA LEU A 13 -7.46 19.90 -0.25
C LEU A 13 -6.25 19.52 -1.10
N CYS A 14 -6.37 18.41 -1.83
CA CYS A 14 -5.29 17.94 -2.68
C CYS A 14 -5.82 17.47 -4.03
N THR A 15 -4.93 17.35 -5.00
CA THR A 15 -5.31 16.92 -6.34
C THR A 15 -4.23 16.04 -6.97
N ALA A 16 -4.23 14.77 -6.60
CA ALA A 16 -3.25 13.82 -7.13
C ALA A 16 -3.92 12.52 -7.56
N ALA A 17 -3.22 11.76 -8.39
CA ALA A 17 -3.74 10.49 -8.88
C ALA A 17 -2.71 9.37 -8.75
N PHE A 18 -3.18 8.16 -8.49
CA PHE A 18 -2.29 7.01 -8.34
C PHE A 18 -2.63 5.93 -9.36
N THR A 19 -1.64 5.08 -9.67
CA THR A 19 -1.84 4.00 -10.62
C THR A 19 -0.79 2.92 -10.45
N PHE A 20 -1.19 1.66 -10.59
CA PHE A 20 -0.28 0.54 -10.45
C PHE A 20 0.65 0.43 -11.66
N THR A 21 1.94 0.27 -11.41
CA THR A 21 2.92 0.16 -12.48
C THR A 21 3.66 -1.17 -12.40
N LYS A 22 3.95 -1.62 -11.19
CA LYS A 22 4.65 -2.88 -10.99
C LYS A 22 3.73 -3.91 -10.32
N ILE A 23 3.26 -4.87 -11.12
CA ILE A 23 2.38 -5.91 -10.62
C ILE A 23 3.04 -6.69 -9.48
N PRO A 24 2.29 -6.89 -8.38
CA PRO A 24 2.78 -7.62 -7.22
C PRO A 24 2.96 -9.11 -7.48
N ALA A 25 4.05 -9.67 -6.99
CA ALA A 25 4.34 -11.09 -7.17
C ALA A 25 5.22 -11.63 -6.06
N GLU A 26 4.72 -12.61 -5.32
CA GLU A 26 5.47 -13.20 -4.23
C GLU A 26 6.66 -14.00 -4.75
N THR A 27 7.71 -14.12 -3.93
CA THR A 27 8.89 -14.86 -4.32
C THR A 27 9.20 -15.98 -3.31
N LEU A 28 10.28 -16.70 -3.56
CA LEU A 28 10.68 -17.79 -2.67
C LEU A 28 10.89 -17.29 -1.25
N HIS A 29 11.30 -16.03 -1.12
CA HIS A 29 11.53 -15.44 0.19
C HIS A 29 10.22 -15.23 0.94
N GLY A 30 9.14 -15.04 0.19
CA GLY A 30 7.84 -14.83 0.81
C GLY A 30 7.53 -13.36 1.06
N THR A 31 7.71 -12.54 0.02
CA THR A 31 7.46 -11.11 0.13
C THR A 31 7.02 -10.52 -1.20
N VAL A 32 6.12 -9.54 -1.13
CA VAL A 32 5.62 -8.90 -2.34
C VAL A 32 5.96 -7.41 -2.35
N THR A 33 6.14 -6.86 -3.56
CA THR A 33 6.49 -5.46 -3.71
C THR A 33 5.46 -4.73 -4.56
N VAL A 34 5.15 -3.49 -4.20
CA VAL A 34 4.18 -2.69 -4.94
C VAL A 34 4.77 -1.34 -5.34
N GLU A 35 4.65 -1.01 -6.61
CA GLU A 35 5.17 0.26 -7.13
C GLU A 35 4.13 0.98 -7.96
N VAL A 36 3.91 2.26 -7.65
CA VAL A 36 2.94 3.07 -8.38
C VAL A 36 3.52 4.41 -8.79
N GLN A 37 2.79 5.15 -9.61
CA GLN A 37 3.24 6.46 -10.07
C GLN A 37 2.61 7.58 -9.25
N TYR A 38 3.45 8.43 -8.67
CA TYR A 38 2.98 9.54 -7.85
C TYR A 38 3.22 10.87 -8.55
N ALA A 39 2.16 11.43 -9.13
CA ALA A 39 2.26 12.71 -9.83
C ALA A 39 1.84 13.86 -8.93
N GLY A 40 2.27 13.81 -7.67
CA GLY A 40 1.93 14.86 -6.73
C GLY A 40 2.53 16.20 -7.11
N THR A 41 2.14 17.24 -6.39
CA THR A 41 2.65 18.58 -6.66
C THR A 41 4.17 18.61 -6.65
N ASP A 42 4.75 18.46 -5.46
CA ASP A 42 6.20 18.47 -5.31
C ASP A 42 6.62 17.85 -3.98
N GLY A 43 7.08 16.60 -4.04
CA GLY A 43 7.51 15.92 -2.83
C GLY A 43 8.59 16.67 -2.08
N PRO A 44 9.12 16.05 -1.01
CA PRO A 44 8.67 14.73 -0.57
C PRO A 44 7.27 14.75 0.01
N CYS A 45 6.44 13.80 -0.41
CA CYS A 45 5.07 13.70 0.07
C CYS A 45 4.81 12.35 0.71
N LYS A 46 3.64 12.21 1.34
CA LYS A 46 3.26 10.96 1.99
C LYS A 46 2.61 10.00 0.99
N VAL A 47 3.03 8.74 1.03
CA VAL A 47 2.48 7.73 0.14
C VAL A 47 1.69 6.68 0.92
N PRO A 48 0.37 6.91 1.04
CA PRO A 48 -0.52 6.00 1.75
C PRO A 48 -0.72 4.68 1.01
N ALA A 49 -0.55 3.57 1.72
CA ALA A 49 -0.71 2.25 1.12
C ALA A 49 -1.00 1.20 2.20
N GLN A 50 -1.96 0.32 1.91
CA GLN A 50 -2.33 -0.73 2.85
C GLN A 50 -3.44 -1.60 2.27
N MET A 51 -3.86 -2.60 3.05
CA MET A 51 -4.91 -3.51 2.61
C MET A 51 -5.90 -3.77 3.74
N ALA A 52 -7.07 -4.31 3.39
CA ALA A 52 -8.10 -4.61 4.39
C ALA A 52 -9.10 -5.62 3.84
N VAL A 53 -9.43 -6.61 4.65
CA VAL A 53 -10.38 -7.65 4.25
C VAL A 53 -11.81 -7.12 4.25
N ASP A 54 -12.11 -6.24 5.20
CA ASP A 54 -13.44 -5.65 5.31
C ASP A 54 -13.42 -4.18 4.91
N MET A 55 -14.60 -3.58 4.80
CA MET A 55 -14.71 -2.17 4.42
C MET A 55 -15.04 -1.31 5.64
N GLN A 56 -15.86 -1.85 6.54
CA GLN A 56 -16.25 -1.13 7.74
C GLN A 56 -15.04 -0.60 8.48
N THR A 57 -14.13 -1.51 8.85
CA THR A 57 -12.92 -1.14 9.57
C THR A 57 -11.85 -0.62 8.62
N LEU A 58 -11.69 -1.31 7.49
CA LEU A 58 -10.70 -0.93 6.50
C LEU A 58 -9.32 -0.76 7.14
N THR A 59 -9.03 -1.60 8.12
CA THR A 59 -7.74 -1.54 8.82
C THR A 59 -6.62 -2.12 7.96
N PRO A 60 -5.43 -1.50 8.04
CA PRO A 60 -4.26 -1.94 7.28
C PRO A 60 -3.72 -3.28 7.76
N VAL A 61 -3.68 -4.25 6.86
CA VAL A 61 -3.17 -5.58 7.18
C VAL A 61 -1.76 -5.79 6.65
N GLY A 62 -0.91 -6.42 7.47
CA GLY A 62 0.46 -6.66 7.06
C GLY A 62 1.15 -5.41 6.56
N ARG A 63 1.90 -5.54 5.47
CA ARG A 63 2.62 -4.41 4.89
C ARG A 63 3.58 -3.81 5.90
N LEU A 64 4.27 -4.66 6.65
CA LEU A 64 5.22 -4.22 7.66
C LEU A 64 6.64 -4.66 7.31
N ILE A 65 7.20 -4.07 6.26
CA ILE A 65 8.55 -4.40 5.82
C ILE A 65 9.45 -3.18 5.84
N THR A 66 9.07 -2.16 5.08
CA THR A 66 9.84 -0.92 5.01
C THR A 66 9.91 -0.24 6.37
N ALA A 67 10.82 0.73 6.49
CA ALA A 67 10.98 1.47 7.74
C ALA A 67 10.32 2.84 7.66
N ASN A 68 10.77 3.65 6.70
CA ASN A 68 10.23 4.99 6.51
C ASN A 68 10.30 5.41 5.04
N PRO A 69 9.41 4.82 4.22
CA PRO A 69 9.35 5.11 2.78
C PRO A 69 8.84 6.52 2.51
N VAL A 70 9.59 7.27 1.69
CA VAL A 70 9.20 8.63 1.33
C VAL A 70 9.69 8.99 -0.06
N ILE A 71 8.84 9.69 -0.81
CA ILE A 71 9.19 10.11 -2.17
C ILE A 71 10.34 11.10 -2.16
N THR A 72 11.46 10.72 -2.76
CA THR A 72 12.62 11.58 -2.83
C THR A 72 12.61 12.43 -4.10
N GLU A 73 12.28 11.81 -5.22
CA GLU A 73 12.22 12.51 -6.50
C GLU A 73 11.36 13.76 -6.39
N SER A 74 11.66 14.76 -7.22
CA SER A 74 10.90 16.01 -7.22
C SER A 74 9.99 16.09 -8.43
N THR A 75 10.46 15.57 -9.56
CA THR A 75 9.68 15.59 -10.80
C THR A 75 8.47 14.67 -10.70
N GLU A 76 7.38 15.07 -11.32
CA GLU A 76 6.15 14.28 -11.31
C GLU A 76 6.39 12.90 -11.89
N ASN A 77 5.33 12.08 -11.94
CA ASN A 77 5.43 10.73 -12.48
C ASN A 77 6.56 9.96 -11.81
N SER A 78 6.74 10.20 -10.51
CA SER A 78 7.79 9.52 -9.75
C SER A 78 7.24 8.31 -9.00
N LYS A 79 7.90 7.18 -9.14
CA LYS A 79 7.47 5.95 -8.48
C LYS A 79 8.50 5.52 -7.44
N MET A 80 8.04 4.70 -6.48
CA MET A 80 8.92 4.21 -5.43
C MET A 80 8.63 2.75 -5.10
N MET A 81 9.68 1.96 -4.97
CA MET A 81 9.53 0.54 -4.66
C MET A 81 9.21 0.33 -3.18
N LEU A 82 8.15 -0.40 -2.90
CA LEU A 82 7.75 -0.68 -1.52
C LEU A 82 7.75 -2.18 -1.24
N GLU A 83 7.83 -2.54 0.04
CA GLU A 83 7.85 -3.94 0.45
C GLU A 83 6.70 -4.24 1.39
N LEU A 84 6.04 -5.37 1.16
CA LEU A 84 4.92 -5.78 1.99
C LEU A 84 5.05 -7.25 2.40
N ASP A 85 4.45 -7.59 3.53
CA ASP A 85 4.49 -8.96 4.03
C ASP A 85 3.21 -9.31 4.77
N PRO A 86 2.12 -9.53 4.02
CA PRO A 86 0.81 -9.87 4.58
C PRO A 86 0.79 -11.27 5.18
N PRO A 87 -0.28 -11.58 5.93
CA PRO A 87 -0.44 -12.89 6.58
C PRO A 87 -0.71 -13.99 5.56
N PHE A 88 -0.93 -15.21 6.07
CA PHE A 88 -1.21 -16.35 5.21
C PHE A 88 -2.35 -16.05 4.24
N GLY A 89 -2.01 -15.79 2.99
CA GLY A 89 -3.01 -15.49 1.99
C GLY A 89 -3.42 -14.02 2.01
N ASP A 90 -2.74 -13.21 1.22
CA ASP A 90 -3.04 -11.78 1.14
C ASP A 90 -4.53 -11.55 0.88
N SER A 91 -5.03 -10.41 1.33
CA SER A 91 -6.44 -10.06 1.15
C SER A 91 -6.64 -9.25 -0.12
N TYR A 92 -6.26 -7.97 -0.06
CA TYR A 92 -6.40 -7.08 -1.21
C TYR A 92 -5.28 -6.05 -1.23
N ILE A 93 -5.34 -5.14 -2.20
CA ILE A 93 -4.33 -4.10 -2.34
C ILE A 93 -4.96 -2.78 -2.75
N VAL A 94 -4.72 -1.74 -1.95
CA VAL A 94 -5.25 -0.41 -2.23
C VAL A 94 -4.25 0.67 -1.86
N ILE A 95 -4.05 1.61 -2.78
CA ILE A 95 -3.12 2.71 -2.54
C ILE A 95 -3.86 4.04 -2.42
N GLY A 96 -3.67 4.70 -1.27
CA GLY A 96 -4.33 5.97 -1.05
C GLY A 96 -5.83 5.89 -1.20
N VAL A 97 -6.49 7.04 -1.17
CA VAL A 97 -7.94 7.10 -1.32
C VAL A 97 -8.36 8.28 -2.18
N GLY A 98 -9.57 8.20 -2.74
CA GLY A 98 -10.07 9.26 -3.59
C GLY A 98 -11.05 8.75 -4.64
N GLU A 99 -11.15 9.49 -5.75
CA GLU A 99 -12.05 9.11 -6.82
C GLU A 99 -11.40 8.09 -7.74
N LYS A 100 -10.09 8.21 -7.91
CA LYS A 100 -9.34 7.30 -8.77
C LYS A 100 -8.75 6.15 -7.96
N LYS A 101 -9.48 5.71 -6.93
CA LYS A 101 -9.02 4.62 -6.09
C LYS A 101 -8.62 3.41 -6.92
N ILE A 102 -7.43 2.87 -6.64
CA ILE A 102 -6.93 1.72 -7.36
C ILE A 102 -6.99 0.46 -6.50
N THR A 103 -7.36 -0.66 -7.10
CA THR A 103 -7.46 -1.93 -6.39
C THR A 103 -6.78 -3.05 -7.17
N HIS A 104 -6.55 -4.17 -6.52
CA HIS A 104 -5.91 -5.32 -7.15
C HIS A 104 -6.08 -6.57 -6.29
N HIS A 105 -6.66 -7.61 -6.88
CA HIS A 105 -6.87 -8.87 -6.17
C HIS A 105 -5.55 -9.61 -5.97
N TRP A 106 -5.09 -9.67 -4.73
CA TRP A 106 -3.84 -10.34 -4.40
C TRP A 106 -4.02 -11.29 -3.21
N HIS A 107 -3.77 -12.57 -3.45
CA HIS A 107 -3.92 -13.58 -2.40
C HIS A 107 -2.97 -14.75 -2.65
N ARG A 108 -2.32 -15.22 -1.58
CA ARG A 108 -1.38 -16.32 -1.68
C ARG A 108 -2.11 -17.66 -1.63
N SER A 109 -1.96 -18.45 -2.69
CA SER A 109 -2.61 -19.75 -2.77
C SER A 109 -1.58 -20.86 -2.98
N GLY A 110 -1.70 -21.93 -2.21
CA GLY A 110 -0.78 -23.04 -2.33
C GLY A 110 -1.49 -24.37 -2.44
N SER A 111 -2.34 -24.67 -1.46
CA SER A 111 -3.08 -25.93 -1.44
C SER A 111 -4.49 -25.72 -0.91
N THR A 112 -5.28 -26.79 -0.91
CA THR A 112 -6.66 -26.73 -0.43
C THR A 112 -6.70 -26.60 1.09
N ILE A 113 -6.18 -27.61 1.78
CA ILE A 113 -6.17 -27.62 3.23
C ILE A 113 -4.76 -27.37 3.76
N GLY A 114 -4.50 -26.16 4.24
CA GLY A 114 -3.20 -25.82 4.76
C GLY A 114 -3.13 -25.94 6.27
N LYS A 115 -3.50 -27.10 6.79
CA LYS A 115 -3.49 -27.33 8.24
C LYS A 115 -2.07 -27.24 8.78
N MET A 1 -15.75 12.22 8.07
CA MET A 1 -16.01 13.60 7.65
C MET A 1 -16.63 14.39 8.80
N ASP A 2 -16.11 14.18 10.01
CA ASP A 2 -16.61 14.88 11.19
C ASP A 2 -16.52 16.39 10.99
N LYS A 3 -17.04 17.14 11.97
CA LYS A 3 -17.01 18.60 11.91
C LYS A 3 -16.50 19.18 13.22
N LEU A 4 -15.29 18.82 13.60
CA LEU A 4 -14.68 19.31 14.83
C LEU A 4 -13.74 20.46 14.55
N ARG A 5 -13.69 21.43 15.47
CA ARG A 5 -12.83 22.58 15.32
C ARG A 5 -11.65 22.51 16.29
N LEU A 6 -10.45 22.39 15.74
CA LEU A 6 -9.23 22.31 16.56
C LEU A 6 -8.52 23.65 16.61
N LYS A 7 -8.34 24.18 17.82
CA LYS A 7 -7.66 25.46 18.02
C LYS A 7 -6.16 25.29 17.94
N GLY A 8 -5.62 24.38 18.74
CA GLY A 8 -4.19 24.14 18.76
C GLY A 8 -3.80 22.90 17.98
N VAL A 9 -2.95 23.08 16.98
CA VAL A 9 -2.50 21.96 16.15
C VAL A 9 -1.34 22.37 15.25
N SER A 10 -0.35 21.50 15.15
CA SER A 10 0.83 21.76 14.33
C SER A 10 1.00 20.69 13.26
N TYR A 11 -0.01 20.57 12.40
CA TYR A 11 0.03 19.58 11.33
C TYR A 11 -0.61 20.12 10.06
N SER A 12 -0.46 19.40 8.95
CA SER A 12 -1.02 19.81 7.68
C SER A 12 -1.83 18.68 7.04
N LEU A 13 -2.59 19.02 6.01
CA LEU A 13 -3.41 18.03 5.31
C LEU A 13 -2.84 17.71 3.95
N CYS A 14 -3.10 16.49 3.46
CA CYS A 14 -2.60 16.07 2.16
C CYS A 14 -3.74 15.51 1.31
N THR A 15 -3.61 15.65 -0.01
CA THR A 15 -4.63 15.17 -0.93
C THR A 15 -4.00 14.70 -2.25
N ALA A 16 -3.46 13.48 -2.24
CA ALA A 16 -2.84 12.91 -3.43
C ALA A 16 -3.64 11.74 -3.96
N ALA A 17 -3.14 11.11 -5.02
CA ALA A 17 -3.80 9.96 -5.62
C ALA A 17 -2.84 8.79 -5.80
N PHE A 18 -3.41 7.59 -5.92
CA PHE A 18 -2.60 6.39 -6.09
C PHE A 18 -3.23 5.44 -7.10
N THR A 19 -2.40 4.64 -7.75
CA THR A 19 -2.88 3.70 -8.76
C THR A 19 -1.87 2.58 -8.99
N PHE A 20 -2.36 1.35 -9.08
CA PHE A 20 -1.49 0.19 -9.30
C PHE A 20 -0.87 0.24 -10.69
N THR A 21 0.44 0.02 -10.76
CA THR A 21 1.15 0.03 -12.02
C THR A 21 1.81 -1.31 -12.30
N LYS A 22 2.30 -1.95 -11.24
CA LYS A 22 2.96 -3.26 -11.36
C LYS A 22 2.18 -4.33 -10.61
N ILE A 23 1.47 -5.18 -11.34
CA ILE A 23 0.70 -6.25 -10.74
C ILE A 23 1.56 -7.12 -9.84
N PRO A 24 1.06 -7.40 -8.63
CA PRO A 24 1.78 -8.23 -7.65
C PRO A 24 1.85 -9.70 -8.07
N ALA A 25 2.97 -10.33 -7.80
CA ALA A 25 3.17 -11.73 -8.14
C ALA A 25 4.38 -12.32 -7.43
N GLU A 26 4.15 -13.37 -6.64
CA GLU A 26 5.23 -14.01 -5.90
C GLU A 26 6.16 -14.77 -6.85
N THR A 27 7.42 -14.90 -6.45
CA THR A 27 8.41 -15.59 -7.25
C THR A 27 9.00 -16.78 -6.50
N LEU A 28 10.03 -17.38 -7.07
CA LEU A 28 10.68 -18.53 -6.46
C LEU A 28 11.12 -18.20 -5.04
N HIS A 29 11.51 -16.95 -4.81
CA HIS A 29 11.94 -16.51 -3.48
C HIS A 29 10.77 -16.47 -2.51
N GLY A 30 9.57 -16.24 -3.04
CA GLY A 30 8.39 -16.17 -2.21
C GLY A 30 8.09 -14.76 -1.72
N THR A 31 8.41 -13.77 -2.56
CA THR A 31 8.18 -12.38 -2.21
C THR A 31 7.41 -11.66 -3.30
N VAL A 32 6.56 -10.73 -2.90
CA VAL A 32 5.76 -9.96 -3.86
C VAL A 32 6.06 -8.47 -3.76
N THR A 33 6.12 -7.80 -4.90
CA THR A 33 6.40 -6.37 -4.95
C THR A 33 5.26 -5.60 -5.61
N VAL A 34 4.97 -4.42 -5.10
CA VAL A 34 3.91 -3.58 -5.64
C VAL A 34 4.41 -2.19 -5.95
N GLU A 35 4.01 -1.65 -7.10
CA GLU A 35 4.43 -0.32 -7.52
C GLU A 35 3.22 0.50 -7.96
N VAL A 36 3.13 1.72 -7.43
CA VAL A 36 2.02 2.62 -7.78
C VAL A 36 2.54 4.00 -8.18
N GLN A 37 1.62 4.88 -8.57
CA GLN A 37 1.98 6.23 -8.97
C GLN A 37 1.74 7.21 -7.83
N TYR A 38 2.66 8.16 -7.67
CA TYR A 38 2.56 9.16 -6.61
C TYR A 38 2.49 10.56 -7.20
N ALA A 39 1.27 11.09 -7.30
CA ALA A 39 1.05 12.43 -7.83
C ALA A 39 0.55 13.39 -6.76
N GLY A 40 1.49 13.99 -6.03
CA GLY A 40 1.13 14.92 -4.98
C GLY A 40 1.98 16.17 -5.00
N THR A 41 2.81 16.34 -3.97
CA THR A 41 3.68 17.51 -3.87
C THR A 41 5.14 17.10 -3.98
N ASP A 42 5.42 16.13 -4.83
CA ASP A 42 6.80 15.65 -5.03
C ASP A 42 7.45 15.32 -3.69
N GLY A 43 6.67 14.80 -2.76
CA GLY A 43 7.19 14.44 -1.46
C GLY A 43 7.92 15.60 -0.80
N PRO A 44 8.58 15.31 0.34
CA PRO A 44 8.59 13.97 0.93
C PRO A 44 7.23 13.57 1.49
N CYS A 45 6.73 12.42 1.07
CA CYS A 45 5.45 11.91 1.54
C CYS A 45 5.54 10.45 1.93
N LYS A 46 4.67 10.03 2.84
CA LYS A 46 4.64 8.65 3.31
C LYS A 46 3.85 7.77 2.34
N VAL A 47 4.39 6.59 2.06
CA VAL A 47 3.73 5.65 1.15
C VAL A 47 3.30 4.39 1.89
N PRO A 48 2.05 4.39 2.39
CA PRO A 48 1.49 3.25 3.12
C PRO A 48 1.24 2.05 2.23
N ALA A 49 1.45 0.85 2.77
CA ALA A 49 1.24 -0.38 2.02
C ALA A 49 1.01 -1.56 2.95
N GLN A 50 -0.12 -2.23 2.76
CA GLN A 50 -0.47 -3.39 3.60
C GLN A 50 -1.69 -4.10 3.05
N MET A 51 -1.99 -5.27 3.61
CA MET A 51 -3.14 -6.05 3.18
C MET A 51 -3.87 -6.66 4.38
N ALA A 52 -5.02 -7.28 4.12
CA ALA A 52 -5.81 -7.90 5.17
C ALA A 52 -6.97 -8.69 4.59
N VAL A 53 -7.43 -9.69 5.32
CA VAL A 53 -8.54 -10.53 4.88
C VAL A 53 -9.86 -9.78 5.00
N ASP A 54 -9.99 -8.96 6.04
CA ASP A 54 -11.20 -8.18 6.26
C ASP A 54 -10.92 -6.69 6.16
N MET A 55 -11.95 -5.91 5.89
CA MET A 55 -11.82 -4.46 5.76
C MET A 55 -12.39 -3.75 6.98
N GLN A 56 -13.48 -4.30 7.52
CA GLN A 56 -14.12 -3.72 8.69
C GLN A 56 -13.11 -3.48 9.81
N THR A 57 -12.15 -4.39 9.94
CA THR A 57 -11.12 -4.28 10.98
C THR A 57 -9.75 -4.06 10.35
N LEU A 58 -9.52 -4.67 9.20
CA LEU A 58 -8.24 -4.53 8.50
C LEU A 58 -7.08 -4.85 9.45
N THR A 59 -7.23 -5.92 10.23
CA THR A 59 -6.20 -6.33 11.16
C THR A 59 -4.83 -6.45 10.47
N PRO A 60 -3.77 -6.11 11.21
CA PRO A 60 -2.40 -6.16 10.68
C PRO A 60 -1.92 -7.60 10.47
N VAL A 61 -1.82 -7.99 9.20
CA VAL A 61 -1.37 -9.33 8.86
C VAL A 61 -0.20 -9.29 7.88
N GLY A 62 0.59 -10.36 7.87
CA GLY A 62 1.74 -10.42 6.98
C GLY A 62 3.00 -9.92 7.64
N ARG A 63 4.01 -9.60 6.83
CA ARG A 63 5.28 -9.10 7.34
C ARG A 63 6.00 -8.25 6.30
N LEU A 64 6.24 -6.99 6.63
CA LEU A 64 6.91 -6.08 5.72
C LEU A 64 8.42 -6.27 5.78
N ILE A 65 9.11 -5.92 4.69
CA ILE A 65 10.55 -6.05 4.62
C ILE A 65 11.23 -4.68 4.61
N THR A 66 10.62 -3.73 3.90
CA THR A 66 11.16 -2.38 3.81
C THR A 66 11.32 -1.76 5.19
N ALA A 67 12.14 -0.71 5.27
CA ALA A 67 12.38 -0.02 6.53
C ALA A 67 11.56 1.28 6.62
N ASN A 68 11.79 2.17 5.65
CA ASN A 68 11.08 3.44 5.62
C ASN A 68 10.99 3.97 4.19
N PRO A 69 10.13 3.35 3.38
CA PRO A 69 9.93 3.75 1.98
C PRO A 69 9.23 5.09 1.85
N VAL A 70 9.87 6.03 1.18
CA VAL A 70 9.30 7.36 0.98
C VAL A 70 9.68 7.92 -0.38
N ILE A 71 8.94 8.93 -0.82
CA ILE A 71 9.19 9.56 -2.12
C ILE A 71 9.99 10.85 -1.95
N THR A 72 11.28 10.80 -2.26
CA THR A 72 12.14 11.96 -2.14
C THR A 72 12.49 12.52 -3.51
N GLU A 73 11.76 12.10 -4.53
CA GLU A 73 11.99 12.56 -5.89
C GLU A 73 11.41 13.95 -6.10
N SER A 74 12.02 14.71 -7.00
CA SER A 74 11.58 16.07 -7.30
C SER A 74 10.53 16.05 -8.42
N THR A 75 10.76 15.22 -9.43
CA THR A 75 9.84 15.12 -10.55
C THR A 75 8.43 14.77 -10.09
N GLU A 76 7.51 14.68 -11.04
CA GLU A 76 6.13 14.36 -10.73
C GLU A 76 5.76 12.96 -11.23
N ASN A 77 4.69 12.41 -10.67
CA ASN A 77 4.24 11.07 -11.05
C ASN A 77 5.36 10.05 -10.86
N SER A 78 6.10 10.19 -9.78
CA SER A 78 7.21 9.28 -9.49
C SER A 78 6.68 7.91 -9.08
N LYS A 79 7.56 6.91 -9.11
CA LYS A 79 7.18 5.56 -8.74
C LYS A 79 8.27 4.89 -7.91
N MET A 80 7.89 3.95 -7.06
CA MET A 80 8.83 3.24 -6.20
C MET A 80 8.38 1.80 -5.96
N MET A 81 9.34 0.88 -5.93
CA MET A 81 9.03 -0.53 -5.71
C MET A 81 9.11 -0.86 -4.22
N LEU A 82 8.21 -1.73 -3.77
CA LEU A 82 8.19 -2.15 -2.37
C LEU A 82 8.26 -3.66 -2.24
N GLU A 83 8.66 -4.14 -1.07
CA GLU A 83 8.78 -5.57 -0.82
C GLU A 83 7.72 -6.03 0.17
N LEU A 84 6.98 -7.07 -0.20
CA LEU A 84 5.93 -7.62 0.65
C LEU A 84 6.05 -9.14 0.76
N ASP A 85 5.71 -9.67 1.92
CA ASP A 85 5.78 -11.10 2.16
C ASP A 85 4.55 -11.59 2.94
N PRO A 86 3.40 -11.62 2.26
CA PRO A 86 2.13 -12.04 2.87
C PRO A 86 2.11 -13.55 3.14
N PRO A 87 1.12 -13.99 3.93
CA PRO A 87 0.96 -15.40 4.28
C PRO A 87 0.54 -16.26 3.09
N PHE A 88 0.21 -17.52 3.36
CA PHE A 88 -0.21 -18.44 2.31
C PHE A 88 -1.73 -18.49 2.20
N GLY A 89 -2.24 -18.16 1.01
CA GLY A 89 -3.67 -18.18 0.79
C GLY A 89 -4.13 -17.04 -0.10
N ASP A 90 -5.09 -16.26 0.40
CA ASP A 90 -5.62 -15.13 -0.37
C ASP A 90 -5.72 -13.88 0.51
N SER A 91 -5.26 -12.76 -0.02
CA SER A 91 -5.29 -11.49 0.71
C SER A 91 -5.74 -10.34 -0.20
N TYR A 92 -5.88 -9.16 0.39
CA TYR A 92 -6.30 -7.98 -0.36
C TYR A 92 -5.32 -6.83 -0.16
N ILE A 93 -4.51 -6.57 -1.18
CA ILE A 93 -3.53 -5.50 -1.11
C ILE A 93 -4.20 -4.13 -1.23
N VAL A 94 -3.89 -3.25 -0.29
CA VAL A 94 -4.46 -1.91 -0.29
C VAL A 94 -3.40 -0.86 -0.02
N ILE A 95 -3.44 0.24 -0.76
CA ILE A 95 -2.48 1.32 -0.60
C ILE A 95 -3.13 2.54 0.05
N GLY A 96 -2.82 2.77 1.32
CA GLY A 96 -3.38 3.90 2.03
C GLY A 96 -4.89 3.95 1.95
N VAL A 97 -5.46 5.10 2.31
CA VAL A 97 -6.92 5.27 2.27
C VAL A 97 -7.29 6.63 1.70
N GLY A 98 -8.49 6.72 1.14
CA GLY A 98 -8.95 7.97 0.57
C GLY A 98 -10.11 7.78 -0.40
N GLU A 99 -10.28 8.74 -1.31
CA GLU A 99 -11.35 8.66 -2.30
C GLU A 99 -10.94 7.82 -3.48
N LYS A 100 -9.66 7.87 -3.83
CA LYS A 100 -9.14 7.10 -4.96
C LYS A 100 -8.56 5.77 -4.49
N LYS A 101 -9.18 5.19 -3.47
CA LYS A 101 -8.73 3.91 -2.92
C LYS A 101 -8.58 2.88 -4.03
N ILE A 102 -7.64 1.95 -3.83
CA ILE A 102 -7.40 0.90 -4.82
C ILE A 102 -7.38 -0.48 -4.17
N THR A 103 -7.79 -1.49 -4.92
CA THR A 103 -7.81 -2.86 -4.41
C THR A 103 -7.44 -3.86 -5.50
N HIS A 104 -6.86 -4.98 -5.09
CA HIS A 104 -6.45 -6.02 -6.02
C HIS A 104 -6.59 -7.40 -5.40
N HIS A 105 -7.36 -8.27 -6.06
CA HIS A 105 -7.57 -9.62 -5.57
C HIS A 105 -6.29 -10.44 -5.64
N TRP A 106 -5.90 -11.02 -4.51
CA TRP A 106 -4.68 -11.83 -4.45
C TRP A 106 -4.96 -13.19 -3.83
N HIS A 107 -4.69 -14.24 -4.59
CA HIS A 107 -4.92 -15.61 -4.12
C HIS A 107 -3.85 -16.55 -4.65
N ARG A 108 -3.48 -17.54 -3.85
CA ARG A 108 -2.47 -18.52 -4.25
C ARG A 108 -3.10 -19.90 -4.44
N SER A 109 -3.20 -20.32 -5.70
CA SER A 109 -3.78 -21.62 -6.03
C SER A 109 -2.75 -22.53 -6.69
N GLY A 110 -2.18 -23.44 -5.92
CA GLY A 110 -1.19 -24.36 -6.45
C GLY A 110 -0.14 -24.74 -5.42
N SER A 111 -0.31 -25.91 -4.82
CA SER A 111 0.63 -26.39 -3.80
C SER A 111 0.52 -27.90 -3.64
N THR A 112 1.66 -28.58 -3.71
CA THR A 112 1.70 -30.03 -3.57
C THR A 112 1.33 -30.46 -2.16
N ILE A 113 1.74 -29.65 -1.18
CA ILE A 113 1.44 -29.95 0.21
C ILE A 113 -0.06 -29.91 0.48
N GLY A 114 -0.67 -31.08 0.60
CA GLY A 114 -2.10 -31.15 0.85
C GLY A 114 -2.42 -31.13 2.33
N LYS A 115 -1.92 -30.13 3.04
CA LYS A 115 -2.16 -30.00 4.47
C LYS A 115 -3.66 -30.00 4.77
N MET A 1 -25.39 37.64 26.40
CA MET A 1 -24.49 36.71 25.72
C MET A 1 -23.05 37.21 25.79
N ASP A 2 -22.12 36.39 25.31
CA ASP A 2 -20.71 36.74 25.32
C ASP A 2 -20.30 37.39 24.01
N LYS A 3 -20.87 36.89 22.91
CA LYS A 3 -20.57 37.43 21.59
C LYS A 3 -19.06 37.38 21.31
N LEU A 4 -18.42 36.32 21.77
CA LEU A 4 -16.98 36.16 21.57
C LEU A 4 -16.69 34.96 20.68
N ARG A 5 -15.66 35.08 19.84
CA ARG A 5 -15.28 34.00 18.95
C ARG A 5 -13.80 33.63 19.12
N LEU A 6 -13.39 32.54 18.49
CA LEU A 6 -12.00 32.09 18.58
C LEU A 6 -11.29 32.26 17.24
N LYS A 7 -10.38 33.22 17.18
CA LYS A 7 -9.63 33.49 15.96
C LYS A 7 -8.14 33.63 16.26
N GLY A 8 -7.32 33.01 15.43
CA GLY A 8 -5.88 33.08 15.62
C GLY A 8 -5.12 32.14 14.72
N VAL A 9 -3.80 32.07 14.89
CA VAL A 9 -2.97 31.20 14.08
C VAL A 9 -3.30 29.73 14.33
N SER A 10 -3.32 28.95 13.24
CA SER A 10 -3.62 27.52 13.34
C SER A 10 -3.27 26.80 12.05
N TYR A 11 -2.53 25.70 12.17
CA TYR A 11 -2.12 24.92 11.02
C TYR A 11 -3.28 24.11 10.47
N SER A 12 -3.13 23.63 9.24
CA SER A 12 -4.16 22.83 8.59
C SER A 12 -3.75 21.37 8.49
N LEU A 13 -4.68 20.52 8.07
CA LEU A 13 -4.41 19.10 7.92
C LEU A 13 -4.54 18.65 6.47
N CYS A 14 -3.92 17.53 6.13
CA CYS A 14 -3.98 17.01 4.77
C CYS A 14 -4.28 15.51 4.78
N THR A 15 -4.70 14.99 3.64
CA THR A 15 -5.03 13.57 3.51
C THR A 15 -4.73 13.07 2.11
N ALA A 16 -3.46 12.76 1.84
CA ALA A 16 -3.05 12.26 0.55
C ALA A 16 -3.82 10.99 0.18
N ALA A 17 -3.60 10.51 -1.04
CA ALA A 17 -4.26 9.29 -1.52
C ALA A 17 -3.32 8.46 -2.38
N PHE A 18 -3.46 7.14 -2.29
CA PHE A 18 -2.63 6.23 -3.06
C PHE A 18 -3.48 5.39 -4.01
N THR A 19 -2.85 4.86 -5.05
CA THR A 19 -3.55 4.05 -6.04
C THR A 19 -2.59 3.09 -6.74
N PHE A 20 -3.14 2.03 -7.32
CA PHE A 20 -2.33 1.04 -8.02
C PHE A 20 -1.95 1.53 -9.42
N THR A 21 -0.67 1.39 -9.77
CA THR A 21 -0.18 1.83 -11.07
C THR A 21 0.40 0.66 -11.85
N LYS A 22 1.08 -0.24 -11.15
CA LYS A 22 1.69 -1.41 -11.77
C LYS A 22 1.07 -2.69 -11.25
N ILE A 23 0.23 -3.31 -12.08
CA ILE A 23 -0.43 -4.56 -11.71
C ILE A 23 0.59 -5.63 -11.30
N PRO A 24 0.32 -6.29 -10.16
CA PRO A 24 1.21 -7.33 -9.64
C PRO A 24 1.19 -8.59 -10.49
N ALA A 25 2.27 -9.36 -10.44
CA ALA A 25 2.36 -10.59 -11.22
C ALA A 25 3.63 -11.37 -10.85
N GLU A 26 3.45 -12.63 -10.47
CA GLU A 26 4.59 -13.48 -10.09
C GLU A 26 5.45 -13.80 -11.32
N THR A 27 6.74 -14.01 -11.07
CA THR A 27 7.68 -14.32 -12.15
C THR A 27 8.36 -15.65 -11.90
N LEU A 28 9.32 -15.99 -12.75
CA LEU A 28 10.06 -17.24 -12.63
C LEU A 28 10.67 -17.38 -11.23
N HIS A 29 11.07 -16.25 -10.65
CA HIS A 29 11.65 -16.25 -9.32
C HIS A 29 10.61 -16.59 -8.26
N GLY A 30 9.36 -16.24 -8.54
CA GLY A 30 8.29 -16.51 -7.60
C GLY A 30 8.04 -15.35 -6.65
N THR A 31 8.25 -14.14 -7.14
CA THR A 31 8.05 -12.95 -6.32
C THR A 31 7.13 -11.95 -7.02
N VAL A 32 6.32 -11.25 -6.24
CA VAL A 32 5.40 -10.26 -6.77
C VAL A 32 5.73 -8.86 -6.28
N THR A 33 5.68 -7.88 -7.18
CA THR A 33 5.98 -6.51 -6.84
C THR A 33 4.73 -5.63 -6.92
N VAL A 34 4.65 -4.66 -6.01
CA VAL A 34 3.50 -3.75 -5.98
C VAL A 34 3.95 -2.30 -6.05
N GLU A 35 3.44 -1.58 -7.05
CA GLU A 35 3.80 -0.18 -7.23
C GLU A 35 2.57 0.72 -7.04
N VAL A 36 2.80 1.90 -6.49
CA VAL A 36 1.71 2.85 -6.25
C VAL A 36 2.18 4.28 -6.50
N GLN A 37 1.21 5.19 -6.62
CA GLN A 37 1.52 6.59 -6.87
C GLN A 37 1.47 7.40 -5.58
N TYR A 38 2.61 7.98 -5.22
CA TYR A 38 2.70 8.78 -3.99
C TYR A 38 2.47 10.26 -4.29
N ALA A 39 1.31 10.77 -3.89
CA ALA A 39 0.96 12.17 -4.10
C ALA A 39 0.70 12.88 -2.78
N GLY A 40 1.78 13.24 -2.09
CA GLY A 40 1.64 13.93 -0.81
C GLY A 40 2.68 15.02 -0.63
N THR A 41 3.76 14.69 0.08
CA THR A 41 4.83 15.65 0.33
C THR A 41 6.13 15.21 -0.33
N ASP A 42 6.01 14.59 -1.50
CA ASP A 42 7.18 14.13 -2.24
C ASP A 42 8.19 13.48 -1.30
N GLY A 43 7.69 12.72 -0.32
CA GLY A 43 8.56 12.06 0.63
C GLY A 43 9.54 13.01 1.28
N PRO A 44 10.48 12.46 2.06
CA PRO A 44 10.57 11.01 2.29
C PRO A 44 9.42 10.47 3.12
N CYS A 45 8.83 9.37 2.68
CA CYS A 45 7.72 8.76 3.41
C CYS A 45 7.77 7.24 3.29
N LYS A 46 7.19 6.56 4.28
CA LYS A 46 7.18 5.09 4.29
C LYS A 46 6.06 4.56 3.40
N VAL A 47 6.30 3.39 2.80
CA VAL A 47 5.33 2.77 1.91
C VAL A 47 4.82 1.46 2.50
N PRO A 48 3.71 1.54 3.24
CA PRO A 48 3.09 0.37 3.88
C PRO A 48 2.46 -0.57 2.85
N ALA A 49 2.60 -1.88 3.09
CA ALA A 49 2.05 -2.88 2.18
C ALA A 49 1.84 -4.21 2.90
N GLN A 50 0.76 -4.90 2.57
CA GLN A 50 0.45 -6.18 3.19
C GLN A 50 -0.77 -6.82 2.55
N MET A 51 -0.87 -8.13 2.64
CA MET A 51 -2.00 -8.86 2.07
C MET A 51 -2.99 -9.27 3.16
N ALA A 52 -4.18 -9.69 2.75
CA ALA A 52 -5.22 -10.10 3.69
C ALA A 52 -6.43 -10.66 2.96
N VAL A 53 -7.06 -11.67 3.55
CA VAL A 53 -8.24 -12.30 2.96
C VAL A 53 -9.52 -11.80 3.63
N ASP A 54 -9.44 -11.60 4.94
CA ASP A 54 -10.60 -11.13 5.70
C ASP A 54 -10.34 -9.74 6.28
N MET A 55 -11.41 -9.10 6.73
CA MET A 55 -11.29 -7.75 7.31
C MET A 55 -11.44 -7.81 8.82
N GLN A 56 -12.30 -8.69 9.30
CA GLN A 56 -12.53 -8.83 10.74
C GLN A 56 -11.25 -9.23 11.46
N THR A 57 -10.44 -10.06 10.81
CA THR A 57 -9.19 -10.52 11.39
C THR A 57 -7.99 -9.90 10.68
N LEU A 58 -8.02 -9.93 9.35
CA LEU A 58 -6.94 -9.38 8.54
C LEU A 58 -5.59 -9.95 8.97
N THR A 59 -5.59 -11.23 9.33
CA THR A 59 -4.37 -11.90 9.75
C THR A 59 -3.24 -11.70 8.74
N PRO A 60 -2.01 -11.58 9.24
CA PRO A 60 -0.83 -11.39 8.39
C PRO A 60 -0.50 -12.63 7.56
N VAL A 61 -0.43 -12.45 6.25
CA VAL A 61 -0.11 -13.55 5.34
C VAL A 61 1.22 -13.33 4.64
N GLY A 62 1.86 -14.42 4.23
CA GLY A 62 3.14 -14.32 3.55
C GLY A 62 4.22 -13.73 4.43
N ARG A 63 5.46 -13.76 3.95
CA ARG A 63 6.59 -13.22 4.70
C ARG A 63 7.14 -11.97 4.03
N LEU A 64 7.64 -11.05 4.84
CA LEU A 64 8.20 -9.80 4.33
C LEU A 64 9.64 -10.02 3.84
N ILE A 65 9.96 -9.42 2.70
CA ILE A 65 11.30 -9.54 2.13
C ILE A 65 12.07 -8.22 2.24
N THR A 66 11.36 -7.12 2.03
CA THR A 66 11.97 -5.80 2.10
C THR A 66 12.24 -5.40 3.56
N ALA A 67 13.13 -4.43 3.74
CA ALA A 67 13.47 -3.96 5.08
C ALA A 67 12.65 -2.72 5.44
N ASN A 68 12.76 -1.68 4.63
CA ASN A 68 12.02 -0.44 4.87
C ASN A 68 12.26 0.56 3.74
N PRO A 69 11.65 0.29 2.57
CA PRO A 69 11.78 1.15 1.40
C PRO A 69 11.06 2.48 1.57
N VAL A 70 11.81 3.57 1.48
CA VAL A 70 11.24 4.91 1.64
C VAL A 70 11.42 5.72 0.36
N ILE A 71 10.64 6.80 0.25
CA ILE A 71 10.72 7.66 -0.93
C ILE A 71 11.94 8.57 -0.87
N THR A 72 12.56 8.80 -2.02
CA THR A 72 13.74 9.65 -2.10
C THR A 72 13.58 10.73 -3.16
N GLU A 73 13.09 10.33 -4.33
CA GLU A 73 12.87 11.27 -5.43
C GLU A 73 12.04 12.46 -4.98
N SER A 74 12.07 13.53 -5.77
CA SER A 74 11.32 14.74 -5.44
C SER A 74 10.17 14.95 -6.43
N THR A 75 10.42 14.61 -7.69
CA THR A 75 9.41 14.76 -8.73
C THR A 75 8.11 14.08 -8.34
N GLU A 76 6.98 14.71 -8.67
CA GLU A 76 5.67 14.16 -8.35
C GLU A 76 5.49 12.79 -8.98
N ASN A 77 4.36 12.16 -8.67
CA ASN A 77 4.05 10.84 -9.21
C ASN A 77 5.20 9.87 -8.96
N SER A 78 5.69 9.85 -7.72
CA SER A 78 6.79 8.97 -7.34
C SER A 78 6.35 7.51 -7.34
N LYS A 79 7.24 6.63 -7.78
CA LYS A 79 6.94 5.20 -7.81
C LYS A 79 8.01 4.40 -7.09
N MET A 80 7.67 3.18 -6.68
CA MET A 80 8.60 2.31 -5.98
C MET A 80 8.11 0.87 -5.99
N MET A 81 9.06 -0.06 -6.17
CA MET A 81 8.72 -1.48 -6.20
C MET A 81 9.02 -2.14 -4.86
N LEU A 82 8.33 -3.24 -4.57
CA LEU A 82 8.52 -3.96 -3.32
C LEU A 82 8.65 -5.46 -3.57
N GLU A 83 9.07 -6.20 -2.55
CA GLU A 83 9.22 -7.64 -2.67
C GLU A 83 8.25 -8.37 -1.74
N LEU A 84 7.42 -9.23 -2.32
CA LEU A 84 6.44 -9.99 -1.55
C LEU A 84 6.43 -11.45 -1.97
N ASP A 85 6.51 -12.35 -1.00
CA ASP A 85 6.50 -13.79 -1.26
C ASP A 85 5.38 -14.47 -0.50
N PRO A 86 4.15 -14.27 -0.96
CA PRO A 86 2.96 -14.87 -0.32
C PRO A 86 2.90 -16.38 -0.53
N PRO A 87 2.00 -17.04 0.22
CA PRO A 87 1.82 -18.50 0.13
C PRO A 87 1.18 -18.93 -1.18
N PHE A 88 0.93 -20.22 -1.31
CA PHE A 88 0.32 -20.76 -2.53
C PHE A 88 -1.20 -20.66 -2.46
N GLY A 89 -1.74 -19.60 -3.07
CA GLY A 89 -3.18 -19.41 -3.07
C GLY A 89 -3.58 -18.05 -3.63
N ASP A 90 -4.79 -17.62 -3.30
CA ASP A 90 -5.29 -16.33 -3.78
C ASP A 90 -5.54 -15.38 -2.62
N SER A 91 -4.95 -14.20 -2.69
CA SER A 91 -5.11 -13.19 -1.64
C SER A 91 -5.36 -11.81 -2.23
N TYR A 92 -5.48 -10.82 -1.37
CA TYR A 92 -5.73 -9.45 -1.81
C TYR A 92 -4.62 -8.52 -1.35
N ILE A 93 -3.88 -7.97 -2.30
CA ILE A 93 -2.78 -7.06 -1.99
C ILE A 93 -3.31 -5.69 -1.58
N VAL A 94 -3.09 -5.34 -0.32
CA VAL A 94 -3.54 -4.04 0.20
C VAL A 94 -2.36 -3.10 0.41
N ILE A 95 -2.58 -1.82 0.16
CA ILE A 95 -1.55 -0.81 0.33
C ILE A 95 -1.99 0.28 1.30
N GLY A 96 -1.20 0.50 2.34
CA GLY A 96 -1.53 1.52 3.32
C GLY A 96 -2.88 1.28 3.98
N VAL A 97 -3.23 2.14 4.93
CA VAL A 97 -4.50 2.02 5.64
C VAL A 97 -5.27 3.34 5.60
N GLY A 98 -6.56 3.26 5.28
CA GLY A 98 -7.39 4.44 5.23
C GLY A 98 -8.78 4.16 4.68
N GLU A 99 -9.49 5.21 4.30
CA GLU A 99 -10.84 5.06 3.77
C GLU A 99 -10.81 4.76 2.27
N LYS A 100 -9.79 5.29 1.59
CA LYS A 100 -9.64 5.08 0.16
C LYS A 100 -8.73 3.90 -0.12
N LYS A 101 -8.80 2.87 0.73
CA LYS A 101 -7.99 1.68 0.57
C LYS A 101 -8.07 1.15 -0.86
N ILE A 102 -7.15 0.25 -1.20
CA ILE A 102 -7.12 -0.34 -2.53
C ILE A 102 -6.86 -1.84 -2.47
N THR A 103 -7.41 -2.57 -3.43
CA THR A 103 -7.24 -4.02 -3.48
C THR A 103 -7.05 -4.50 -4.91
N HIS A 104 -6.61 -5.74 -5.07
CA HIS A 104 -6.39 -6.32 -6.40
C HIS A 104 -6.42 -7.84 -6.34
N HIS A 105 -7.42 -8.43 -6.98
CA HIS A 105 -7.57 -9.88 -7.00
C HIS A 105 -6.30 -10.55 -7.53
N TRP A 106 -5.68 -11.39 -6.70
CA TRP A 106 -4.47 -12.09 -7.08
C TRP A 106 -4.65 -13.60 -6.99
N HIS A 107 -4.39 -14.29 -8.10
CA HIS A 107 -4.52 -15.75 -8.14
C HIS A 107 -3.17 -16.41 -8.39
N ARG A 108 -2.92 -17.50 -7.69
CA ARG A 108 -1.67 -18.24 -7.84
C ARG A 108 -1.92 -19.69 -8.21
N SER A 109 -1.74 -20.01 -9.49
CA SER A 109 -1.95 -21.36 -9.98
C SER A 109 -0.73 -22.23 -9.72
N GLY A 110 -0.51 -22.58 -8.46
CA GLY A 110 0.62 -23.40 -8.09
C GLY A 110 0.20 -24.78 -7.62
N SER A 111 0.99 -25.79 -7.99
CA SER A 111 0.69 -27.17 -7.61
C SER A 111 1.01 -27.40 -6.14
N THR A 112 0.17 -28.20 -5.48
CA THR A 112 0.36 -28.51 -4.07
C THR A 112 0.41 -30.02 -3.84
N ILE A 113 -0.41 -30.75 -4.58
CA ILE A 113 -0.47 -32.20 -4.45
C ILE A 113 0.33 -32.87 -5.57
N GLY A 114 1.06 -33.93 -5.20
CA GLY A 114 1.86 -34.65 -6.18
C GLY A 114 1.08 -35.76 -6.85
N LYS A 115 0.30 -36.50 -6.07
CA LYS A 115 -0.49 -37.60 -6.60
C LYS A 115 -1.69 -37.88 -5.71
#